data_1YSE
#
_entry.id   1YSE
#
_entity_poly.entity_id   1
_entity_poly.type   'polypeptide(L)'
_entity_poly.pdbx_seq_one_letter_code
;GSHVSRSMNKPLEQQVSTNTEVSSEIYQWVRDELKRAGISQAVFARVAFNRTQGLLSEILRKEEDPKTASQSLLVNLRAM
QNFLQLPEAERDRIYQDERERSLNAASAMGPAPLISTPPSRPPQVKTATIATERNGKPENN
;
_entity_poly.pdbx_strand_id   A
#
# COMPACT_ATOMS: atom_id res chain seq x y z
N ASN A 19 17.86 -9.88 -4.13
CA ASN A 19 18.85 -9.32 -3.18
C ASN A 19 18.38 -7.98 -2.62
N THR A 20 18.22 -7.00 -3.51
CA THR A 20 17.77 -5.67 -3.11
C THR A 20 16.90 -5.03 -4.18
N GLU A 21 16.17 -5.87 -4.92
CA GLU A 21 15.30 -5.39 -5.98
C GLU A 21 13.83 -5.66 -5.64
N VAL A 22 12.94 -5.20 -6.51
CA VAL A 22 11.51 -5.39 -6.30
C VAL A 22 11.07 -6.80 -6.68
N SER A 23 10.89 -7.65 -5.67
CA SER A 23 10.48 -9.03 -5.91
C SER A 23 8.98 -9.20 -5.68
N SER A 24 8.49 -10.41 -5.87
CA SER A 24 7.08 -10.72 -5.67
C SER A 24 6.67 -10.52 -4.22
N GLU A 25 7.64 -10.51 -3.32
CA GLU A 25 7.38 -10.33 -1.89
C GLU A 25 6.51 -9.10 -1.64
N ILE A 26 6.61 -8.12 -2.54
CA ILE A 26 5.84 -6.89 -2.42
C ILE A 26 4.34 -7.18 -2.36
N TYR A 27 3.88 -8.08 -3.22
CA TYR A 27 2.47 -8.45 -3.25
C TYR A 27 2.10 -9.29 -2.03
N GLN A 28 3.00 -10.16 -1.63
CA GLN A 28 2.77 -11.02 -0.47
C GLN A 28 2.73 -10.22 0.81
N TRP A 29 3.52 -9.15 0.85
CA TRP A 29 3.58 -8.28 2.03
C TRP A 29 2.24 -7.59 2.26
N VAL A 30 1.65 -7.08 1.18
CA VAL A 30 0.37 -6.39 1.26
C VAL A 30 -0.70 -7.30 1.84
N ARG A 31 -0.70 -8.56 1.44
CA ARG A 31 -1.68 -9.53 1.92
C ARG A 31 -1.44 -9.84 3.39
N ASP A 32 -0.18 -9.90 3.78
CA ASP A 32 0.19 -10.19 5.17
C ASP A 32 -0.08 -8.98 6.06
N GLU A 33 0.23 -7.79 5.55
CA GLU A 33 0.02 -6.56 6.30
C GLU A 33 -1.46 -6.29 6.50
N LEU A 34 -2.26 -6.62 5.49
CA LEU A 34 -3.71 -6.41 5.57
C LEU A 34 -4.35 -7.38 6.55
N LYS A 35 -3.85 -8.62 6.57
CA LYS A 35 -4.37 -9.65 7.46
C LYS A 35 -3.87 -9.44 8.88
N ARG A 36 -2.65 -8.92 8.99
CA ARG A 36 -2.04 -8.67 10.30
C ARG A 36 -2.63 -7.43 10.95
N ALA A 37 -2.60 -6.32 10.22
CA ALA A 37 -3.13 -5.05 10.73
C ALA A 37 -4.65 -5.13 10.89
N GLY A 38 -5.32 -5.64 9.86
CA GLY A 38 -6.77 -5.74 9.91
C GLY A 38 -7.47 -4.45 9.55
N ILE A 39 -7.23 -3.97 8.32
CA ILE A 39 -7.84 -2.74 7.85
C ILE A 39 -8.40 -2.90 6.45
N SER A 40 -9.21 -1.94 6.02
CA SER A 40 -9.82 -1.97 4.70
C SER A 40 -8.80 -1.61 3.62
N GLN A 41 -9.06 -2.04 2.40
CA GLN A 41 -8.16 -1.75 1.28
C GLN A 41 -8.11 -0.26 1.00
N ALA A 42 -9.21 0.44 1.27
CA ALA A 42 -9.29 1.88 1.05
C ALA A 42 -8.26 2.62 1.89
N VAL A 43 -8.02 2.12 3.10
CA VAL A 43 -7.06 2.73 4.01
C VAL A 43 -5.63 2.42 3.58
N PHE A 44 -5.31 1.14 3.48
CA PHE A 44 -3.97 0.72 3.07
C PHE A 44 -3.61 1.26 1.70
N ALA A 45 -4.62 1.45 0.86
CA ALA A 45 -4.40 1.97 -0.48
C ALA A 45 -4.16 3.49 -0.46
N ARG A 46 -4.76 4.16 0.52
CA ARG A 46 -4.61 5.60 0.65
C ARG A 46 -3.30 5.95 1.36
N VAL A 47 -2.86 5.07 2.25
CA VAL A 47 -1.62 5.29 2.99
C VAL A 47 -0.42 4.73 2.22
N ALA A 48 -0.66 3.73 1.40
CA ALA A 48 0.41 3.10 0.62
C ALA A 48 0.73 3.93 -0.62
N PHE A 49 -0.31 4.23 -1.40
CA PHE A 49 -0.13 5.03 -2.62
C PHE A 49 -1.42 5.76 -2.98
N ASN A 50 -1.59 6.97 -2.46
CA ASN A 50 -2.78 7.76 -2.73
C ASN A 50 -2.91 8.05 -4.22
N ARG A 51 -4.02 7.61 -4.80
CA ARG A 51 -4.28 7.82 -6.22
C ARG A 51 -5.75 7.64 -6.54
N THR A 52 -6.21 6.39 -6.52
CA THR A 52 -7.61 6.09 -6.81
C THR A 52 -7.97 4.67 -6.33
N GLN A 53 -9.07 4.57 -5.59
CA GLN A 53 -9.52 3.28 -5.08
C GLN A 53 -9.88 2.34 -6.22
N GLY A 54 -9.74 1.04 -5.98
CA GLY A 54 -10.07 0.07 -7.00
C GLY A 54 -8.84 -0.39 -7.78
N LEU A 55 -7.84 0.48 -7.87
CA LEU A 55 -6.62 0.17 -8.59
C LEU A 55 -5.85 -0.94 -7.89
N LEU A 56 -5.82 -0.87 -6.56
CA LEU A 56 -5.11 -1.88 -5.77
C LEU A 56 -5.65 -3.28 -6.04
N SER A 57 -6.93 -3.36 -6.39
CA SER A 57 -7.56 -4.64 -6.68
C SER A 57 -7.02 -5.24 -7.97
N GLU A 58 -6.87 -4.40 -8.98
CA GLU A 58 -6.36 -4.85 -10.28
C GLU A 58 -4.88 -5.22 -10.18
N ILE A 59 -4.13 -4.45 -9.39
CA ILE A 59 -2.71 -4.71 -9.20
C ILE A 59 -2.46 -5.98 -8.42
N LEU A 60 -3.36 -6.28 -7.48
CA LEU A 60 -3.25 -7.47 -6.66
C LEU A 60 -3.78 -8.70 -7.40
N ARG A 61 -4.78 -8.48 -8.24
CA ARG A 61 -5.38 -9.57 -9.01
C ARG A 61 -4.39 -10.14 -10.01
N LYS A 62 -3.74 -9.26 -10.78
CA LYS A 62 -2.76 -9.67 -11.77
C LYS A 62 -1.52 -10.27 -11.10
N GLU A 63 -1.01 -9.57 -10.10
CA GLU A 63 0.17 -10.02 -9.38
C GLU A 63 1.38 -10.14 -10.32
N GLU A 64 1.39 -9.29 -11.34
CA GLU A 64 2.49 -9.29 -12.31
C GLU A 64 3.79 -8.85 -11.66
N ASP A 65 4.88 -9.54 -11.97
CA ASP A 65 6.18 -9.21 -11.41
C ASP A 65 6.75 -7.96 -12.06
N PRO A 66 7.47 -7.12 -11.30
CA PRO A 66 8.07 -5.89 -11.81
C PRO A 66 8.92 -6.14 -13.06
N LYS A 67 9.47 -7.35 -13.16
CA LYS A 67 10.30 -7.71 -14.30
C LYS A 67 9.54 -7.55 -15.61
N THR A 68 8.25 -7.91 -15.59
CA THR A 68 7.41 -7.81 -16.77
C THR A 68 6.23 -6.88 -16.53
N ALA A 69 6.42 -5.89 -15.67
CA ALA A 69 5.37 -4.94 -15.35
C ALA A 69 5.55 -3.63 -16.11
N SER A 70 4.51 -2.80 -16.11
CA SER A 70 4.56 -1.52 -16.80
C SER A 70 5.20 -0.44 -15.92
N GLN A 71 5.39 0.74 -16.49
CA GLN A 71 5.99 1.86 -15.76
C GLN A 71 5.12 2.26 -14.57
N SER A 72 3.83 2.48 -14.83
CA SER A 72 2.90 2.87 -13.78
C SER A 72 2.84 1.81 -12.69
N LEU A 73 3.05 0.56 -13.07
CA LEU A 73 3.02 -0.55 -12.12
C LEU A 73 4.23 -0.51 -11.21
N LEU A 74 5.40 -0.27 -11.80
CA LEU A 74 6.65 -0.22 -11.04
C LEU A 74 6.59 0.88 -9.97
N VAL A 75 5.95 1.99 -10.31
CA VAL A 75 5.81 3.10 -9.38
C VAL A 75 4.89 2.76 -8.22
N ASN A 76 3.89 1.93 -8.49
CA ASN A 76 2.93 1.52 -7.47
C ASN A 76 3.61 0.66 -6.41
N LEU A 77 4.37 -0.34 -6.86
CA LEU A 77 5.06 -1.24 -5.95
C LEU A 77 6.17 -0.50 -5.21
N ARG A 78 6.78 0.47 -5.87
CA ARG A 78 7.86 1.25 -5.27
C ARG A 78 7.37 1.98 -4.02
N ALA A 79 6.19 2.58 -4.11
CA ALA A 79 5.62 3.31 -2.99
C ALA A 79 5.17 2.35 -1.89
N MET A 80 4.59 1.23 -2.28
CA MET A 80 4.13 0.23 -1.32
C MET A 80 5.29 -0.34 -0.52
N GLN A 81 6.45 -0.41 -1.15
CA GLN A 81 7.65 -0.94 -0.50
C GLN A 81 8.15 0.01 0.58
N ASN A 82 8.23 1.29 0.24
CA ASN A 82 8.70 2.31 1.18
C ASN A 82 7.80 2.36 2.41
N PHE A 83 6.51 2.15 2.20
CA PHE A 83 5.54 2.18 3.29
C PHE A 83 5.73 0.97 4.22
N LEU A 84 6.04 -0.18 3.62
CA LEU A 84 6.25 -1.40 4.39
C LEU A 84 7.58 -1.36 5.12
N GLN A 85 8.56 -0.69 4.52
CA GLN A 85 9.88 -0.58 5.12
C GLN A 85 9.87 0.37 6.31
N LEU A 86 8.96 1.34 6.28
CA LEU A 86 8.85 2.32 7.37
C LEU A 86 8.55 1.62 8.69
N PRO A 87 8.83 2.30 9.81
CA PRO A 87 8.59 1.75 11.16
C PRO A 87 7.11 1.60 11.46
N GLU A 88 6.78 0.63 12.32
CA GLU A 88 5.39 0.37 12.69
C GLU A 88 4.81 1.57 13.45
N ALA A 89 5.66 2.28 14.17
CA ALA A 89 5.23 3.44 14.93
C ALA A 89 4.61 4.50 14.02
N GLU A 90 5.18 4.67 12.84
CA GLU A 90 4.68 5.64 11.88
C GLU A 90 3.34 5.18 11.28
N ARG A 91 3.30 3.92 10.84
CA ARG A 91 2.10 3.36 10.25
C ARG A 91 0.94 3.40 11.24
N ASP A 92 1.25 3.23 12.52
CA ASP A 92 0.23 3.25 13.57
C ASP A 92 -0.42 4.62 13.66
N ARG A 93 0.39 5.67 13.55
CA ARG A 93 -0.11 7.03 13.62
C ARG A 93 -0.97 7.37 12.40
N ILE A 94 -0.60 6.80 11.25
CA ILE A 94 -1.33 7.03 10.02
C ILE A 94 -2.62 6.23 9.98
N TYR A 95 -2.55 4.98 10.45
CA TYR A 95 -3.72 4.11 10.46
C TYR A 95 -4.78 4.63 11.43
N GLN A 96 -4.32 5.21 12.53
CA GLN A 96 -5.23 5.76 13.54
C GLN A 96 -5.86 7.06 13.06
N ASP A 97 -5.02 8.06 12.80
CA ASP A 97 -5.50 9.35 12.34
C ASP A 97 -6.27 9.21 11.03
N GLU A 98 -7.58 9.30 11.10
CA GLU A 98 -8.43 9.19 9.92
C GLU A 98 -9.44 10.33 9.86
N ARG A 99 -10.10 10.58 10.99
CA ARG A 99 -11.09 11.65 11.07
C ARG A 99 -10.45 12.97 11.49
N GLU A 100 -9.56 13.48 10.66
CA GLU A 100 -8.87 14.74 10.94
C GLU A 100 -9.87 15.88 11.12
N ARG A 101 -10.90 15.90 10.28
CA ARG A 101 -11.92 16.93 10.35
C ARG A 101 -13.07 16.51 11.27
N SER A 102 -12.72 16.11 12.50
CA SER A 102 -13.72 15.67 13.47
C SER A 102 -14.71 16.79 13.76
N LEU A 103 -15.92 16.64 13.22
CA LEU A 103 -16.98 17.64 13.42
C LEU A 103 -17.47 17.62 14.86
N ASN A 104 -18.29 18.61 15.21
CA ASN A 104 -18.84 18.72 16.56
C ASN A 104 -20.36 18.74 16.52
N ALA A 105 -20.98 18.17 17.56
CA ALA A 105 -22.44 18.13 17.65
C ALA A 105 -22.98 19.37 18.37
N ALA A 106 -23.77 20.15 17.66
CA ALA A 106 -24.36 21.37 18.23
C ALA A 106 -25.35 21.03 19.33
N ASN A 19 14.27 -1.10 -3.03
CA ASN A 19 15.71 -0.73 -3.16
C ASN A 19 16.12 -0.59 -4.63
N THR A 20 15.73 -1.55 -5.44
CA THR A 20 16.05 -1.52 -6.87
C THR A 20 14.99 -2.24 -7.70
N GLU A 21 14.70 -3.48 -7.31
CA GLU A 21 13.70 -4.28 -8.02
C GLU A 21 12.68 -4.85 -7.05
N VAL A 22 11.41 -4.52 -7.26
CA VAL A 22 10.33 -5.01 -6.41
C VAL A 22 10.07 -6.49 -6.63
N SER A 23 10.29 -7.30 -5.59
CA SER A 23 10.08 -8.73 -5.68
C SER A 23 8.64 -9.09 -5.38
N SER A 24 8.29 -10.36 -5.57
CA SER A 24 6.94 -10.84 -5.33
C SER A 24 6.56 -10.67 -3.85
N GLU A 25 7.56 -10.61 -2.99
CA GLU A 25 7.33 -10.46 -1.55
C GLU A 25 6.45 -9.24 -1.26
N ILE A 26 6.51 -8.25 -2.16
CA ILE A 26 5.71 -7.04 -2.00
C ILE A 26 4.22 -7.36 -1.92
N TYR A 27 3.79 -8.35 -2.70
CA TYR A 27 2.39 -8.76 -2.72
C TYR A 27 2.05 -9.57 -1.48
N GLN A 28 2.95 -10.48 -1.11
CA GLN A 28 2.74 -11.32 0.07
C GLN A 28 2.68 -10.48 1.34
N TRP A 29 3.42 -9.38 1.34
CA TRP A 29 3.46 -8.49 2.50
C TRP A 29 2.14 -7.73 2.65
N VAL A 30 1.61 -7.24 1.54
CA VAL A 30 0.36 -6.50 1.56
C VAL A 30 -0.78 -7.36 2.09
N ARG A 31 -0.72 -8.66 1.81
CA ARG A 31 -1.74 -9.59 2.26
C ARG A 31 -1.58 -9.91 3.74
N ASP A 32 -0.34 -10.19 4.15
CA ASP A 32 -0.05 -10.50 5.54
C ASP A 32 -0.27 -9.30 6.44
N GLU A 33 0.13 -8.12 5.95
CA GLU A 33 -0.02 -6.89 6.71
C GLU A 33 -1.49 -6.50 6.83
N LEU A 34 -2.27 -6.84 5.81
CA LEU A 34 -3.70 -6.53 5.80
C LEU A 34 -4.46 -7.39 6.81
N LYS A 35 -3.97 -8.62 7.01
CA LYS A 35 -4.59 -9.54 7.95
C LYS A 35 -4.00 -9.39 9.34
N ARG A 36 -2.72 -9.02 9.40
CA ARG A 36 -2.03 -8.86 10.67
C ARG A 36 -2.36 -7.50 11.28
N ALA A 37 -2.58 -6.50 10.43
CA ALA A 37 -2.90 -5.16 10.89
C ALA A 37 -4.37 -5.05 11.26
N GLY A 38 -5.25 -5.43 10.33
CA GLY A 38 -6.67 -5.36 10.58
C GLY A 38 -7.29 -4.08 10.08
N ILE A 39 -7.16 -3.81 8.79
CA ILE A 39 -7.71 -2.60 8.19
C ILE A 39 -8.32 -2.89 6.83
N SER A 40 -8.86 -1.85 6.19
CA SER A 40 -9.48 -1.99 4.89
C SER A 40 -8.47 -1.69 3.78
N GLN A 41 -8.65 -2.34 2.62
CA GLN A 41 -7.76 -2.14 1.49
C GLN A 41 -7.73 -0.68 1.07
N ALA A 42 -8.84 0.03 1.30
CA ALA A 42 -8.94 1.44 0.94
C ALA A 42 -7.88 2.26 1.66
N VAL A 43 -7.77 2.06 2.98
CA VAL A 43 -6.80 2.79 3.77
C VAL A 43 -5.37 2.39 3.40
N PHE A 44 -5.11 1.10 3.36
CA PHE A 44 -3.78 0.60 3.01
C PHE A 44 -3.35 1.09 1.63
N ALA A 45 -4.33 1.28 0.75
CA ALA A 45 -4.05 1.76 -0.60
C ALA A 45 -3.90 3.28 -0.63
N ARG A 46 -4.59 3.97 0.27
CA ARG A 46 -4.54 5.42 0.34
C ARG A 46 -3.28 5.87 1.10
N VAL A 47 -2.85 5.06 2.05
CA VAL A 47 -1.66 5.38 2.85
C VAL A 47 -0.39 4.91 2.15
N ALA A 48 -0.51 3.84 1.38
CA ALA A 48 0.65 3.29 0.66
C ALA A 48 0.93 4.09 -0.60
N PHE A 49 -0.12 4.44 -1.33
CA PHE A 49 0.01 5.21 -2.56
C PHE A 49 -1.33 5.75 -3.02
N ASN A 50 -1.50 7.06 -2.96
CA ASN A 50 -2.75 7.70 -3.36
C ASN A 50 -3.07 7.39 -4.82
N ARG A 51 -4.26 6.84 -5.05
CA ARG A 51 -4.69 6.49 -6.40
C ARG A 51 -6.21 6.35 -6.48
N THR A 52 -6.71 5.98 -7.65
CA THR A 52 -8.14 5.81 -7.84
C THR A 52 -8.59 4.41 -7.41
N GLN A 53 -9.78 4.32 -6.85
CA GLN A 53 -10.32 3.04 -6.39
C GLN A 53 -10.39 2.05 -7.53
N GLY A 54 -10.04 0.79 -7.24
CA GLY A 54 -10.08 -0.24 -8.26
C GLY A 54 -8.70 -0.62 -8.75
N LEU A 55 -7.76 0.34 -8.69
CA LEU A 55 -6.40 0.10 -9.13
C LEU A 55 -5.72 -0.97 -8.28
N LEU A 56 -5.70 -0.75 -6.97
CA LEU A 56 -5.08 -1.70 -6.05
C LEU A 56 -5.74 -3.06 -6.15
N SER A 57 -7.03 -3.07 -6.43
CA SER A 57 -7.78 -4.32 -6.55
C SER A 57 -7.35 -5.09 -7.79
N GLU A 58 -6.93 -4.37 -8.83
CA GLU A 58 -6.50 -4.98 -10.07
C GLU A 58 -5.04 -5.43 -9.98
N ILE A 59 -4.22 -4.60 -9.33
CA ILE A 59 -2.80 -4.91 -9.17
C ILE A 59 -2.60 -6.15 -8.30
N LEU A 60 -3.48 -6.31 -7.31
CA LEU A 60 -3.41 -7.45 -6.41
C LEU A 60 -3.98 -8.71 -7.06
N ARG A 61 -4.96 -8.51 -7.93
CA ARG A 61 -5.60 -9.63 -8.62
C ARG A 61 -4.67 -10.21 -9.69
N LYS A 62 -4.03 -9.33 -10.45
CA LYS A 62 -3.11 -9.76 -11.50
C LYS A 62 -1.96 -10.57 -10.92
N GLU A 63 -1.33 -10.05 -9.87
CA GLU A 63 -0.22 -10.72 -9.22
C GLU A 63 0.93 -10.93 -10.20
N GLU A 64 1.08 -10.01 -11.15
CA GLU A 64 2.14 -10.10 -12.14
C GLU A 64 3.43 -9.48 -11.61
N ASP A 65 4.56 -9.98 -12.10
CA ASP A 65 5.86 -9.48 -11.67
C ASP A 65 6.15 -8.12 -12.30
N PRO A 66 6.82 -7.23 -11.55
CA PRO A 66 7.16 -5.88 -12.04
C PRO A 66 8.31 -5.90 -13.05
N LYS A 67 8.90 -7.07 -13.27
CA LYS A 67 10.01 -7.21 -14.21
C LYS A 67 9.61 -6.72 -15.59
N THR A 68 8.44 -7.13 -16.06
CA THR A 68 7.94 -6.73 -17.37
C THR A 68 6.78 -5.77 -17.24
N ALA A 69 6.78 -4.96 -16.19
CA ALA A 69 5.72 -3.99 -15.96
C ALA A 69 6.15 -2.60 -16.39
N SER A 70 5.17 -1.70 -16.53
CA SER A 70 5.45 -0.34 -16.94
C SER A 70 5.97 0.50 -15.78
N GLN A 71 6.37 1.73 -16.06
CA GLN A 71 6.90 2.62 -15.04
C GLN A 71 5.81 2.96 -14.01
N SER A 72 4.59 3.17 -14.49
CA SER A 72 3.47 3.49 -13.62
C SER A 72 3.26 2.40 -12.58
N LEU A 73 3.37 1.15 -13.00
CA LEU A 73 3.19 0.02 -12.10
C LEU A 73 4.33 -0.06 -11.08
N LEU A 74 5.51 0.38 -11.50
CA LEU A 74 6.69 0.37 -10.63
C LEU A 74 6.56 1.42 -9.53
N VAL A 75 6.13 2.62 -9.92
CA VAL A 75 5.97 3.70 -8.96
C VAL A 75 4.97 3.34 -7.87
N ASN A 76 3.85 2.73 -8.28
CA ASN A 76 2.82 2.32 -7.33
C ASN A 76 3.32 1.19 -6.43
N LEU A 77 3.97 0.21 -7.04
CA LEU A 77 4.51 -0.93 -6.29
C LEU A 77 5.64 -0.50 -5.36
N ARG A 78 6.48 0.41 -5.85
CA ARG A 78 7.60 0.90 -5.07
C ARG A 78 7.12 1.58 -3.79
N ALA A 79 6.04 2.35 -3.92
CA ALA A 79 5.48 3.06 -2.77
C ALA A 79 5.04 2.09 -1.69
N MET A 80 4.45 0.98 -2.10
CA MET A 80 3.98 -0.04 -1.17
C MET A 80 5.13 -0.58 -0.34
N GLN A 81 6.29 -0.73 -0.97
CA GLN A 81 7.48 -1.24 -0.28
C GLN A 81 8.02 -0.21 0.71
N ASN A 82 7.97 1.06 0.31
CA ASN A 82 8.46 2.14 1.16
C ASN A 82 7.63 2.25 2.43
N PHE A 83 6.31 2.14 2.29
CA PHE A 83 5.40 2.22 3.42
C PHE A 83 5.66 1.10 4.41
N LEU A 84 5.79 -0.13 3.89
CA LEU A 84 6.05 -1.29 4.74
C LEU A 84 7.41 -1.19 5.40
N GLN A 85 8.35 -0.52 4.74
CA GLN A 85 9.70 -0.34 5.28
C GLN A 85 9.69 0.59 6.48
N LEU A 86 8.75 1.54 6.49
CA LEU A 86 8.64 2.49 7.58
C LEU A 86 8.44 1.78 8.91
N PRO A 87 8.95 2.36 10.01
CA PRO A 87 8.83 1.78 11.35
C PRO A 87 7.38 1.44 11.70
N GLU A 88 7.20 0.54 12.66
CA GLU A 88 5.86 0.15 13.09
C GLU A 88 5.12 1.32 13.73
N ALA A 89 5.87 2.21 14.37
CA ALA A 89 5.30 3.37 15.02
C ALA A 89 4.73 4.35 14.00
N GLU A 90 5.40 4.45 12.86
CA GLU A 90 4.96 5.35 11.79
C GLU A 90 3.75 4.79 11.06
N ARG A 91 3.76 3.48 10.84
CA ARG A 91 2.67 2.82 10.14
C ARG A 91 1.36 3.00 10.89
N ASP A 92 1.40 2.89 12.22
CA ASP A 92 0.22 3.04 13.04
C ASP A 92 -0.28 4.48 13.01
N ARG A 93 0.66 5.43 12.96
CA ARG A 93 0.32 6.85 12.93
C ARG A 93 -0.41 7.20 11.63
N ILE A 94 0.08 6.66 10.52
CA ILE A 94 -0.52 6.91 9.21
C ILE A 94 -1.84 6.15 9.06
N TYR A 95 -1.94 5.00 9.71
CA TYR A 95 -3.14 4.18 9.63
C TYR A 95 -4.31 4.86 10.35
N GLN A 96 -4.04 5.35 11.56
CA GLN A 96 -5.07 6.02 12.35
C GLN A 96 -5.33 7.43 11.82
N ASP A 97 -4.27 8.14 11.48
CA ASP A 97 -4.39 9.50 10.95
C ASP A 97 -4.63 9.48 9.45
N GLU A 98 -5.68 10.17 9.02
CA GLU A 98 -6.02 10.24 7.61
C GLU A 98 -6.76 11.54 7.28
N ARG A 99 -7.74 11.87 8.11
CA ARG A 99 -8.52 13.09 7.92
C ARG A 99 -8.00 14.23 8.79
N GLU A 100 -7.40 13.87 9.93
CA GLU A 100 -6.86 14.86 10.85
C GLU A 100 -5.48 15.34 10.40
N ARG A 101 -4.98 14.80 9.29
CA ARG A 101 -3.68 15.18 8.78
C ARG A 101 -3.62 16.68 8.48
N SER A 102 -4.77 17.26 8.15
CA SER A 102 -4.85 18.69 7.85
C SER A 102 -4.38 19.52 9.04
N LEU A 103 -3.27 20.23 8.86
CA LEU A 103 -2.72 21.07 9.93
C LEU A 103 -2.78 22.54 9.54
N ASN A 104 -2.03 22.90 8.51
CA ASN A 104 -2.00 24.28 8.04
C ASN A 104 -2.44 24.38 6.58
N ALA A 105 -2.98 25.53 6.21
CA ALA A 105 -3.45 25.74 4.84
C ALA A 105 -2.43 26.51 4.02
N ALA A 106 -1.73 27.44 4.67
CA ALA A 106 -0.72 28.25 4.00
C ALA A 106 0.64 27.57 4.05
N ASN A 19 18.93 0.13 -4.69
CA ASN A 19 19.67 -1.02 -5.28
C ASN A 19 18.84 -2.29 -5.23
N THR A 20 17.98 -2.39 -4.22
CA THR A 20 17.12 -3.56 -4.06
C THR A 20 16.22 -3.75 -5.28
N GLU A 21 15.60 -4.92 -5.36
CA GLU A 21 14.71 -5.23 -6.48
C GLU A 21 13.28 -5.49 -6.00
N VAL A 22 12.34 -5.46 -6.92
CA VAL A 22 10.93 -5.69 -6.58
C VAL A 22 10.54 -7.15 -6.81
N SER A 23 10.53 -7.92 -5.74
CA SER A 23 10.17 -9.34 -5.83
C SER A 23 8.69 -9.55 -5.52
N SER A 24 8.26 -10.80 -5.54
CA SER A 24 6.87 -11.15 -5.26
C SER A 24 6.53 -10.89 -3.80
N GLU A 25 7.54 -10.81 -2.94
CA GLU A 25 7.35 -10.58 -1.52
C GLU A 25 6.51 -9.32 -1.28
N ILE A 26 6.58 -8.38 -2.22
CA ILE A 26 5.83 -7.13 -2.10
C ILE A 26 4.33 -7.41 -2.00
N TYR A 27 3.86 -8.39 -2.78
CA TYR A 27 2.44 -8.74 -2.78
C TYR A 27 2.08 -9.56 -1.53
N GLN A 28 3.02 -10.38 -1.08
CA GLN A 28 2.81 -11.22 0.09
C GLN A 28 2.84 -10.38 1.37
N TRP A 29 3.63 -9.30 1.35
CA TRP A 29 3.75 -8.42 2.51
C TRP A 29 2.45 -7.67 2.75
N VAL A 30 1.88 -7.11 1.68
CA VAL A 30 0.63 -6.36 1.77
C VAL A 30 -0.49 -7.24 2.33
N ARG A 31 -0.54 -8.49 1.90
CA ARG A 31 -1.55 -9.43 2.34
C ARG A 31 -1.36 -9.77 3.81
N ASP A 32 -0.11 -9.94 4.22
CA ASP A 32 0.21 -10.27 5.60
C ASP A 32 0.02 -9.07 6.52
N GLU A 33 0.29 -7.88 5.98
CA GLU A 33 0.15 -6.64 6.75
C GLU A 33 -1.31 -6.33 7.02
N LEU A 34 -2.13 -6.40 5.97
CA LEU A 34 -3.56 -6.12 6.09
C LEU A 34 -4.22 -7.08 7.07
N LYS A 35 -3.73 -8.32 7.10
CA LYS A 35 -4.28 -9.34 8.00
C LYS A 35 -3.93 -9.03 9.44
N ARG A 36 -2.78 -8.40 9.66
CA ARG A 36 -2.33 -8.05 10.99
C ARG A 36 -2.99 -6.76 11.46
N ALA A 37 -3.04 -5.77 10.59
CA ALA A 37 -3.65 -4.48 10.91
C ALA A 37 -5.16 -4.62 11.08
N GLY A 38 -5.82 -5.15 10.05
CA GLY A 38 -7.25 -5.32 10.11
C GLY A 38 -8.00 -4.14 9.53
N ILE A 39 -7.40 -3.48 8.55
CA ILE A 39 -8.02 -2.32 7.91
C ILE A 39 -8.46 -2.65 6.49
N SER A 40 -9.31 -1.80 5.93
CA SER A 40 -9.82 -1.99 4.57
C SER A 40 -8.73 -1.69 3.55
N GLN A 41 -8.82 -2.33 2.39
CA GLN A 41 -7.85 -2.13 1.32
C GLN A 41 -7.82 -0.67 0.88
N ALA A 42 -8.97 -0.01 0.98
CA ALA A 42 -9.07 1.40 0.58
C ALA A 42 -8.16 2.28 1.43
N VAL A 43 -8.16 2.04 2.74
CA VAL A 43 -7.33 2.80 3.65
C VAL A 43 -5.85 2.59 3.37
N PHE A 44 -5.44 1.33 3.29
CA PHE A 44 -4.05 0.99 3.03
C PHE A 44 -3.62 1.51 1.66
N ALA A 45 -4.56 1.56 0.73
CA ALA A 45 -4.28 2.03 -0.62
C ALA A 45 -4.13 3.56 -0.65
N ARG A 46 -4.86 4.23 0.22
CA ARG A 46 -4.81 5.69 0.31
C ARG A 46 -3.48 6.15 0.92
N VAL A 47 -3.06 5.47 1.97
CA VAL A 47 -1.81 5.80 2.65
C VAL A 47 -0.60 5.30 1.87
N ALA A 48 -0.77 4.15 1.22
CA ALA A 48 0.31 3.56 0.44
C ALA A 48 0.63 4.41 -0.79
N PHE A 49 -0.26 4.39 -1.77
CA PHE A 49 -0.07 5.16 -2.99
C PHE A 49 -1.33 5.95 -3.35
N ASN A 50 -1.22 7.27 -3.30
CA ASN A 50 -2.35 8.14 -3.61
C ASN A 50 -2.57 8.21 -5.12
N ARG A 51 -3.39 7.29 -5.63
CA ARG A 51 -3.70 7.26 -7.05
C ARG A 51 -5.14 6.83 -7.29
N THR A 52 -5.41 5.54 -7.11
CA THR A 52 -6.75 5.00 -7.30
C THR A 52 -7.01 3.82 -6.36
N GLN A 53 -8.26 3.39 -6.32
CA GLN A 53 -8.64 2.26 -5.47
C GLN A 53 -8.74 0.97 -6.27
N GLY A 54 -9.15 1.09 -7.53
CA GLY A 54 -9.28 -0.08 -8.38
C GLY A 54 -7.93 -0.66 -8.78
N LEU A 55 -6.91 0.18 -8.81
CA LEU A 55 -5.58 -0.25 -9.18
C LEU A 55 -5.06 -1.30 -8.21
N LEU A 56 -5.22 -1.05 -6.92
CA LEU A 56 -4.78 -1.97 -5.89
C LEU A 56 -5.39 -3.35 -6.08
N SER A 57 -6.61 -3.38 -6.60
CA SER A 57 -7.32 -4.63 -6.83
C SER A 57 -6.84 -5.30 -8.12
N GLU A 58 -6.40 -4.49 -9.08
CA GLU A 58 -5.91 -5.00 -10.35
C GLU A 58 -4.50 -5.59 -10.20
N ILE A 59 -3.73 -5.03 -9.28
CA ILE A 59 -2.37 -5.51 -9.05
C ILE A 59 -2.37 -6.84 -8.30
N LEU A 60 -3.20 -6.93 -7.27
CA LEU A 60 -3.31 -8.15 -6.47
C LEU A 60 -4.01 -9.25 -7.25
N ARG A 61 -5.11 -8.89 -7.90
CA ARG A 61 -5.88 -9.86 -8.69
C ARG A 61 -5.04 -10.42 -9.83
N LYS A 62 -4.13 -9.61 -10.35
CA LYS A 62 -3.26 -10.04 -11.44
C LYS A 62 -2.08 -10.85 -10.93
N GLU A 63 -1.47 -10.37 -9.85
CA GLU A 63 -0.32 -11.06 -9.26
C GLU A 63 0.84 -11.14 -10.25
N GLU A 64 0.93 -10.14 -11.13
CA GLU A 64 1.99 -10.10 -12.12
C GLU A 64 3.24 -9.43 -11.56
N ASP A 65 4.36 -9.60 -12.25
CA ASP A 65 5.63 -9.00 -11.82
C ASP A 65 5.84 -7.65 -12.48
N PRO A 66 6.58 -6.75 -11.82
CA PRO A 66 6.86 -5.41 -12.36
C PRO A 66 7.82 -5.45 -13.55
N LYS A 67 8.60 -6.52 -13.64
CA LYS A 67 9.56 -6.67 -14.72
C LYS A 67 8.88 -6.56 -16.09
N THR A 68 7.61 -6.95 -16.15
CA THR A 68 6.84 -6.90 -17.38
C THR A 68 5.92 -5.69 -17.41
N ALA A 69 5.46 -5.27 -16.23
CA ALA A 69 4.57 -4.12 -16.12
C ALA A 69 5.25 -2.86 -16.65
N SER A 70 4.46 -1.79 -16.77
CA SER A 70 4.99 -0.52 -17.26
C SER A 70 5.66 0.27 -16.13
N GLN A 71 6.32 1.36 -16.49
CA GLN A 71 7.01 2.20 -15.52
C GLN A 71 6.02 2.74 -14.48
N SER A 72 4.79 2.97 -14.91
CA SER A 72 3.75 3.48 -14.02
C SER A 72 3.54 2.55 -12.83
N LEU A 73 3.45 1.25 -13.11
CA LEU A 73 3.24 0.26 -12.06
C LEU A 73 4.42 0.25 -11.09
N LEU A 74 5.62 0.44 -11.61
CA LEU A 74 6.83 0.46 -10.79
C LEU A 74 6.75 1.57 -9.76
N VAL A 75 6.08 2.66 -10.11
CA VAL A 75 5.93 3.80 -9.21
C VAL A 75 4.98 3.47 -8.06
N ASN A 76 3.86 2.83 -8.39
CA ASN A 76 2.87 2.46 -7.39
C ASN A 76 3.36 1.29 -6.54
N LEU A 77 3.94 0.29 -7.20
CA LEU A 77 4.44 -0.89 -6.51
C LEU A 77 5.53 -0.51 -5.51
N ARG A 78 6.50 0.28 -5.96
CA ARG A 78 7.59 0.72 -5.09
C ARG A 78 7.06 1.51 -3.91
N ALA A 79 5.95 2.23 -4.12
CA ALA A 79 5.35 3.02 -3.07
C ALA A 79 4.93 2.16 -1.89
N MET A 80 4.36 0.99 -2.20
CA MET A 80 3.92 0.06 -1.16
C MET A 80 5.10 -0.42 -0.32
N GLN A 81 6.21 -0.72 -1.00
CA GLN A 81 7.41 -1.19 -0.31
C GLN A 81 7.98 -0.11 0.61
N ASN A 82 7.97 1.14 0.14
CA ASN A 82 8.48 2.25 0.91
C ASN A 82 7.69 2.42 2.21
N PHE A 83 6.36 2.50 2.08
CA PHE A 83 5.50 2.65 3.25
C PHE A 83 5.68 1.48 4.22
N LEU A 84 5.69 0.27 3.69
CA LEU A 84 5.86 -0.92 4.50
C LEU A 84 7.23 -0.94 5.18
N GLN A 85 8.21 -0.35 4.51
CA GLN A 85 9.57 -0.29 5.04
C GLN A 85 9.65 0.69 6.22
N LEU A 86 8.78 1.70 6.21
CA LEU A 86 8.75 2.69 7.27
C LEU A 86 8.55 2.03 8.64
N PRO A 87 9.04 2.68 9.71
CA PRO A 87 8.90 2.15 11.07
C PRO A 87 7.47 1.79 11.42
N GLU A 88 7.30 0.76 12.23
CA GLU A 88 5.97 0.30 12.64
C GLU A 88 5.27 1.38 13.47
N ALA A 89 6.05 2.12 14.25
CA ALA A 89 5.50 3.18 15.10
C ALA A 89 4.79 4.23 14.26
N GLU A 90 5.33 4.51 13.08
CA GLU A 90 4.74 5.49 12.18
C GLU A 90 3.46 4.96 11.54
N ARG A 91 3.55 3.77 10.96
CA ARG A 91 2.40 3.14 10.30
C ARG A 91 1.25 2.96 11.29
N ASP A 92 1.59 2.79 12.57
CA ASP A 92 0.59 2.59 13.61
C ASP A 92 -0.22 3.87 13.83
N ARG A 93 0.47 5.00 13.94
CA ARG A 93 -0.19 6.28 14.15
C ARG A 93 -1.05 6.67 12.96
N ILE A 94 -0.64 6.22 11.77
CA ILE A 94 -1.37 6.52 10.55
C ILE A 94 -2.67 5.73 10.47
N TYR A 95 -2.63 4.49 10.95
CA TYR A 95 -3.81 3.63 10.94
C TYR A 95 -4.83 4.10 11.97
N GLN A 96 -4.35 4.67 13.06
CA GLN A 96 -5.23 5.16 14.12
C GLN A 96 -5.83 6.51 13.73
N ASP A 97 -4.99 7.41 13.24
CA ASP A 97 -5.44 8.74 12.84
C ASP A 97 -6.49 8.65 11.76
N GLU A 98 -7.68 9.16 12.04
CA GLU A 98 -8.79 9.15 11.10
C GLU A 98 -9.91 10.06 11.55
N ARG A 99 -10.24 10.00 12.84
CA ARG A 99 -11.31 10.83 13.40
C ARG A 99 -10.73 12.07 14.08
N GLU A 100 -11.61 12.91 14.60
CA GLU A 100 -11.20 14.14 15.28
C GLU A 100 -10.95 13.89 16.76
N ARG A 101 -11.01 12.63 17.19
CA ARG A 101 -10.80 12.28 18.58
C ARG A 101 -9.37 11.83 18.82
N SER A 102 -8.44 12.34 18.02
CA SER A 102 -7.03 11.99 18.15
C SER A 102 -6.27 13.06 18.92
N LEU A 103 -5.91 12.76 20.15
CA LEU A 103 -5.17 13.70 20.99
C LEU A 103 -4.18 12.97 21.89
N ASN A 104 -3.50 13.73 22.75
CA ASN A 104 -2.53 13.16 23.67
C ASN A 104 -2.83 13.54 25.11
N ALA A 105 -3.21 12.56 25.92
CA ALA A 105 -3.53 12.79 27.32
C ALA A 105 -2.27 13.10 28.13
N ALA A 106 -2.45 13.37 29.41
CA ALA A 106 -1.34 13.68 30.29
C ALA A 106 -0.37 12.50 30.39
N ASN A 19 20.27 0.03 -4.14
CA ASN A 19 19.41 -1.14 -4.48
C ASN A 19 17.95 -0.87 -4.15
N THR A 20 17.05 -1.29 -5.04
CA THR A 20 15.63 -1.09 -4.83
C THR A 20 14.81 -2.11 -5.63
N GLU A 21 15.39 -3.30 -5.80
CA GLU A 21 14.72 -4.36 -6.55
C GLU A 21 13.40 -4.75 -5.87
N VAL A 22 12.38 -5.00 -6.69
CA VAL A 22 11.07 -5.37 -6.17
C VAL A 22 10.77 -6.85 -6.45
N SER A 23 10.91 -7.68 -5.43
CA SER A 23 10.67 -9.11 -5.57
C SER A 23 9.20 -9.42 -5.34
N SER A 24 8.87 -10.72 -5.33
CA SER A 24 7.50 -11.15 -5.12
C SER A 24 7.07 -10.95 -3.67
N GLU A 25 8.04 -10.91 -2.78
CA GLU A 25 7.77 -10.72 -1.35
C GLU A 25 6.93 -9.47 -1.11
N ILE A 26 7.04 -8.50 -2.02
CA ILE A 26 6.29 -7.26 -1.90
C ILE A 26 4.79 -7.53 -1.86
N TYR A 27 4.33 -8.47 -2.68
CA TYR A 27 2.92 -8.81 -2.74
C TYR A 27 2.51 -9.63 -1.51
N GLN A 28 3.44 -10.45 -1.03
CA GLN A 28 3.19 -11.29 0.14
C GLN A 28 3.13 -10.44 1.41
N TRP A 29 3.92 -9.38 1.44
CA TRP A 29 3.96 -8.49 2.60
C TRP A 29 2.64 -7.75 2.75
N VAL A 30 2.06 -7.33 1.64
CA VAL A 30 0.79 -6.61 1.65
C VAL A 30 -0.32 -7.46 2.27
N ARG A 31 -0.41 -8.71 1.82
CA ARG A 31 -1.42 -9.63 2.33
C ARG A 31 -1.25 -9.85 3.83
N ASP A 32 0.00 -9.97 4.27
CA ASP A 32 0.30 -10.18 5.68
C ASP A 32 0.05 -8.90 6.49
N GLU A 33 0.32 -7.77 5.87
CA GLU A 33 0.13 -6.47 6.53
C GLU A 33 -1.35 -6.18 6.71
N LEU A 34 -2.14 -6.46 5.68
CA LEU A 34 -3.58 -6.23 5.73
C LEU A 34 -4.25 -7.12 6.77
N LYS A 35 -3.86 -8.39 6.78
CA LYS A 35 -4.42 -9.35 7.73
C LYS A 35 -4.02 -9.01 9.16
N ARG A 36 -2.77 -8.57 9.33
CA ARG A 36 -2.26 -8.21 10.65
C ARG A 36 -2.96 -6.97 11.17
N ALA A 37 -2.98 -5.91 10.36
CA ALA A 37 -3.62 -4.67 10.74
C ALA A 37 -5.12 -4.83 10.88
N GLY A 38 -5.78 -5.19 9.77
CA GLY A 38 -7.22 -5.37 9.79
C GLY A 38 -7.97 -4.17 9.26
N ILE A 39 -7.33 -3.43 8.35
CA ILE A 39 -7.94 -2.25 7.76
C ILE A 39 -8.48 -2.55 6.36
N SER A 40 -9.29 -1.64 5.84
CA SER A 40 -9.88 -1.80 4.52
C SER A 40 -8.87 -1.45 3.42
N GLN A 41 -9.11 -1.95 2.22
CA GLN A 41 -8.23 -1.67 1.09
C GLN A 41 -8.15 -0.18 0.81
N ALA A 42 -9.25 0.53 1.08
CA ALA A 42 -9.30 1.97 0.85
C ALA A 42 -8.29 2.70 1.74
N VAL A 43 -8.15 2.24 2.97
CA VAL A 43 -7.23 2.85 3.92
C VAL A 43 -5.78 2.47 3.60
N PHE A 44 -5.60 1.25 3.11
CA PHE A 44 -4.27 0.75 2.77
C PHE A 44 -3.77 1.40 1.48
N ALA A 45 -4.65 1.49 0.49
CA ALA A 45 -4.30 2.09 -0.79
C ALA A 45 -4.05 3.58 -0.65
N ARG A 46 -4.75 4.21 0.28
CA ARG A 46 -4.60 5.64 0.51
C ARG A 46 -3.23 5.95 1.12
N VAL A 47 -2.93 5.30 2.24
CA VAL A 47 -1.65 5.50 2.92
C VAL A 47 -0.49 5.04 2.05
N ALA A 48 -0.71 3.96 1.30
CA ALA A 48 0.32 3.41 0.44
C ALA A 48 0.55 4.30 -0.78
N PHE A 49 -0.43 4.36 -1.66
CA PHE A 49 -0.34 5.17 -2.87
C PHE A 49 -1.66 5.86 -3.17
N ASN A 50 -1.69 7.18 -3.00
CA ASN A 50 -2.89 7.96 -3.26
C ASN A 50 -3.35 7.81 -4.70
N ARG A 51 -4.26 6.85 -4.93
CA ARG A 51 -4.78 6.61 -6.27
C ARG A 51 -6.17 5.97 -6.19
N THR A 52 -6.63 5.42 -7.31
CA THR A 52 -7.94 4.79 -7.37
C THR A 52 -7.95 3.49 -6.58
N GLN A 53 -8.97 3.33 -5.73
CA GLN A 53 -9.11 2.14 -4.91
C GLN A 53 -9.20 0.89 -5.77
N GLY A 54 -9.79 1.03 -6.96
CA GLY A 54 -9.93 -0.10 -7.86
C GLY A 54 -8.61 -0.53 -8.46
N LEU A 55 -7.62 0.36 -8.45
CA LEU A 55 -6.31 0.06 -9.00
C LEU A 55 -5.63 -1.03 -8.20
N LEU A 56 -5.63 -0.89 -6.87
CA LEU A 56 -5.00 -1.88 -6.00
C LEU A 56 -5.60 -3.27 -6.21
N SER A 57 -6.91 -3.30 -6.47
CA SER A 57 -7.60 -4.57 -6.69
C SER A 57 -7.14 -5.22 -7.99
N GLU A 58 -6.74 -4.41 -8.95
CA GLU A 58 -6.28 -4.90 -10.24
C GLU A 58 -4.83 -5.37 -10.15
N ILE A 59 -4.03 -4.68 -9.35
CA ILE A 59 -2.62 -5.03 -9.18
C ILE A 59 -2.48 -6.37 -8.49
N LEU A 60 -3.36 -6.64 -7.53
CA LEU A 60 -3.32 -7.91 -6.79
C LEU A 60 -3.98 -9.02 -7.59
N ARG A 61 -5.00 -8.67 -8.37
CA ARG A 61 -5.72 -9.64 -9.18
C ARG A 61 -4.85 -10.13 -10.35
N LYS A 62 -4.26 -9.18 -11.07
CA LYS A 62 -3.42 -9.52 -12.21
C LYS A 62 -2.07 -10.07 -11.74
N GLU A 63 -1.59 -9.57 -10.61
CA GLU A 63 -0.32 -10.01 -10.05
C GLU A 63 0.82 -9.76 -11.02
N GLU A 64 0.69 -8.70 -11.82
CA GLU A 64 1.71 -8.34 -12.80
C GLU A 64 3.01 -7.97 -12.12
N ASP A 65 3.95 -8.91 -12.05
CA ASP A 65 5.24 -8.68 -11.41
C ASP A 65 5.99 -7.56 -12.13
N PRO A 66 6.92 -6.89 -11.42
CA PRO A 66 7.71 -5.78 -11.99
C PRO A 66 8.63 -6.26 -13.12
N LYS A 67 8.88 -7.56 -13.16
CA LYS A 67 9.75 -8.14 -14.18
C LYS A 67 9.20 -7.84 -15.58
N THR A 68 7.89 -7.71 -15.69
CA THR A 68 7.25 -7.42 -16.97
C THR A 68 6.21 -6.31 -16.84
N ALA A 69 6.31 -5.53 -15.77
CA ALA A 69 5.38 -4.44 -15.54
C ALA A 69 5.92 -3.12 -16.09
N SER A 70 5.01 -2.27 -16.57
CA SER A 70 5.41 -0.98 -17.14
C SER A 70 6.03 -0.09 -16.07
N GLN A 71 6.44 1.11 -16.47
CA GLN A 71 7.05 2.06 -15.54
C GLN A 71 6.04 2.53 -14.51
N SER A 72 4.81 2.76 -14.95
CA SER A 72 3.75 3.22 -14.06
C SER A 72 3.51 2.23 -12.93
N LEU A 73 3.46 0.95 -13.28
CA LEU A 73 3.24 -0.10 -12.30
C LEU A 73 4.37 -0.14 -11.28
N LEU A 74 5.58 0.18 -11.74
CA LEU A 74 6.74 0.19 -10.86
C LEU A 74 6.65 1.31 -9.82
N VAL A 75 6.03 2.42 -10.22
CA VAL A 75 5.87 3.56 -9.33
C VAL A 75 4.94 3.24 -8.17
N ASN A 76 3.76 2.70 -8.50
CA ASN A 76 2.78 2.35 -7.49
C ASN A 76 3.30 1.25 -6.57
N LEU A 77 4.06 0.32 -7.16
CA LEU A 77 4.62 -0.79 -6.39
C LEU A 77 5.71 -0.30 -5.44
N ARG A 78 6.50 0.66 -5.89
CA ARG A 78 7.57 1.22 -5.07
C ARG A 78 7.01 1.91 -3.84
N ALA A 79 5.91 2.62 -4.02
CA ALA A 79 5.27 3.33 -2.91
C ALA A 79 4.77 2.37 -1.85
N MET A 80 4.23 1.23 -2.30
CA MET A 80 3.71 0.23 -1.38
C MET A 80 4.84 -0.43 -0.59
N GLN A 81 6.00 -0.56 -1.22
CA GLN A 81 7.16 -1.16 -0.58
C GLN A 81 7.71 -0.25 0.51
N ASN A 82 7.74 1.05 0.23
CA ASN A 82 8.24 2.03 1.18
C ASN A 82 7.40 2.05 2.45
N PHE A 83 6.08 2.14 2.28
CA PHE A 83 5.16 2.18 3.42
C PHE A 83 5.35 0.95 4.31
N LEU A 84 5.53 -0.20 3.68
CA LEU A 84 5.73 -1.45 4.41
C LEU A 84 7.07 -1.45 5.15
N GLN A 85 8.03 -0.73 4.59
CA GLN A 85 9.37 -0.64 5.19
C GLN A 85 9.41 0.41 6.31
N LEU A 86 8.47 1.34 6.26
CA LEU A 86 8.41 2.40 7.27
C LEU A 86 8.36 1.81 8.68
N PRO A 87 8.92 2.53 9.68
CA PRO A 87 8.94 2.07 11.06
C PRO A 87 7.55 1.69 11.57
N GLU A 88 7.51 0.78 12.53
CA GLU A 88 6.24 0.32 13.10
C GLU A 88 5.51 1.48 13.78
N ALA A 89 6.28 2.36 14.42
CA ALA A 89 5.71 3.51 15.11
C ALA A 89 4.99 4.43 14.13
N GLU A 90 5.54 4.57 12.93
CA GLU A 90 4.95 5.43 11.92
C GLU A 90 3.70 4.79 11.32
N ARG A 91 3.76 3.48 11.11
CA ARG A 91 2.64 2.75 10.55
C ARG A 91 1.40 2.88 11.43
N ASP A 92 1.59 2.69 12.73
CA ASP A 92 0.50 2.79 13.69
C ASP A 92 -0.14 4.18 13.66
N ARG A 93 0.72 5.21 13.61
CA ARG A 93 0.24 6.59 13.58
C ARG A 93 -0.62 6.84 12.35
N ILE A 94 -0.12 6.46 11.18
CA ILE A 94 -0.85 6.64 9.93
C ILE A 94 -2.17 5.88 9.95
N TYR A 95 -2.19 4.76 10.67
CA TYR A 95 -3.40 3.95 10.77
C TYR A 95 -4.42 4.59 11.70
N GLN A 96 -3.93 5.14 12.81
CA GLN A 96 -4.80 5.78 13.79
C GLN A 96 -5.27 7.15 13.28
N ASP A 97 -4.34 7.90 12.69
CA ASP A 97 -4.66 9.22 12.17
C ASP A 97 -5.75 9.16 11.11
N GLU A 98 -7.00 9.32 11.54
CA GLU A 98 -8.14 9.28 10.64
C GLU A 98 -9.30 10.11 11.17
N ARG A 99 -9.64 9.89 12.43
CA ARG A 99 -10.73 10.62 13.07
C ARG A 99 -10.35 12.08 13.28
N GLU A 100 -11.15 12.99 12.71
CA GLU A 100 -10.89 14.42 12.85
C GLU A 100 -11.35 14.93 14.21
N ARG A 101 -11.20 16.23 14.43
CA ARG A 101 -11.59 16.84 15.69
C ARG A 101 -13.12 16.87 15.83
N SER A 102 -13.76 17.65 14.96
CA SER A 102 -15.22 17.77 14.98
C SER A 102 -15.88 16.44 14.64
N LEU A 103 -16.70 15.93 15.56
CA LEU A 103 -17.40 14.67 15.35
C LEU A 103 -18.88 14.91 15.01
N ASN A 104 -19.55 15.65 15.87
CA ASN A 104 -20.97 15.96 15.67
C ASN A 104 -21.22 17.46 15.73
N ALA A 105 -21.06 18.12 14.59
CA ALA A 105 -21.26 19.56 14.51
C ALA A 105 -22.72 19.93 14.73
N ALA A 106 -23.00 20.59 15.85
CA ALA A 106 -24.36 21.00 16.18
C ALA A 106 -24.37 22.29 16.99
N ASN A 19 16.86 4.55 -8.88
CA ASN A 19 16.18 3.38 -9.48
C ASN A 19 16.39 2.13 -8.64
N THR A 20 15.29 1.46 -8.28
CA THR A 20 15.36 0.25 -7.48
C THR A 20 14.48 -0.86 -8.07
N GLU A 21 14.95 -2.09 -7.97
CA GLU A 21 14.20 -3.23 -8.49
C GLU A 21 13.23 -3.77 -7.44
N VAL A 22 11.98 -3.95 -7.84
CA VAL A 22 10.95 -4.46 -6.95
C VAL A 22 10.77 -5.97 -7.11
N SER A 23 10.93 -6.71 -6.03
CA SER A 23 10.78 -8.16 -6.06
C SER A 23 9.34 -8.56 -5.75
N SER A 24 9.01 -9.82 -6.03
CA SER A 24 7.67 -10.34 -5.78
C SER A 24 7.29 -10.21 -4.31
N GLU A 25 8.31 -10.11 -3.44
CA GLU A 25 8.07 -9.98 -2.00
C GLU A 25 7.12 -8.82 -1.70
N ILE A 26 7.11 -7.82 -2.58
CA ILE A 26 6.25 -6.66 -2.39
C ILE A 26 4.78 -7.08 -2.33
N TYR A 27 4.38 -7.96 -3.23
CA TYR A 27 3.00 -8.43 -3.28
C TYR A 27 2.67 -9.25 -2.04
N GLN A 28 3.63 -10.06 -1.59
CA GLN A 28 3.44 -10.89 -0.42
C GLN A 28 3.38 -10.05 0.85
N TRP A 29 4.09 -8.92 0.84
CA TRP A 29 4.11 -8.02 1.99
C TRP A 29 2.75 -7.35 2.19
N VAL A 30 2.14 -6.92 1.08
CA VAL A 30 0.84 -6.27 1.14
C VAL A 30 -0.21 -7.18 1.77
N ARG A 31 -0.30 -8.41 1.28
CA ARG A 31 -1.27 -9.37 1.79
C ARG A 31 -1.01 -9.64 3.27
N ASP A 32 0.23 -9.93 3.61
CA ASP A 32 0.61 -10.22 4.99
C ASP A 32 0.40 -8.99 5.87
N GLU A 33 0.66 -7.81 5.32
CA GLU A 33 0.49 -6.57 6.05
C GLU A 33 -0.97 -6.33 6.42
N LEU A 34 -1.84 -6.51 5.45
CA LEU A 34 -3.28 -6.32 5.66
C LEU A 34 -3.80 -7.28 6.72
N LYS A 35 -3.38 -8.54 6.63
CA LYS A 35 -3.81 -9.56 7.58
C LYS A 35 -3.38 -9.20 9.00
N ARG A 36 -2.25 -8.50 9.11
CA ARG A 36 -1.74 -8.09 10.41
C ARG A 36 -2.37 -6.77 10.86
N ALA A 37 -2.56 -5.87 9.90
CA ALA A 37 -3.16 -4.56 10.19
C ALA A 37 -4.65 -4.70 10.45
N GLY A 38 -5.37 -5.28 9.50
CA GLY A 38 -6.80 -5.45 9.64
C GLY A 38 -7.58 -4.22 9.21
N ILE A 39 -7.31 -3.74 8.00
CA ILE A 39 -7.99 -2.57 7.47
C ILE A 39 -8.51 -2.82 6.05
N SER A 40 -9.15 -1.81 5.49
CA SER A 40 -9.70 -1.93 4.14
C SER A 40 -8.67 -1.49 3.10
N GLN A 41 -8.81 -2.01 1.88
CA GLN A 41 -7.89 -1.68 0.79
C GLN A 41 -7.91 -0.18 0.50
N ALA A 42 -9.06 0.45 0.72
CA ALA A 42 -9.21 1.88 0.48
C ALA A 42 -8.25 2.67 1.36
N VAL A 43 -8.17 2.33 2.63
CA VAL A 43 -7.29 3.00 3.57
C VAL A 43 -5.83 2.68 3.30
N PHE A 44 -5.59 1.47 2.80
CA PHE A 44 -4.23 1.03 2.50
C PHE A 44 -3.73 1.67 1.21
N ALA A 45 -4.58 1.71 0.20
CA ALA A 45 -4.21 2.29 -1.08
C ALA A 45 -4.03 3.79 -0.97
N ARG A 46 -4.83 4.43 -0.12
CA ARG A 46 -4.75 5.87 0.09
C ARG A 46 -3.43 6.25 0.75
N VAL A 47 -3.19 5.71 1.94
CA VAL A 47 -1.96 5.99 2.68
C VAL A 47 -0.74 5.56 1.88
N ALA A 48 -0.83 4.43 1.21
CA ALA A 48 0.26 3.91 0.40
C ALA A 48 0.54 4.81 -0.79
N PHE A 49 -0.35 4.79 -1.77
CA PHE A 49 -0.22 5.61 -2.97
C PHE A 49 -1.49 6.37 -3.26
N ASN A 50 -1.55 7.63 -2.83
CA ASN A 50 -2.72 8.46 -3.05
C ASN A 50 -3.01 8.62 -4.54
N ARG A 51 -4.09 8.01 -5.00
CA ARG A 51 -4.47 8.09 -6.40
C ARG A 51 -5.97 7.88 -6.57
N THR A 52 -6.42 6.65 -6.36
CA THR A 52 -7.84 6.31 -6.49
C THR A 52 -8.12 4.92 -5.94
N GLN A 53 -9.40 4.58 -5.82
CA GLN A 53 -9.81 3.28 -5.31
C GLN A 53 -10.11 2.32 -6.45
N GLY A 54 -9.56 1.11 -6.37
CA GLY A 54 -9.77 0.12 -7.40
C GLY A 54 -8.48 -0.32 -8.07
N LEU A 55 -7.49 0.58 -8.09
CA LEU A 55 -6.21 0.28 -8.71
C LEU A 55 -5.50 -0.85 -7.96
N LEU A 56 -5.48 -0.76 -6.64
CA LEU A 56 -4.83 -1.76 -5.81
C LEU A 56 -5.44 -3.14 -6.05
N SER A 57 -6.75 -3.20 -6.17
CA SER A 57 -7.45 -4.45 -6.40
C SER A 57 -7.06 -5.05 -7.76
N GLU A 58 -6.75 -4.18 -8.71
CA GLU A 58 -6.36 -4.62 -10.04
C GLU A 58 -4.90 -5.09 -10.06
N ILE A 59 -4.08 -4.54 -9.19
CA ILE A 59 -2.67 -4.90 -9.11
C ILE A 59 -2.48 -6.19 -8.33
N LEU A 60 -3.24 -6.35 -7.25
CA LEU A 60 -3.16 -7.54 -6.41
C LEU A 60 -3.86 -8.72 -7.07
N ARG A 61 -5.10 -8.50 -7.48
CA ARG A 61 -5.89 -9.55 -8.12
C ARG A 61 -5.20 -10.06 -9.39
N LYS A 62 -4.51 -9.16 -10.07
CA LYS A 62 -3.80 -9.51 -11.31
C LYS A 62 -2.74 -10.56 -11.03
N GLU A 63 -2.09 -10.45 -9.89
CA GLU A 63 -1.03 -11.39 -9.50
C GLU A 63 0.10 -11.37 -10.51
N GLU A 64 0.38 -10.18 -11.05
CA GLU A 64 1.45 -10.03 -12.03
C GLU A 64 2.77 -9.66 -11.34
N ASP A 65 3.80 -10.44 -11.62
CA ASP A 65 5.12 -10.20 -11.02
C ASP A 65 5.77 -8.95 -11.62
N PRO A 66 6.58 -8.24 -10.82
CA PRO A 66 7.26 -7.02 -11.27
C PRO A 66 8.39 -7.31 -12.25
N LYS A 67 8.71 -8.58 -12.44
CA LYS A 67 9.76 -8.98 -13.35
C LYS A 67 9.49 -8.46 -14.76
N THR A 68 8.23 -8.50 -15.17
CA THR A 68 7.83 -8.03 -16.50
C THR A 68 6.73 -6.99 -16.40
N ALA A 69 6.75 -6.21 -15.33
CA ALA A 69 5.75 -5.17 -15.13
C ALA A 69 6.16 -3.86 -15.78
N SER A 70 5.18 -3.11 -16.25
CA SER A 70 5.44 -1.83 -16.91
C SER A 70 6.03 -0.82 -15.92
N GLN A 71 6.28 0.39 -16.40
CA GLN A 71 6.86 1.44 -15.57
C GLN A 71 5.83 1.96 -14.58
N SER A 72 4.59 2.12 -15.04
CA SER A 72 3.51 2.61 -14.18
C SER A 72 3.29 1.68 -13.00
N LEU A 73 3.30 0.38 -13.26
CA LEU A 73 3.11 -0.62 -12.21
C LEU A 73 4.24 -0.54 -11.19
N LEU A 74 5.46 -0.38 -11.66
CA LEU A 74 6.62 -0.29 -10.78
C LEU A 74 6.48 0.86 -9.80
N VAL A 75 5.79 1.92 -10.23
CA VAL A 75 5.59 3.09 -9.38
C VAL A 75 4.63 2.77 -8.23
N ASN A 76 3.60 1.99 -8.53
CA ASN A 76 2.61 1.61 -7.51
C ASN A 76 3.26 0.78 -6.42
N LEU A 77 4.19 -0.09 -6.82
CA LEU A 77 4.89 -0.95 -5.87
C LEU A 77 5.92 -0.16 -5.06
N ARG A 78 6.50 0.85 -5.70
CA ARG A 78 7.50 1.69 -5.05
C ARG A 78 6.91 2.43 -3.86
N ALA A 79 5.82 3.15 -4.10
CA ALA A 79 5.16 3.91 -3.05
C ALA A 79 4.69 2.99 -1.93
N MET A 80 4.18 1.82 -2.30
CA MET A 80 3.69 0.85 -1.34
C MET A 80 4.83 0.27 -0.51
N GLN A 81 5.98 0.10 -1.16
CA GLN A 81 7.16 -0.44 -0.49
C GLN A 81 7.66 0.52 0.59
N ASN A 82 7.65 1.80 0.28
CA ASN A 82 8.11 2.83 1.22
C ASN A 82 7.26 2.81 2.48
N PHE A 83 5.95 2.63 2.32
CA PHE A 83 5.04 2.59 3.45
C PHE A 83 5.34 1.41 4.35
N LEU A 84 5.79 0.31 3.75
CA LEU A 84 6.11 -0.90 4.49
C LEU A 84 7.49 -0.80 5.14
N GLN A 85 8.37 -0.02 4.51
CA GLN A 85 9.72 0.16 5.03
C GLN A 85 9.71 0.99 6.31
N LEU A 86 8.73 1.88 6.43
CA LEU A 86 8.61 2.73 7.60
C LEU A 86 8.47 1.89 8.87
N PRO A 87 8.93 2.44 10.02
CA PRO A 87 8.85 1.73 11.30
C PRO A 87 7.45 1.22 11.60
N GLU A 88 7.36 0.21 12.45
CA GLU A 88 6.08 -0.37 12.82
C GLU A 88 5.24 0.62 13.61
N ALA A 89 5.90 1.40 14.47
CA ALA A 89 5.21 2.39 15.28
C ALA A 89 4.53 3.44 14.41
N GLU A 90 5.12 3.71 13.25
CA GLU A 90 4.56 4.69 12.33
C GLU A 90 3.33 4.15 11.63
N ARG A 91 3.35 2.87 11.30
CA ARG A 91 2.23 2.23 10.62
C ARG A 91 0.96 2.32 11.48
N ASP A 92 1.10 1.99 12.76
CA ASP A 92 -0.04 2.03 13.68
C ASP A 92 -0.52 3.47 13.89
N ARG A 93 0.44 4.40 13.94
CA ARG A 93 0.11 5.81 14.13
C ARG A 93 -0.72 6.35 12.96
N ILE A 94 -0.42 5.87 11.76
CA ILE A 94 -1.13 6.30 10.57
C ILE A 94 -2.47 5.58 10.44
N TYR A 95 -2.46 4.28 10.75
CA TYR A 95 -3.68 3.47 10.66
C TYR A 95 -4.74 4.00 11.61
N GLN A 96 -4.34 4.36 12.82
CA GLN A 96 -5.26 4.88 13.83
C GLN A 96 -5.72 6.28 13.46
N ASP A 97 -4.86 7.03 12.76
CA ASP A 97 -5.18 8.38 12.35
C ASP A 97 -6.35 8.39 11.38
N GLU A 98 -6.66 9.57 10.85
CA GLU A 98 -7.76 9.71 9.90
C GLU A 98 -7.49 10.85 8.91
N ARG A 99 -8.53 11.27 8.20
CA ARG A 99 -8.39 12.35 7.23
C ARG A 99 -8.81 13.69 7.83
N GLU A 100 -8.04 14.73 7.56
CA GLU A 100 -8.33 16.05 8.08
C GLU A 100 -9.68 16.55 7.59
N ARG A 101 -10.03 16.19 6.36
CA ARG A 101 -11.31 16.59 5.77
C ARG A 101 -12.34 15.47 5.86
N SER A 102 -12.33 14.75 6.98
CA SER A 102 -13.26 13.65 7.19
C SER A 102 -14.59 14.16 7.72
N LEU A 103 -14.53 15.14 8.63
CA LEU A 103 -15.73 15.71 9.23
C LEU A 103 -16.45 16.60 8.22
N ASN A 104 -17.66 17.03 8.59
CA ASN A 104 -18.46 17.88 7.72
C ASN A 104 -18.50 19.31 8.25
N ALA A 105 -18.76 20.26 7.36
CA ALA A 105 -18.82 21.66 7.73
C ALA A 105 -19.97 21.93 8.70
N ALA A 106 -20.08 23.17 9.17
CA ALA A 106 -21.12 23.55 10.10
C ALA A 106 -22.40 23.96 9.36
N ASN A 19 21.84 -3.34 -10.55
CA ASN A 19 20.56 -2.74 -10.09
C ASN A 19 19.52 -3.81 -9.76
N THR A 20 19.06 -3.81 -8.52
CA THR A 20 18.07 -4.79 -8.07
C THR A 20 16.65 -4.26 -8.27
N GLU A 21 15.75 -5.15 -8.69
CA GLU A 21 14.37 -4.78 -8.93
C GLU A 21 13.48 -5.26 -7.78
N VAL A 22 12.19 -4.95 -7.87
CA VAL A 22 11.23 -5.35 -6.84
C VAL A 22 10.89 -6.83 -6.95
N SER A 23 10.82 -7.50 -5.80
CA SER A 23 10.50 -8.93 -5.77
C SER A 23 9.03 -9.15 -5.48
N SER A 24 8.62 -10.41 -5.45
CA SER A 24 7.23 -10.78 -5.17
C SER A 24 6.87 -10.46 -3.72
N GLU A 25 7.88 -10.37 -2.86
CA GLU A 25 7.66 -10.09 -1.44
C GLU A 25 6.80 -8.84 -1.26
N ILE A 26 6.87 -7.93 -2.23
CA ILE A 26 6.10 -6.70 -2.17
C ILE A 26 4.61 -6.99 -2.07
N TYR A 27 4.16 -7.98 -2.83
CA TYR A 27 2.75 -8.36 -2.83
C TYR A 27 2.39 -9.11 -1.54
N GLN A 28 3.31 -9.94 -1.06
CA GLN A 28 3.08 -10.71 0.15
C GLN A 28 3.06 -9.80 1.37
N TRP A 29 3.81 -8.71 1.31
CA TRP A 29 3.87 -7.75 2.42
C TRP A 29 2.56 -6.98 2.54
N VAL A 30 2.02 -6.57 1.40
CA VAL A 30 0.77 -5.82 1.38
C VAL A 30 -0.38 -6.64 1.97
N ARG A 31 -0.50 -7.88 1.50
CA ARG A 31 -1.55 -8.78 1.98
C ARG A 31 -1.35 -9.12 3.46
N ASP A 32 -0.13 -9.53 3.80
CA ASP A 32 0.20 -9.90 5.17
C ASP A 32 -0.02 -8.72 6.12
N GLU A 33 0.45 -7.55 5.70
CA GLU A 33 0.31 -6.34 6.52
C GLU A 33 -1.16 -5.96 6.68
N LEU A 34 -1.92 -6.09 5.60
CA LEU A 34 -3.35 -5.77 5.63
C LEU A 34 -4.08 -6.64 6.64
N LYS A 35 -3.60 -7.86 6.83
CA LYS A 35 -4.21 -8.79 7.77
C LYS A 35 -3.81 -8.45 9.20
N ARG A 36 -2.51 -8.29 9.43
CA ARG A 36 -1.99 -7.96 10.76
C ARG A 36 -2.52 -6.61 11.23
N ALA A 37 -2.66 -5.68 10.30
CA ALA A 37 -3.16 -4.34 10.63
C ALA A 37 -4.67 -4.34 10.75
N GLY A 38 -5.33 -5.21 10.00
CA GLY A 38 -6.77 -5.29 10.04
C GLY A 38 -7.44 -4.04 9.51
N ILE A 39 -7.28 -3.79 8.21
CA ILE A 39 -7.88 -2.61 7.59
C ILE A 39 -8.34 -2.92 6.18
N SER A 40 -9.03 -1.96 5.56
CA SER A 40 -9.53 -2.12 4.20
C SER A 40 -8.52 -1.63 3.17
N GLN A 41 -8.59 -2.19 1.97
CA GLN A 41 -7.69 -1.79 0.90
C GLN A 41 -7.82 -0.31 0.57
N ALA A 42 -9.02 0.22 0.77
CA ALA A 42 -9.28 1.63 0.51
C ALA A 42 -8.38 2.53 1.34
N VAL A 43 -8.19 2.16 2.61
CA VAL A 43 -7.35 2.94 3.52
C VAL A 43 -5.87 2.71 3.22
N PHE A 44 -5.47 1.44 3.16
CA PHE A 44 -4.08 1.09 2.89
C PHE A 44 -3.62 1.68 1.55
N ALA A 45 -4.56 1.84 0.63
CA ALA A 45 -4.24 2.40 -0.68
C ALA A 45 -3.91 3.88 -0.59
N ARG A 46 -4.74 4.63 0.15
CA ARG A 46 -4.55 6.05 0.31
C ARG A 46 -3.20 6.34 0.99
N VAL A 47 -2.94 5.64 2.09
CA VAL A 47 -1.70 5.82 2.83
C VAL A 47 -0.50 5.34 2.02
N ALA A 48 -0.74 4.38 1.15
CA ALA A 48 0.33 3.82 0.31
C ALA A 48 0.54 4.67 -0.95
N PHE A 49 -0.37 4.53 -1.91
CA PHE A 49 -0.29 5.26 -3.16
C PHE A 49 -1.59 6.03 -3.42
N ASN A 50 -1.49 7.34 -3.49
CA ASN A 50 -2.65 8.18 -3.74
C ASN A 50 -3.09 8.10 -5.20
N ARG A 51 -4.20 7.42 -5.45
CA ARG A 51 -4.73 7.27 -6.80
C ARG A 51 -6.24 7.06 -6.78
N THR A 52 -6.66 5.89 -6.31
CA THR A 52 -8.07 5.56 -6.23
C THR A 52 -8.30 4.28 -5.44
N GLN A 53 -9.34 4.28 -4.61
CA GLN A 53 -9.66 3.12 -3.79
C GLN A 53 -10.24 1.99 -4.65
N GLY A 54 -9.38 1.34 -5.42
CA GLY A 54 -9.83 0.25 -6.27
C GLY A 54 -8.69 -0.37 -7.06
N LEU A 55 -7.76 0.47 -7.51
CA LEU A 55 -6.62 0.00 -8.28
C LEU A 55 -5.77 -0.98 -7.46
N LEU A 56 -5.78 -0.79 -6.15
CA LEU A 56 -5.02 -1.65 -5.25
C LEU A 56 -5.41 -3.12 -5.42
N SER A 57 -6.70 -3.35 -5.65
CA SER A 57 -7.21 -4.70 -5.83
C SER A 57 -6.79 -5.26 -7.20
N GLU A 58 -6.83 -4.41 -8.22
CA GLU A 58 -6.46 -4.81 -9.57
C GLU A 58 -4.99 -5.21 -9.63
N ILE A 59 -4.15 -4.44 -8.96
CA ILE A 59 -2.72 -4.71 -8.93
C ILE A 59 -2.42 -5.99 -8.16
N LEU A 60 -3.19 -6.24 -7.11
CA LEU A 60 -3.01 -7.43 -6.30
C LEU A 60 -3.56 -8.66 -7.00
N ARG A 61 -4.63 -8.48 -7.76
CA ARG A 61 -5.26 -9.58 -8.49
C ARG A 61 -4.36 -10.06 -9.63
N LYS A 62 -3.75 -9.11 -10.33
CA LYS A 62 -2.86 -9.42 -11.44
C LYS A 62 -1.68 -10.28 -10.97
N GLU A 63 -1.24 -10.02 -9.74
CA GLU A 63 -0.13 -10.76 -9.14
C GLU A 63 1.03 -10.91 -10.14
N GLU A 64 1.17 -9.93 -11.02
CA GLU A 64 2.23 -9.95 -12.03
C GLU A 64 3.50 -9.28 -11.51
N ASP A 65 4.64 -9.91 -11.73
CA ASP A 65 5.92 -9.36 -11.29
C ASP A 65 6.26 -8.07 -12.06
N PRO A 66 6.89 -7.11 -11.38
CA PRO A 66 7.27 -5.83 -11.99
C PRO A 66 8.53 -5.94 -12.86
N LYS A 67 9.10 -7.14 -12.92
CA LYS A 67 10.31 -7.37 -13.71
C LYS A 67 10.02 -7.19 -15.20
N THR A 68 8.83 -7.61 -15.63
CA THR A 68 8.45 -7.49 -17.03
C THR A 68 7.15 -6.71 -17.18
N ALA A 69 6.87 -5.83 -16.22
CA ALA A 69 5.66 -5.02 -16.25
C ALA A 69 5.95 -3.62 -16.74
N SER A 70 4.90 -2.82 -16.91
CA SER A 70 5.05 -1.45 -17.38
C SER A 70 5.71 -0.58 -16.32
N GLN A 71 6.05 0.65 -16.69
CA GLN A 71 6.68 1.58 -15.77
C GLN A 71 5.67 2.13 -14.76
N SER A 72 4.43 2.26 -15.19
CA SER A 72 3.37 2.76 -14.32
C SER A 72 3.17 1.85 -13.12
N LEU A 73 3.22 0.54 -13.36
CA LEU A 73 3.05 -0.44 -12.28
C LEU A 73 4.23 -0.41 -11.33
N LEU A 74 5.44 -0.30 -11.89
CA LEU A 74 6.65 -0.27 -11.09
C LEU A 74 6.64 0.91 -10.11
N VAL A 75 6.00 2.00 -10.53
CA VAL A 75 5.91 3.19 -9.69
C VAL A 75 4.97 2.97 -8.51
N ASN A 76 3.79 2.41 -8.78
CA ASN A 76 2.81 2.14 -7.74
C ASN A 76 3.33 1.10 -6.77
N LEU A 77 4.09 0.14 -7.27
CA LEU A 77 4.65 -0.92 -6.44
C LEU A 77 5.70 -0.36 -5.48
N ARG A 78 6.52 0.56 -5.98
CA ARG A 78 7.57 1.18 -5.17
C ARG A 78 6.96 1.92 -3.98
N ALA A 79 5.84 2.58 -4.22
CA ALA A 79 5.16 3.33 -3.17
C ALA A 79 4.73 2.42 -2.03
N MET A 80 4.17 1.27 -2.39
CA MET A 80 3.72 0.29 -1.40
C MET A 80 4.88 -0.23 -0.57
N GLN A 81 6.04 -0.34 -1.21
CA GLN A 81 7.24 -0.82 -0.53
C GLN A 81 7.71 0.17 0.54
N ASN A 82 7.67 1.45 0.19
CA ASN A 82 8.09 2.50 1.12
C ASN A 82 7.24 2.48 2.38
N PHE A 83 5.92 2.40 2.20
CA PHE A 83 5.00 2.37 3.33
C PHE A 83 5.23 1.14 4.19
N LEU A 84 5.67 0.05 3.56
CA LEU A 84 5.94 -1.19 4.27
C LEU A 84 7.34 -1.19 4.89
N GLN A 85 8.23 -0.37 4.33
CA GLN A 85 9.60 -0.27 4.82
C GLN A 85 9.64 0.41 6.18
N LEU A 86 8.70 1.32 6.40
CA LEU A 86 8.63 2.04 7.67
C LEU A 86 8.30 1.10 8.82
N PRO A 87 8.70 1.45 10.05
CA PRO A 87 8.44 0.62 11.24
C PRO A 87 6.96 0.46 11.53
N GLU A 88 6.61 -0.61 12.23
CA GLU A 88 5.22 -0.88 12.56
C GLU A 88 4.63 0.27 13.38
N ALA A 89 5.46 0.94 14.16
CA ALA A 89 5.02 2.05 14.98
C ALA A 89 4.43 3.17 14.13
N GLU A 90 5.10 3.46 13.01
CA GLU A 90 4.64 4.51 12.11
C GLU A 90 3.41 4.05 11.33
N ARG A 91 3.38 2.78 10.96
CA ARG A 91 2.27 2.22 10.21
C ARG A 91 0.97 2.35 10.99
N ASP A 92 1.01 1.99 12.26
CA ASP A 92 -0.17 2.06 13.12
C ASP A 92 -0.64 3.50 13.27
N ARG A 93 0.31 4.42 13.41
CA ARG A 93 -0.01 5.84 13.57
C ARG A 93 -0.76 6.35 12.34
N ILE A 94 -0.27 5.99 11.16
CA ILE A 94 -0.90 6.41 9.91
C ILE A 94 -2.25 5.73 9.71
N TYR A 95 -2.36 4.49 10.19
CA TYR A 95 -3.60 3.74 10.05
C TYR A 95 -4.71 4.35 10.91
N GLN A 96 -4.33 4.78 12.11
CA GLN A 96 -5.30 5.38 13.03
C GLN A 96 -5.65 6.81 12.60
N ASP A 97 -4.64 7.58 12.23
CA ASP A 97 -4.85 8.96 11.80
C ASP A 97 -5.74 9.01 10.56
N GLU A 98 -6.91 9.61 10.71
CA GLU A 98 -7.85 9.73 9.61
C GLU A 98 -8.89 10.82 9.89
N ARG A 99 -9.29 11.53 8.84
CA ARG A 99 -10.27 12.61 8.98
C ARG A 99 -11.70 12.04 8.96
N GLU A 100 -12.40 12.19 10.08
CA GLU A 100 -13.76 11.69 10.19
C GLU A 100 -14.72 12.53 9.34
N ARG A 101 -14.35 13.79 9.11
CA ARG A 101 -15.18 14.69 8.30
C ARG A 101 -14.80 14.60 6.82
N SER A 102 -14.76 13.37 6.30
CA SER A 102 -14.42 13.15 4.90
C SER A 102 -15.67 12.93 4.06
N LEU A 103 -16.73 13.65 4.39
CA LEU A 103 -18.00 13.54 3.67
C LEU A 103 -17.86 14.06 2.25
N ASN A 104 -18.54 13.41 1.31
CA ASN A 104 -18.49 13.82 -0.09
C ASN A 104 -19.90 13.89 -0.68
N ALA A 105 -20.61 12.76 -0.65
CA ALA A 105 -21.96 12.71 -1.18
C ALA A 105 -22.97 13.28 -0.18
N ALA A 106 -23.25 14.57 -0.31
CA ALA A 106 -24.20 15.24 0.58
C ALA A 106 -25.51 15.54 -0.14
N ASN A 19 15.55 1.46 -2.44
CA ASN A 19 15.94 1.57 -3.87
C ASN A 19 16.38 0.22 -4.42
N THR A 20 15.69 -0.84 -4.01
CA THR A 20 16.02 -2.18 -4.45
C THR A 20 14.91 -2.75 -5.34
N GLU A 21 15.22 -3.84 -6.03
CA GLU A 21 14.26 -4.48 -6.92
C GLU A 21 13.02 -4.93 -6.15
N VAL A 22 11.91 -5.06 -6.86
CA VAL A 22 10.65 -5.49 -6.25
C VAL A 22 10.41 -6.98 -6.46
N SER A 23 10.52 -7.76 -5.38
CA SER A 23 10.31 -9.19 -5.45
C SER A 23 8.83 -9.53 -5.31
N SER A 24 8.52 -10.83 -5.30
CA SER A 24 7.15 -11.29 -5.18
C SER A 24 6.62 -11.06 -3.76
N GLU A 25 7.53 -11.03 -2.79
CA GLU A 25 7.15 -10.83 -1.40
C GLU A 25 6.33 -9.55 -1.23
N ILE A 26 6.50 -8.61 -2.15
CA ILE A 26 5.77 -7.34 -2.10
C ILE A 26 4.27 -7.58 -2.09
N TYR A 27 3.81 -8.50 -2.94
CA TYR A 27 2.39 -8.83 -3.02
C TYR A 27 1.93 -9.60 -1.81
N GLN A 28 2.76 -10.56 -1.37
CA GLN A 28 2.43 -11.37 -0.21
C GLN A 28 2.41 -10.53 1.06
N TRP A 29 3.24 -9.49 1.09
CA TRP A 29 3.31 -8.60 2.24
C TRP A 29 2.02 -7.80 2.39
N VAL A 30 1.47 -7.36 1.27
CA VAL A 30 0.23 -6.59 1.28
C VAL A 30 -0.90 -7.36 1.95
N ARG A 31 -1.22 -8.53 1.39
CA ARG A 31 -2.28 -9.37 1.94
C ARG A 31 -2.06 -9.66 3.42
N ASP A 32 -0.79 -9.79 3.80
CA ASP A 32 -0.44 -10.05 5.19
C ASP A 32 -0.58 -8.79 6.04
N GLU A 33 -0.36 -7.64 5.42
CA GLU A 33 -0.46 -6.36 6.12
C GLU A 33 -1.91 -5.94 6.29
N LEU A 34 -2.73 -6.24 5.27
CA LEU A 34 -4.14 -5.90 5.32
C LEU A 34 -4.87 -6.71 6.38
N LYS A 35 -4.58 -8.01 6.45
CA LYS A 35 -5.20 -8.88 7.43
C LYS A 35 -4.71 -8.57 8.83
N ARG A 36 -3.40 -8.41 8.98
CA ARG A 36 -2.79 -8.11 10.27
C ARG A 36 -3.35 -6.80 10.82
N ALA A 37 -3.24 -5.74 10.05
CA ALA A 37 -3.73 -4.43 10.46
C ALA A 37 -5.24 -4.47 10.76
N GLY A 38 -5.94 -5.33 10.04
CA GLY A 38 -7.37 -5.46 10.24
C GLY A 38 -8.14 -4.27 9.69
N ILE A 39 -7.71 -3.78 8.53
CA ILE A 39 -8.36 -2.62 7.91
C ILE A 39 -8.79 -2.95 6.48
N SER A 40 -9.45 -2.00 5.84
CA SER A 40 -9.92 -2.18 4.46
C SER A 40 -8.88 -1.69 3.46
N GLN A 41 -8.93 -2.24 2.25
CA GLN A 41 -7.99 -1.86 1.20
C GLN A 41 -8.09 -0.36 0.90
N ALA A 42 -9.26 0.21 1.13
CA ALA A 42 -9.48 1.63 0.88
C ALA A 42 -8.53 2.48 1.71
N VAL A 43 -8.44 2.19 3.00
CA VAL A 43 -7.57 2.93 3.90
C VAL A 43 -6.10 2.60 3.65
N PHE A 44 -5.85 1.37 3.22
CA PHE A 44 -4.48 0.92 2.93
C PHE A 44 -3.97 1.55 1.64
N ALA A 45 -4.77 1.49 0.59
CA ALA A 45 -4.40 2.04 -0.70
C ALA A 45 -4.12 3.53 -0.59
N ARG A 46 -4.89 4.23 0.24
CA ARG A 46 -4.73 5.65 0.43
C ARG A 46 -3.41 5.97 1.13
N VAL A 47 -3.26 5.47 2.35
CA VAL A 47 -2.04 5.69 3.13
C VAL A 47 -0.82 5.14 2.40
N ALA A 48 -1.04 4.08 1.61
CA ALA A 48 0.04 3.47 0.86
C ALA A 48 0.45 4.32 -0.34
N PHE A 49 -0.51 4.57 -1.22
CA PHE A 49 -0.26 5.38 -2.42
C PHE A 49 -1.51 6.16 -2.82
N ASN A 50 -1.39 7.49 -2.82
CA ASN A 50 -2.51 8.34 -3.19
C ASN A 50 -3.04 8.00 -4.58
N ARG A 51 -4.13 7.24 -4.62
CA ARG A 51 -4.73 6.84 -5.89
C ARG A 51 -6.09 6.20 -5.65
N THR A 52 -6.63 5.57 -6.70
CA THR A 52 -7.94 4.92 -6.60
C THR A 52 -7.83 3.57 -5.90
N GLN A 53 -8.90 3.18 -5.22
CA GLN A 53 -8.92 1.92 -4.50
C GLN A 53 -8.91 0.74 -5.48
N GLY A 54 -9.51 0.94 -6.64
CA GLY A 54 -9.56 -0.11 -7.64
C GLY A 54 -8.20 -0.45 -8.20
N LEU A 55 -7.28 0.52 -8.16
CA LEU A 55 -5.93 0.32 -8.66
C LEU A 55 -5.21 -0.77 -7.89
N LEU A 56 -5.23 -0.67 -6.56
CA LEU A 56 -4.58 -1.65 -5.71
C LEU A 56 -5.13 -3.05 -5.95
N SER A 57 -6.44 -3.13 -6.17
CA SER A 57 -7.10 -4.41 -6.42
C SER A 57 -6.68 -4.98 -7.76
N GLU A 58 -6.37 -4.11 -8.71
CA GLU A 58 -5.96 -4.53 -10.04
C GLU A 58 -4.50 -4.99 -10.04
N ILE A 59 -3.70 -4.37 -9.17
CA ILE A 59 -2.29 -4.71 -9.07
C ILE A 59 -2.09 -5.97 -8.24
N LEU A 60 -2.97 -6.19 -7.27
CA LEU A 60 -2.88 -7.36 -6.41
C LEU A 60 -3.43 -8.60 -7.12
N ARG A 61 -4.44 -8.40 -7.94
CA ARG A 61 -5.06 -9.51 -8.69
C ARG A 61 -4.09 -10.07 -9.73
N LYS A 62 -3.32 -9.18 -10.34
CA LYS A 62 -2.35 -9.58 -11.35
C LYS A 62 -1.33 -10.56 -10.78
N GLU A 63 -0.69 -10.16 -9.68
CA GLU A 63 0.31 -10.99 -9.03
C GLU A 63 1.47 -11.29 -9.97
N GLU A 64 1.75 -10.35 -10.87
CA GLU A 64 2.84 -10.51 -11.82
C GLU A 64 4.08 -9.76 -11.37
N ASP A 65 5.25 -10.31 -11.69
CA ASP A 65 6.51 -9.68 -11.31
C ASP A 65 6.75 -8.41 -12.13
N PRO A 66 7.27 -7.35 -11.49
CA PRO A 66 7.54 -6.08 -12.16
C PRO A 66 8.89 -6.08 -12.89
N LYS A 67 9.11 -7.09 -13.71
CA LYS A 67 10.35 -7.20 -14.47
C LYS A 67 10.15 -6.73 -15.91
N THR A 68 9.01 -7.11 -16.49
CA THR A 68 8.69 -6.73 -17.86
C THR A 68 7.36 -6.00 -17.94
N ALA A 69 7.02 -5.28 -16.87
CA ALA A 69 5.77 -4.54 -16.81
C ALA A 69 5.97 -3.09 -17.26
N SER A 70 4.96 -2.27 -17.06
CA SER A 70 5.03 -0.86 -17.43
C SER A 70 5.57 -0.01 -16.29
N GLN A 71 5.82 1.26 -16.57
CA GLN A 71 6.35 2.18 -15.58
C GLN A 71 5.31 2.47 -14.50
N SER A 72 4.04 2.45 -14.90
CA SER A 72 2.95 2.71 -13.97
C SER A 72 2.95 1.70 -12.83
N LEU A 73 3.16 0.43 -13.17
CA LEU A 73 3.19 -0.63 -12.16
C LEU A 73 4.41 -0.49 -11.26
N LEU A 74 5.52 -0.04 -11.84
CA LEU A 74 6.75 0.14 -11.08
C LEU A 74 6.61 1.26 -10.06
N VAL A 75 5.94 2.33 -10.45
CA VAL A 75 5.74 3.47 -9.56
C VAL A 75 4.84 3.10 -8.39
N ASN A 76 3.76 2.38 -8.68
CA ASN A 76 2.81 1.96 -7.65
C ASN A 76 3.47 0.99 -6.68
N LEU A 77 4.08 -0.07 -7.22
CA LEU A 77 4.74 -1.06 -6.40
C LEU A 77 5.87 -0.44 -5.58
N ARG A 78 6.48 0.60 -6.13
CA ARG A 78 7.58 1.30 -5.45
C ARG A 78 7.05 2.07 -4.24
N ALA A 79 5.94 2.76 -4.42
CA ALA A 79 5.34 3.55 -3.34
C ALA A 79 4.85 2.65 -2.22
N MET A 80 4.16 1.57 -2.59
CA MET A 80 3.64 0.63 -1.61
C MET A 80 4.76 0.03 -0.78
N GLN A 81 5.91 -0.18 -1.41
CA GLN A 81 7.07 -0.75 -0.73
C GLN A 81 7.62 0.22 0.32
N ASN A 82 7.51 1.51 0.03
CA ASN A 82 8.00 2.54 0.94
C ASN A 82 7.16 2.58 2.21
N PHE A 83 5.87 2.31 2.07
CA PHE A 83 4.96 2.32 3.21
C PHE A 83 5.24 1.15 4.14
N LEU A 84 5.62 0.02 3.57
CA LEU A 84 5.92 -1.18 4.34
C LEU A 84 7.32 -1.10 4.95
N GLN A 85 8.23 -0.41 4.24
CA GLN A 85 9.59 -0.26 4.70
C GLN A 85 9.67 0.70 5.89
N LEU A 86 8.72 1.64 5.94
CA LEU A 86 8.69 2.63 7.02
C LEU A 86 8.60 1.94 8.38
N PRO A 87 9.21 2.55 9.42
CA PRO A 87 9.20 2.00 10.78
C PRO A 87 7.79 1.67 11.26
N GLU A 88 7.70 0.75 12.21
CA GLU A 88 6.41 0.34 12.76
C GLU A 88 5.77 1.49 13.53
N ALA A 89 6.59 2.33 14.14
CA ALA A 89 6.10 3.48 14.90
C ALA A 89 5.38 4.47 14.01
N GLU A 90 5.84 4.60 12.76
CA GLU A 90 5.24 5.51 11.81
C GLU A 90 3.93 4.93 11.26
N ARG A 91 3.92 3.64 10.99
CA ARG A 91 2.74 2.97 10.47
C ARG A 91 1.65 2.87 11.53
N ASP A 92 2.07 2.87 12.79
CA ASP A 92 1.12 2.78 13.91
C ASP A 92 0.30 4.05 14.03
N ARG A 93 0.97 5.19 14.04
CA ARG A 93 0.30 6.49 14.16
C ARG A 93 -0.63 6.73 12.98
N ILE A 94 -0.17 6.39 11.78
CA ILE A 94 -0.97 6.58 10.57
C ILE A 94 -2.24 5.76 10.63
N TYR A 95 -2.11 4.47 10.94
CA TYR A 95 -3.25 3.58 11.04
C TYR A 95 -4.22 4.05 12.12
N GLN A 96 -3.68 4.68 13.15
CA GLN A 96 -4.50 5.17 14.26
C GLN A 96 -5.17 6.49 13.88
N ASP A 97 -4.35 7.50 13.59
CA ASP A 97 -4.86 8.82 13.22
C ASP A 97 -5.48 8.78 11.82
N GLU A 98 -6.80 8.88 11.75
CA GLU A 98 -7.51 8.86 10.48
C GLU A 98 -8.21 10.19 10.24
N ARG A 99 -8.96 10.66 11.23
CA ARG A 99 -9.67 11.93 11.11
C ARG A 99 -8.84 13.09 11.66
N GLU A 100 -8.73 14.15 10.89
CA GLU A 100 -7.96 15.32 11.29
C GLU A 100 -8.54 15.93 12.56
N ARG A 101 -8.11 17.16 12.87
CA ARG A 101 -8.60 17.85 14.06
C ARG A 101 -10.11 17.97 14.06
N SER A 102 -10.67 18.38 12.92
CA SER A 102 -12.11 18.53 12.79
C SER A 102 -12.79 17.17 12.66
N LEU A 103 -14.10 17.19 12.41
CA LEU A 103 -14.87 15.95 12.26
C LEU A 103 -16.21 16.23 11.60
N ASN A 104 -16.22 17.16 10.65
CA ASN A 104 -17.44 17.51 9.94
C ASN A 104 -17.48 16.85 8.57
N ALA A 105 -18.28 15.79 8.45
CA ALA A 105 -18.41 15.07 7.19
C ALA A 105 -19.21 15.88 6.17
N ALA A 106 -18.82 15.77 4.90
CA ALA A 106 -19.50 16.49 3.83
C ALA A 106 -19.51 15.68 2.54
N ASN A 19 20.26 -1.27 -9.53
CA ASN A 19 20.57 -1.74 -8.15
C ASN A 19 19.41 -2.53 -7.57
N THR A 20 19.49 -3.86 -7.67
CA THR A 20 18.46 -4.73 -7.15
C THR A 20 17.12 -4.46 -7.83
N GLU A 21 16.21 -5.42 -7.76
CA GLU A 21 14.89 -5.28 -8.37
C GLU A 21 13.79 -5.63 -7.37
N VAL A 22 12.61 -5.05 -7.57
CA VAL A 22 11.48 -5.31 -6.68
C VAL A 22 10.96 -6.73 -6.86
N SER A 23 11.31 -7.61 -5.93
CA SER A 23 10.87 -9.01 -5.98
C SER A 23 9.37 -9.12 -5.72
N SER A 24 8.83 -10.31 -5.96
CA SER A 24 7.41 -10.55 -5.75
C SER A 24 7.03 -10.44 -4.28
N GLU A 25 8.04 -10.47 -3.41
CA GLU A 25 7.81 -10.38 -1.96
C GLU A 25 6.96 -9.16 -1.63
N ILE A 26 7.04 -8.13 -2.47
CA ILE A 26 6.27 -6.91 -2.25
C ILE A 26 4.77 -7.21 -2.21
N TYR A 27 4.34 -8.13 -3.05
CA TYR A 27 2.93 -8.51 -3.11
C TYR A 27 2.54 -9.35 -1.88
N GLN A 28 3.40 -10.28 -1.52
CA GLN A 28 3.15 -11.14 -0.37
C GLN A 28 3.13 -10.34 0.93
N TRP A 29 3.92 -9.28 0.97
CA TRP A 29 3.98 -8.42 2.14
C TRP A 29 2.66 -7.69 2.36
N VAL A 30 2.06 -7.21 1.27
CA VAL A 30 0.80 -6.50 1.35
C VAL A 30 -0.30 -7.39 1.91
N ARG A 31 -0.24 -8.68 1.57
CA ARG A 31 -1.23 -9.64 2.04
C ARG A 31 -1.04 -9.93 3.52
N ASP A 32 0.20 -9.87 3.98
CA ASP A 32 0.51 -10.12 5.39
C ASP A 32 0.06 -8.97 6.27
N GLU A 33 0.23 -7.75 5.76
CA GLU A 33 -0.15 -6.55 6.50
C GLU A 33 -1.66 -6.35 6.48
N LEU A 34 -2.28 -6.66 5.34
CA LEU A 34 -3.72 -6.53 5.19
C LEU A 34 -4.46 -7.51 6.09
N LYS A 35 -3.85 -8.66 6.34
CA LYS A 35 -4.45 -9.69 7.18
C LYS A 35 -4.11 -9.45 8.65
N ARG A 36 -2.94 -8.88 8.89
CA ARG A 36 -2.49 -8.60 10.26
C ARG A 36 -3.17 -7.34 10.80
N ALA A 37 -2.83 -6.19 10.22
CA ALA A 37 -3.40 -4.92 10.63
C ALA A 37 -4.91 -4.93 10.49
N GLY A 38 -5.39 -5.48 9.39
CA GLY A 38 -6.83 -5.53 9.14
C GLY A 38 -7.41 -4.19 8.76
N ILE A 39 -7.08 -3.73 7.55
CA ILE A 39 -7.58 -2.45 7.06
C ILE A 39 -8.09 -2.56 5.63
N SER A 40 -8.96 -1.63 5.25
CA SER A 40 -9.53 -1.64 3.91
C SER A 40 -8.47 -1.25 2.86
N GLN A 41 -8.75 -1.59 1.61
CA GLN A 41 -7.82 -1.28 0.52
C GLN A 41 -7.72 0.23 0.31
N ALA A 42 -8.80 0.94 0.58
CA ALA A 42 -8.83 2.39 0.43
C ALA A 42 -7.80 3.06 1.33
N VAL A 43 -7.50 2.42 2.45
CA VAL A 43 -6.55 2.96 3.40
C VAL A 43 -5.11 2.60 3.01
N PHE A 44 -4.84 1.31 2.93
CA PHE A 44 -3.51 0.82 2.57
C PHE A 44 -3.08 1.35 1.20
N ALA A 45 -4.06 1.64 0.35
CA ALA A 45 -3.79 2.15 -0.98
C ALA A 45 -3.49 3.65 -0.96
N ARG A 46 -4.25 4.39 -0.15
CA ARG A 46 -4.09 5.83 -0.03
C ARG A 46 -2.84 6.17 0.78
N VAL A 47 -2.62 5.41 1.86
CA VAL A 47 -1.47 5.63 2.72
C VAL A 47 -0.17 5.22 2.03
N ALA A 48 -0.25 4.20 1.18
CA ALA A 48 0.92 3.72 0.46
C ALA A 48 1.22 4.59 -0.76
N PHE A 49 0.31 4.55 -1.74
CA PHE A 49 0.48 5.34 -2.95
C PHE A 49 -0.77 6.17 -3.25
N ASN A 50 -0.62 7.49 -3.19
CA ASN A 50 -1.74 8.39 -3.45
C ASN A 50 -2.29 8.18 -4.85
N ARG A 51 -3.49 7.61 -4.92
CA ARG A 51 -4.14 7.35 -6.20
C ARG A 51 -5.58 6.92 -6.00
N THR A 52 -6.24 6.51 -7.09
CA THR A 52 -7.63 6.08 -7.03
C THR A 52 -7.77 4.76 -6.28
N GLN A 53 -8.71 4.71 -5.35
CA GLN A 53 -8.96 3.51 -4.56
C GLN A 53 -9.41 2.35 -5.45
N GLY A 54 -9.17 1.13 -5.00
CA GLY A 54 -9.56 -0.04 -5.76
C GLY A 54 -8.45 -0.57 -6.63
N LEU A 55 -7.51 0.29 -6.99
CA LEU A 55 -6.38 -0.10 -7.82
C LEU A 55 -5.58 -1.22 -7.18
N LEU A 56 -5.39 -1.12 -5.86
CA LEU A 56 -4.63 -2.13 -5.12
C LEU A 56 -5.26 -3.51 -5.29
N SER A 57 -6.58 -3.55 -5.41
CA SER A 57 -7.30 -4.80 -5.57
C SER A 57 -6.94 -5.45 -6.91
N GLU A 58 -6.89 -4.65 -7.97
CA GLU A 58 -6.57 -5.15 -9.30
C GLU A 58 -5.11 -5.59 -9.38
N ILE A 59 -4.22 -4.79 -8.79
CA ILE A 59 -2.80 -5.09 -8.79
C ILE A 59 -2.51 -6.40 -8.06
N LEU A 60 -3.20 -6.61 -6.94
CA LEU A 60 -3.03 -7.82 -6.15
C LEU A 60 -3.63 -9.04 -6.85
N ARG A 61 -4.77 -8.82 -7.52
CA ARG A 61 -5.45 -9.89 -8.23
C ARG A 61 -4.64 -10.33 -9.45
N LYS A 62 -4.12 -9.36 -10.20
CA LYS A 62 -3.34 -9.65 -11.39
C LYS A 62 -2.12 -10.50 -11.05
N GLU A 63 -1.50 -10.20 -9.91
CA GLU A 63 -0.31 -10.94 -9.47
C GLU A 63 0.80 -10.85 -10.50
N GLU A 64 0.85 -9.72 -11.22
CA GLU A 64 1.88 -9.51 -12.24
C GLU A 64 3.07 -8.76 -11.66
N ASP A 65 4.19 -9.46 -11.50
CA ASP A 65 5.40 -8.86 -10.96
C ASP A 65 5.92 -7.75 -11.87
N PRO A 66 6.87 -6.94 -11.38
CA PRO A 66 7.44 -5.83 -12.16
C PRO A 66 8.32 -6.32 -13.32
N LYS A 67 8.60 -7.62 -13.34
CA LYS A 67 9.42 -8.21 -14.39
C LYS A 67 8.87 -7.87 -15.77
N THR A 68 7.55 -7.71 -15.85
CA THR A 68 6.91 -7.38 -17.12
C THR A 68 5.69 -6.50 -16.89
N ALA A 69 5.75 -5.65 -15.88
CA ALA A 69 4.65 -4.74 -15.55
C ALA A 69 4.83 -3.40 -16.24
N SER A 70 3.85 -2.51 -16.07
CA SER A 70 3.91 -1.18 -16.66
C SER A 70 4.60 -0.19 -15.73
N GLN A 71 4.83 1.02 -16.22
CA GLN A 71 5.48 2.06 -15.43
C GLN A 71 4.66 2.40 -14.19
N SER A 72 3.34 2.48 -14.37
CA SER A 72 2.44 2.79 -13.27
C SER A 72 2.54 1.74 -12.17
N LEU A 73 2.61 0.48 -12.57
CA LEU A 73 2.71 -0.63 -11.62
C LEU A 73 3.96 -0.49 -10.77
N LEU A 74 5.07 -0.13 -11.41
CA LEU A 74 6.34 0.02 -10.70
C LEU A 74 6.24 1.09 -9.61
N VAL A 75 5.57 2.19 -9.94
CA VAL A 75 5.40 3.28 -8.99
C VAL A 75 4.60 2.84 -7.78
N ASN A 76 3.70 1.88 -7.98
CA ASN A 76 2.87 1.37 -6.90
C ASN A 76 3.71 0.54 -5.92
N LEU A 77 4.55 -0.34 -6.47
CA LEU A 77 5.40 -1.19 -5.65
C LEU A 77 6.44 -0.36 -4.90
N ARG A 78 7.06 0.58 -5.60
CA ARG A 78 8.07 1.44 -5.00
C ARG A 78 7.51 2.23 -3.83
N ALA A 79 6.27 2.70 -4.00
CA ALA A 79 5.60 3.49 -2.95
C ALA A 79 5.21 2.60 -1.78
N MET A 80 4.84 1.36 -2.08
CA MET A 80 4.43 0.40 -1.06
C MET A 80 5.64 -0.09 -0.26
N GLN A 81 6.77 -0.21 -0.94
CA GLN A 81 8.00 -0.67 -0.29
C GLN A 81 8.48 0.35 0.75
N ASN A 82 8.50 1.61 0.36
CA ASN A 82 8.94 2.67 1.26
C ASN A 82 8.00 2.80 2.45
N PHE A 83 6.70 2.65 2.20
CA PHE A 83 5.70 2.75 3.25
C PHE A 83 5.77 1.54 4.18
N LEU A 84 6.11 0.38 3.63
CA LEU A 84 6.20 -0.84 4.41
C LEU A 84 7.48 -0.86 5.24
N GLN A 85 8.52 -0.21 4.72
CA GLN A 85 9.80 -0.15 5.41
C GLN A 85 9.73 0.79 6.62
N LEU A 86 8.84 1.77 6.55
CA LEU A 86 8.67 2.72 7.64
C LEU A 86 8.36 2.02 8.95
N PRO A 87 8.63 2.68 10.09
CA PRO A 87 8.38 2.10 11.41
C PRO A 87 6.93 1.62 11.57
N GLU A 88 6.75 0.55 12.35
CA GLU A 88 5.44 -0.01 12.58
C GLU A 88 4.53 0.98 13.29
N ALA A 89 5.09 1.66 14.30
CA ALA A 89 4.34 2.64 15.07
C ALA A 89 3.82 3.76 14.17
N GLU A 90 4.57 4.07 13.12
CA GLU A 90 4.19 5.13 12.19
C GLU A 90 3.06 4.67 11.28
N ARG A 91 3.16 3.42 10.81
CA ARG A 91 2.14 2.86 9.93
C ARG A 91 0.78 2.83 10.62
N ASP A 92 0.77 2.39 11.87
CA ASP A 92 -0.47 2.31 12.65
C ASP A 92 -1.07 3.70 12.84
N ARG A 93 -0.22 4.69 13.05
CA ARG A 93 -0.68 6.06 13.24
C ARG A 93 -1.43 6.56 12.02
N ILE A 94 -0.96 6.17 10.83
CA ILE A 94 -1.61 6.58 9.59
C ILE A 94 -2.92 5.83 9.38
N TYR A 95 -2.95 4.57 9.79
CA TYR A 95 -4.14 3.74 9.64
C TYR A 95 -5.26 4.25 10.53
N GLN A 96 -4.92 4.64 11.75
CA GLN A 96 -5.91 5.15 12.70
C GLN A 96 -6.16 6.64 12.49
N ASP A 97 -5.26 7.30 11.77
CA ASP A 97 -5.40 8.73 11.51
C ASP A 97 -6.76 9.05 10.91
N GLU A 98 -7.00 8.57 9.68
CA GLU A 98 -8.27 8.80 9.00
C GLU A 98 -8.50 10.29 8.77
N ARG A 99 -8.55 10.69 7.50
CA ARG A 99 -8.76 12.08 7.14
C ARG A 99 -10.22 12.34 6.80
N GLU A 100 -10.78 13.43 7.32
CA GLU A 100 -12.16 13.79 7.05
C GLU A 100 -12.39 14.03 5.57
N ARG A 101 -13.65 14.24 5.20
CA ARG A 101 -14.00 14.50 3.80
C ARG A 101 -14.10 16.00 3.53
N SER A 102 -13.00 16.70 3.74
CA SER A 102 -12.97 18.15 3.52
C SER A 102 -12.53 18.47 2.09
N LEU A 103 -13.42 19.07 1.32
CA LEU A 103 -13.13 19.42 -0.06
C LEU A 103 -12.77 20.90 -0.18
N ASN A 104 -12.30 21.30 -1.35
CA ASN A 104 -11.92 22.70 -1.59
C ASN A 104 -12.85 23.34 -2.61
N ALA A 105 -12.71 24.66 -2.77
CA ALA A 105 -13.54 25.40 -3.72
C ALA A 105 -13.18 25.04 -5.15
N ALA A 106 -14.08 24.35 -5.83
CA ALA A 106 -13.87 23.94 -7.21
C ALA A 106 -15.17 23.94 -8.00
N ASN A 19 17.32 1.13 -10.55
CA ASN A 19 16.48 0.78 -11.72
C ASN A 19 15.32 -0.12 -11.32
N THR A 20 15.65 -1.32 -10.85
CA THR A 20 14.64 -2.29 -10.42
C THR A 20 14.96 -2.85 -9.05
N GLU A 21 14.20 -2.41 -8.04
CA GLU A 21 14.41 -2.86 -6.68
C GLU A 21 13.09 -3.35 -6.07
N VAL A 22 12.29 -4.05 -6.86
CA VAL A 22 11.00 -4.55 -6.40
C VAL A 22 10.91 -6.06 -6.60
N SER A 23 10.90 -6.81 -5.50
CA SER A 23 10.82 -8.26 -5.55
C SER A 23 9.39 -8.72 -5.27
N SER A 24 9.16 -10.02 -5.43
CA SER A 24 7.85 -10.60 -5.20
C SER A 24 7.37 -10.33 -3.77
N GLU A 25 8.32 -10.14 -2.86
CA GLU A 25 8.00 -9.87 -1.46
C GLU A 25 7.07 -8.67 -1.33
N ILE A 26 7.10 -7.78 -2.32
CA ILE A 26 6.27 -6.59 -2.31
C ILE A 26 4.79 -6.95 -2.20
N TYR A 27 4.38 -7.98 -2.95
CA TYR A 27 2.98 -8.42 -2.93
C TYR A 27 2.67 -9.16 -1.63
N GLN A 28 3.54 -10.07 -1.25
CA GLN A 28 3.35 -10.84 -0.02
C GLN A 28 3.26 -9.92 1.19
N TRP A 29 3.92 -8.77 1.10
CA TRP A 29 3.92 -7.82 2.20
C TRP A 29 2.54 -7.20 2.38
N VAL A 30 2.01 -6.61 1.32
CA VAL A 30 0.70 -5.98 1.36
C VAL A 30 -0.38 -6.99 1.76
N ARG A 31 -0.36 -8.15 1.12
CA ARG A 31 -1.34 -9.20 1.42
C ARG A 31 -1.29 -9.60 2.88
N ASP A 32 -0.08 -9.65 3.44
CA ASP A 32 0.10 -10.02 4.84
C ASP A 32 -0.22 -8.85 5.77
N GLU A 33 0.21 -7.66 5.37
CA GLU A 33 -0.03 -6.45 6.15
C GLU A 33 -1.53 -6.18 6.28
N LEU A 34 -2.26 -6.38 5.18
CA LEU A 34 -3.69 -6.14 5.16
C LEU A 34 -4.40 -7.05 6.16
N LYS A 35 -4.20 -8.36 6.01
CA LYS A 35 -4.82 -9.33 6.90
C LYS A 35 -4.33 -9.15 8.33
N ARG A 36 -3.06 -8.82 8.48
CA ARG A 36 -2.46 -8.61 9.80
C ARG A 36 -3.01 -7.35 10.45
N ALA A 37 -3.32 -6.35 9.63
CA ALA A 37 -3.84 -5.08 10.12
C ALA A 37 -5.36 -5.14 10.26
N GLY A 38 -6.00 -5.93 9.40
CA GLY A 38 -7.44 -6.06 9.45
C GLY A 38 -8.15 -4.81 8.98
N ILE A 39 -7.50 -4.05 8.09
CA ILE A 39 -8.07 -2.82 7.57
C ILE A 39 -8.53 -3.00 6.12
N SER A 40 -9.34 -2.08 5.64
CA SER A 40 -9.84 -2.13 4.27
C SER A 40 -8.78 -1.69 3.28
N GLN A 41 -8.85 -2.21 2.06
CA GLN A 41 -7.89 -1.87 1.02
C GLN A 41 -7.92 -0.38 0.71
N ALA A 42 -9.08 0.22 0.87
CA ALA A 42 -9.24 1.65 0.61
C ALA A 42 -8.37 2.48 1.54
N VAL A 43 -8.30 2.06 2.80
CA VAL A 43 -7.49 2.77 3.79
C VAL A 43 -6.01 2.53 3.57
N PHE A 44 -5.67 1.34 3.07
CA PHE A 44 -4.29 0.97 2.81
C PHE A 44 -3.77 1.66 1.55
N ALA A 45 -4.52 1.52 0.46
CA ALA A 45 -4.14 2.13 -0.81
C ALA A 45 -4.02 3.65 -0.68
N ARG A 46 -4.83 4.22 0.20
CA ARG A 46 -4.81 5.67 0.41
C ARG A 46 -3.53 6.10 1.10
N VAL A 47 -3.12 5.34 2.11
CA VAL A 47 -1.91 5.65 2.86
C VAL A 47 -0.66 5.17 2.12
N ALA A 48 -0.80 4.06 1.38
CA ALA A 48 0.30 3.50 0.63
C ALA A 48 0.61 4.35 -0.60
N PHE A 49 -0.33 4.39 -1.54
CA PHE A 49 -0.15 5.16 -2.77
C PHE A 49 -1.41 5.95 -3.10
N ASN A 50 -1.35 7.26 -2.89
CA ASN A 50 -2.50 8.13 -3.16
C ASN A 50 -2.73 8.25 -4.67
N ARG A 51 -3.63 7.43 -5.18
CA ARG A 51 -3.96 7.44 -6.61
C ARG A 51 -5.47 7.36 -6.83
N THR A 52 -6.03 6.19 -6.57
CA THR A 52 -7.47 5.98 -6.73
C THR A 52 -7.91 4.69 -6.07
N GLN A 53 -8.97 4.76 -5.28
CA GLN A 53 -9.50 3.59 -4.59
C GLN A 53 -9.98 2.54 -5.58
N GLY A 54 -9.48 1.33 -5.44
CA GLY A 54 -9.86 0.24 -6.33
C GLY A 54 -8.69 -0.33 -7.10
N LEU A 55 -7.67 0.50 -7.32
CA LEU A 55 -6.48 0.07 -8.04
C LEU A 55 -5.75 -1.04 -7.30
N LEU A 56 -5.81 -0.99 -5.96
CA LEU A 56 -5.16 -1.99 -5.13
C LEU A 56 -5.68 -3.39 -5.44
N SER A 57 -7.00 -3.50 -5.60
CA SER A 57 -7.63 -4.78 -5.90
C SER A 57 -7.24 -5.27 -7.29
N GLU A 58 -6.98 -4.32 -8.19
CA GLU A 58 -6.60 -4.65 -9.55
C GLU A 58 -5.15 -5.13 -9.62
N ILE A 59 -4.26 -4.42 -8.93
CA ILE A 59 -2.85 -4.76 -8.91
C ILE A 59 -2.61 -6.08 -8.18
N LEU A 60 -3.42 -6.34 -7.16
CA LEU A 60 -3.31 -7.57 -6.39
C LEU A 60 -3.90 -8.76 -7.15
N ARG A 61 -4.91 -8.49 -7.97
CA ARG A 61 -5.55 -9.52 -8.75
C ARG A 61 -4.61 -10.08 -9.81
N LYS A 62 -3.80 -9.20 -10.40
CA LYS A 62 -2.85 -9.60 -11.42
C LYS A 62 -1.74 -10.47 -10.84
N GLU A 63 -1.13 -9.99 -9.76
CA GLU A 63 -0.05 -10.73 -9.10
C GLU A 63 1.12 -10.93 -10.04
N GLU A 64 1.33 -9.98 -10.95
CA GLU A 64 2.42 -10.06 -11.91
C GLU A 64 3.64 -9.29 -11.42
N ASP A 65 4.80 -9.94 -11.44
CA ASP A 65 6.03 -9.31 -11.00
C ASP A 65 6.38 -8.10 -11.87
N PRO A 66 7.31 -7.25 -11.41
CA PRO A 66 7.73 -6.06 -12.15
C PRO A 66 8.55 -6.40 -13.41
N LYS A 67 8.92 -7.67 -13.55
CA LYS A 67 9.69 -8.12 -14.70
C LYS A 67 8.99 -7.78 -16.00
N THR A 68 7.68 -7.95 -16.02
CA THR A 68 6.88 -7.67 -17.21
C THR A 68 5.99 -6.45 -17.00
N ALA A 69 5.72 -6.13 -15.75
CA ALA A 69 4.87 -4.98 -15.41
C ALA A 69 5.44 -3.70 -16.00
N SER A 70 4.56 -2.77 -16.37
CA SER A 70 4.98 -1.49 -16.93
C SER A 70 5.49 -0.56 -15.84
N GLN A 71 5.87 0.65 -16.23
CA GLN A 71 6.38 1.64 -15.30
C GLN A 71 5.31 2.03 -14.28
N SER A 72 4.05 1.97 -14.69
CA SER A 72 2.93 2.32 -13.83
C SER A 72 2.94 1.46 -12.57
N LEU A 73 3.02 0.14 -12.76
CA LEU A 73 3.03 -0.80 -11.64
C LEU A 73 4.27 -0.59 -10.78
N LEU A 74 5.41 -0.35 -11.43
CA LEU A 74 6.67 -0.14 -10.72
C LEU A 74 6.56 1.05 -9.77
N VAL A 75 5.75 2.02 -10.14
CA VAL A 75 5.55 3.20 -9.31
C VAL A 75 4.68 2.89 -8.10
N ASN A 76 3.75 1.95 -8.28
CA ASN A 76 2.85 1.56 -7.20
C ASN A 76 3.59 0.68 -6.18
N LEU A 77 4.42 -0.22 -6.67
CA LEU A 77 5.18 -1.11 -5.81
C LEU A 77 6.19 -0.34 -4.97
N ARG A 78 6.83 0.65 -5.60
CA ARG A 78 7.81 1.48 -4.90
C ARG A 78 7.18 2.20 -3.72
N ALA A 79 5.96 2.70 -3.92
CA ALA A 79 5.25 3.41 -2.87
C ALA A 79 4.93 2.48 -1.70
N MET A 80 4.54 1.25 -2.02
CA MET A 80 4.21 0.28 -1.00
C MET A 80 5.46 -0.18 -0.25
N GLN A 81 6.56 -0.34 -0.98
CA GLN A 81 7.81 -0.77 -0.38
C GLN A 81 8.29 0.23 0.66
N ASN A 82 8.22 1.51 0.31
CA ASN A 82 8.64 2.57 1.23
C ASN A 82 7.69 2.68 2.42
N PHE A 83 6.40 2.53 2.15
CA PHE A 83 5.40 2.60 3.20
C PHE A 83 5.47 1.39 4.11
N LEU A 84 5.79 0.24 3.53
CA LEU A 84 5.90 -1.00 4.30
C LEU A 84 7.26 -1.09 4.99
N GLN A 85 8.27 -0.51 4.37
CA GLN A 85 9.62 -0.53 4.93
C GLN A 85 9.71 0.34 6.16
N LEU A 86 8.88 1.39 6.22
CA LEU A 86 8.86 2.29 7.35
C LEU A 86 8.58 1.55 8.66
N PRO A 87 9.07 2.08 9.79
CA PRO A 87 8.86 1.45 11.09
C PRO A 87 7.38 1.16 11.38
N GLU A 88 7.13 0.09 12.13
CA GLU A 88 5.76 -0.30 12.46
C GLU A 88 5.06 0.80 13.25
N ALA A 89 5.83 1.52 14.05
CA ALA A 89 5.28 2.61 14.85
C ALA A 89 4.66 3.69 13.97
N GLU A 90 5.30 3.96 12.84
CA GLU A 90 4.81 4.97 11.90
C GLU A 90 3.54 4.50 11.22
N ARG A 91 3.50 3.23 10.86
CA ARG A 91 2.32 2.66 10.19
C ARG A 91 1.09 2.79 11.07
N ASP A 92 1.26 2.55 12.36
CA ASP A 92 0.15 2.64 13.31
C ASP A 92 -0.39 4.07 13.37
N ARG A 93 0.50 5.04 13.29
CA ARG A 93 0.11 6.45 13.34
C ARG A 93 -0.66 6.85 12.08
N ILE A 94 -0.19 6.36 10.93
CA ILE A 94 -0.84 6.66 9.67
C ILE A 94 -2.19 5.98 9.56
N TYR A 95 -2.28 4.76 10.07
CA TYR A 95 -3.52 3.99 10.03
C TYR A 95 -4.58 4.64 10.93
N GLN A 96 -4.13 5.22 12.03
CA GLN A 96 -5.03 5.88 12.97
C GLN A 96 -5.21 7.35 12.63
N ASP A 97 -4.28 7.91 11.85
CA ASP A 97 -4.34 9.31 11.46
C ASP A 97 -5.70 9.65 10.84
N GLU A 98 -6.45 10.52 11.51
CA GLU A 98 -7.76 10.92 11.02
C GLU A 98 -7.78 12.41 10.69
N ARG A 99 -7.33 13.23 11.64
CA ARG A 99 -7.29 14.67 11.47
C ARG A 99 -6.09 15.09 10.62
N GLU A 100 -6.35 15.85 9.57
CA GLU A 100 -5.29 16.31 8.68
C GLU A 100 -4.66 17.61 9.18
N ARG A 101 -5.07 18.05 10.38
CA ARG A 101 -4.54 19.28 10.95
C ARG A 101 -3.19 19.03 11.64
N SER A 102 -2.90 17.77 11.92
CA SER A 102 -1.64 17.41 12.57
C SER A 102 -0.44 17.96 11.81
N LEU A 103 -0.17 17.37 10.65
CA LEU A 103 0.94 17.81 9.82
C LEU A 103 0.77 17.34 8.38
N ASN A 104 0.12 18.17 7.56
CA ASN A 104 -0.11 17.83 6.16
C ASN A 104 -0.52 19.06 5.37
N ALA A 105 0.25 19.38 4.33
CA ALA A 105 -0.04 20.54 3.50
C ALA A 105 -1.36 20.37 2.75
N ALA A 106 -2.07 21.47 2.55
CA ALA A 106 -3.35 21.44 1.85
C ALA A 106 -3.37 22.44 0.71
N ASN A 19 20.13 1.20 -8.89
CA ASN A 19 19.00 0.50 -9.54
C ASN A 19 18.58 -0.72 -8.74
N THR A 20 17.31 -0.76 -8.35
CA THR A 20 16.78 -1.88 -7.58
C THR A 20 15.35 -2.21 -8.00
N GLU A 21 15.14 -3.45 -8.42
CA GLU A 21 13.82 -3.90 -8.86
C GLU A 21 13.02 -4.47 -7.68
N VAL A 22 11.71 -4.32 -7.74
CA VAL A 22 10.84 -4.83 -6.68
C VAL A 22 10.67 -6.33 -6.79
N SER A 23 10.60 -7.00 -5.64
CA SER A 23 10.44 -8.45 -5.60
C SER A 23 8.99 -8.83 -5.32
N SER A 24 8.67 -10.10 -5.51
CA SER A 24 7.31 -10.59 -5.26
C SER A 24 6.89 -10.37 -3.81
N GLU A 25 7.88 -10.25 -2.93
CA GLU A 25 7.61 -10.04 -1.51
C GLU A 25 6.69 -8.84 -1.30
N ILE A 26 6.72 -7.91 -2.23
CA ILE A 26 5.89 -6.70 -2.13
C ILE A 26 4.40 -7.07 -2.03
N TYR A 27 3.97 -8.01 -2.86
CA TYR A 27 2.58 -8.45 -2.86
C TYR A 27 2.28 -9.30 -1.63
N GLN A 28 3.27 -10.08 -1.20
CA GLN A 28 3.11 -10.94 -0.04
C GLN A 28 3.07 -10.13 1.25
N TRP A 29 3.76 -8.99 1.25
CA TRP A 29 3.80 -8.12 2.41
C TRP A 29 2.46 -7.42 2.62
N VAL A 30 1.83 -7.03 1.52
CA VAL A 30 0.53 -6.36 1.59
C VAL A 30 -0.54 -7.27 2.17
N ARG A 31 -0.51 -8.54 1.78
CA ARG A 31 -1.48 -9.52 2.26
C ARG A 31 -1.28 -9.79 3.76
N ASP A 32 -0.07 -10.18 4.13
CA ASP A 32 0.24 -10.47 5.52
C ASP A 32 0.02 -9.24 6.41
N GLU A 33 0.20 -8.07 5.83
CA GLU A 33 0.01 -6.82 6.56
C GLU A 33 -1.47 -6.47 6.67
N LEU A 34 -2.25 -6.87 5.67
CA LEU A 34 -3.68 -6.59 5.66
C LEU A 34 -4.39 -7.39 6.75
N LYS A 35 -4.26 -8.72 6.70
CA LYS A 35 -4.89 -9.59 7.68
C LYS A 35 -4.40 -9.27 9.08
N ARG A 36 -3.10 -9.01 9.21
CA ARG A 36 -2.52 -8.70 10.51
C ARG A 36 -3.15 -7.44 11.10
N ALA A 37 -2.94 -6.32 10.43
CA ALA A 37 -3.49 -5.04 10.89
C ALA A 37 -5.01 -5.09 10.96
N GLY A 38 -5.64 -5.50 9.86
CA GLY A 38 -7.09 -5.58 9.82
C GLY A 38 -7.73 -4.26 9.46
N ILE A 39 -7.56 -3.84 8.21
CA ILE A 39 -8.12 -2.58 7.74
C ILE A 39 -8.71 -2.74 6.34
N SER A 40 -9.33 -1.68 5.84
CA SER A 40 -9.94 -1.69 4.52
C SER A 40 -8.94 -1.24 3.46
N GLN A 41 -9.14 -1.70 2.22
CA GLN A 41 -8.26 -1.34 1.12
C GLN A 41 -8.25 0.17 0.90
N ALA A 42 -9.37 0.81 1.20
CA ALA A 42 -9.49 2.26 1.04
C ALA A 42 -8.46 2.99 1.89
N VAL A 43 -8.33 2.58 3.15
CA VAL A 43 -7.39 3.19 4.06
C VAL A 43 -5.96 2.77 3.75
N PHE A 44 -5.79 1.53 3.31
CA PHE A 44 -4.48 1.00 2.97
C PHE A 44 -3.96 1.61 1.67
N ALA A 45 -4.88 2.04 0.82
CA ALA A 45 -4.51 2.63 -0.47
C ALA A 45 -3.97 4.05 -0.28
N ARG A 46 -4.76 4.91 0.36
CA ARG A 46 -4.36 6.29 0.59
C ARG A 46 -3.06 6.36 1.39
N VAL A 47 -2.98 5.57 2.46
CA VAL A 47 -1.79 5.55 3.30
C VAL A 47 -0.58 5.05 2.52
N ALA A 48 -0.82 4.13 1.58
CA ALA A 48 0.25 3.58 0.77
C ALA A 48 0.56 4.47 -0.43
N PHE A 49 -0.36 4.50 -1.38
CA PHE A 49 -0.20 5.31 -2.58
C PHE A 49 -1.52 5.92 -3.02
N ASN A 50 -1.63 7.25 -2.91
CA ASN A 50 -2.84 7.96 -3.30
C ASN A 50 -3.18 7.69 -4.76
N ARG A 51 -4.41 7.22 -5.00
CA ARG A 51 -4.85 6.93 -6.36
C ARG A 51 -6.35 6.63 -6.38
N THR A 52 -6.84 6.19 -7.53
CA THR A 52 -8.26 5.87 -7.68
C THR A 52 -8.57 4.49 -7.09
N GLN A 53 -9.37 4.48 -6.03
CA GLN A 53 -9.75 3.23 -5.37
C GLN A 53 -10.19 2.17 -6.38
N GLY A 54 -9.64 0.97 -6.23
CA GLY A 54 -9.98 -0.11 -7.14
C GLY A 54 -8.77 -0.64 -7.91
N LEU A 55 -7.68 0.12 -7.88
CA LEU A 55 -6.46 -0.29 -8.58
C LEU A 55 -5.68 -1.32 -7.77
N LEU A 56 -5.58 -1.10 -6.46
CA LEU A 56 -4.86 -2.02 -5.59
C LEU A 56 -5.40 -3.44 -5.71
N SER A 57 -6.69 -3.55 -6.06
CA SER A 57 -7.33 -4.86 -6.19
C SER A 57 -6.81 -5.58 -7.43
N GLU A 58 -6.83 -4.89 -8.58
CA GLU A 58 -6.37 -5.47 -9.83
C GLU A 58 -4.87 -5.78 -9.78
N ILE A 59 -4.10 -4.86 -9.20
CA ILE A 59 -2.65 -5.04 -9.09
C ILE A 59 -2.32 -6.30 -8.30
N LEU A 60 -3.01 -6.49 -7.18
CA LEU A 60 -2.77 -7.66 -6.34
C LEU A 60 -3.39 -8.91 -6.97
N ARG A 61 -4.48 -8.74 -7.71
CA ARG A 61 -5.16 -9.85 -8.36
C ARG A 61 -4.29 -10.42 -9.48
N LYS A 62 -3.76 -9.55 -10.32
CA LYS A 62 -2.92 -9.97 -11.43
C LYS A 62 -1.62 -10.57 -10.93
N GLU A 63 -1.03 -9.95 -9.91
CA GLU A 63 0.22 -10.42 -9.35
C GLU A 63 1.34 -10.40 -10.38
N GLU A 64 1.26 -9.46 -11.31
CA GLU A 64 2.27 -9.33 -12.36
C GLU A 64 3.60 -8.87 -11.78
N ASP A 65 4.68 -9.47 -12.25
CA ASP A 65 6.02 -9.12 -11.77
C ASP A 65 6.48 -7.79 -12.38
N PRO A 66 7.31 -7.03 -11.64
CA PRO A 66 7.81 -5.74 -12.10
C PRO A 66 8.88 -5.89 -13.19
N LYS A 67 9.28 -7.12 -13.48
CA LYS A 67 10.29 -7.39 -14.49
C LYS A 67 9.78 -7.02 -15.87
N THR A 68 8.67 -7.62 -16.28
CA THR A 68 8.09 -7.36 -17.59
C THR A 68 6.80 -6.56 -17.47
N ALA A 69 6.75 -5.67 -16.49
CA ALA A 69 5.57 -4.84 -16.27
C ALA A 69 5.77 -3.44 -16.86
N SER A 70 4.78 -2.57 -16.66
CA SER A 70 4.85 -1.21 -17.17
C SER A 70 5.52 -0.28 -16.15
N GLN A 71 5.73 0.97 -16.56
CA GLN A 71 6.37 1.95 -15.68
C GLN A 71 5.42 2.36 -14.56
N SER A 72 4.12 2.37 -14.86
CA SER A 72 3.12 2.75 -13.87
C SER A 72 3.17 1.82 -12.65
N LEU A 73 3.21 0.53 -12.91
CA LEU A 73 3.27 -0.46 -11.84
C LEU A 73 4.53 -0.32 -11.02
N LEU A 74 5.64 -0.03 -11.70
CA LEU A 74 6.93 0.14 -11.03
C LEU A 74 6.88 1.28 -10.03
N VAL A 75 6.09 2.31 -10.35
CA VAL A 75 5.95 3.47 -9.47
C VAL A 75 5.08 3.13 -8.25
N ASN A 76 4.04 2.33 -8.48
CA ASN A 76 3.14 1.93 -7.40
C ASN A 76 3.84 0.99 -6.43
N LEU A 77 4.48 -0.04 -6.97
CA LEU A 77 5.19 -1.02 -6.14
C LEU A 77 6.26 -0.34 -5.29
N ARG A 78 6.83 0.73 -5.81
CA ARG A 78 7.87 1.47 -5.11
C ARG A 78 7.31 2.09 -3.83
N ALA A 79 6.14 2.71 -3.95
CA ALA A 79 5.50 3.35 -2.80
C ALA A 79 5.01 2.31 -1.79
N MET A 80 4.41 1.24 -2.30
CA MET A 80 3.90 0.17 -1.45
C MET A 80 5.03 -0.46 -0.64
N GLN A 81 6.21 -0.55 -1.24
CA GLN A 81 7.37 -1.13 -0.58
C GLN A 81 7.86 -0.22 0.56
N ASN A 82 7.93 1.07 0.27
CA ASN A 82 8.38 2.04 1.26
C ASN A 82 7.43 2.10 2.44
N PHE A 83 6.14 1.94 2.17
CA PHE A 83 5.12 1.98 3.21
C PHE A 83 5.22 0.76 4.10
N LEU A 84 5.61 -0.37 3.53
CA LEU A 84 5.74 -1.62 4.27
C LEU A 84 7.10 -1.69 4.95
N GLN A 85 8.10 -1.08 4.34
CA GLN A 85 9.46 -1.09 4.89
C GLN A 85 9.55 -0.22 6.14
N LEU A 86 8.70 0.80 6.20
CA LEU A 86 8.68 1.72 7.35
C LEU A 86 8.42 0.95 8.65
N PRO A 87 8.80 1.54 9.80
CA PRO A 87 8.61 0.91 11.11
C PRO A 87 7.13 0.85 11.50
N GLU A 88 6.84 0.04 12.52
CA GLU A 88 5.46 -0.11 12.99
C GLU A 88 4.95 1.19 13.60
N ALA A 89 5.85 1.94 14.22
CA ALA A 89 5.49 3.21 14.85
C ALA A 89 4.92 4.18 13.83
N GLU A 90 5.45 4.13 12.61
CA GLU A 90 4.99 5.01 11.54
C GLU A 90 3.63 4.57 11.02
N ARG A 91 3.53 3.28 10.65
CA ARG A 91 2.29 2.73 10.12
C ARG A 91 1.15 2.87 11.14
N ASP A 92 1.51 2.85 12.42
CA ASP A 92 0.51 2.97 13.49
C ASP A 92 -0.01 4.40 13.57
N ARG A 93 0.85 5.37 13.29
CA ARG A 93 0.46 6.77 13.35
C ARG A 93 -0.34 7.16 12.10
N ILE A 94 -0.03 6.52 10.98
CA ILE A 94 -0.72 6.79 9.73
C ILE A 94 -2.12 6.17 9.72
N TYR A 95 -2.22 4.96 10.25
CA TYR A 95 -3.50 4.25 10.30
C TYR A 95 -4.46 4.94 11.27
N GLN A 96 -3.91 5.58 12.30
CA GLN A 96 -4.71 6.27 13.29
C GLN A 96 -5.08 7.68 12.83
N ASP A 97 -4.05 8.46 12.48
CA ASP A 97 -4.26 9.83 12.02
C ASP A 97 -4.62 9.87 10.54
N GLU A 98 -4.79 11.07 10.00
CA GLU A 98 -5.14 11.23 8.60
C GLU A 98 -4.85 12.67 8.14
N ARG A 99 -5.29 12.99 6.93
CA ARG A 99 -5.08 14.32 6.37
C ARG A 99 -6.31 15.20 6.59
N GLU A 100 -7.45 14.73 6.11
CA GLU A 100 -8.70 15.47 6.25
C GLU A 100 -9.25 15.34 7.67
N ARG A 101 -10.48 15.82 7.87
CA ARG A 101 -11.12 15.75 9.18
C ARG A 101 -11.85 14.43 9.36
N SER A 102 -13.00 14.30 8.69
CA SER A 102 -13.79 13.08 8.78
C SER A 102 -13.28 12.01 7.83
N LEU A 103 -13.98 10.88 7.76
CA LEU A 103 -13.59 9.79 6.88
C LEU A 103 -14.53 9.68 5.69
N ASN A 104 -14.17 8.84 4.73
CA ASN A 104 -14.98 8.63 3.53
C ASN A 104 -15.14 7.15 3.22
N ALA A 105 -14.99 6.31 4.24
CA ALA A 105 -15.10 4.86 4.07
C ALA A 105 -16.48 4.38 4.52
N ALA A 106 -17.49 4.61 3.70
CA ALA A 106 -18.84 4.19 4.02
C ALA A 106 -19.08 2.74 3.63
N ASN A 19 15.85 -4.47 -2.07
CA ASN A 19 15.86 -2.99 -2.06
C ASN A 19 16.07 -2.41 -3.46
N THR A 20 17.05 -2.96 -4.18
CA THR A 20 17.35 -2.51 -5.53
C THR A 20 16.17 -2.77 -6.47
N GLU A 21 15.79 -4.04 -6.59
CA GLU A 21 14.69 -4.42 -7.46
C GLU A 21 13.42 -4.66 -6.65
N VAL A 22 12.30 -4.84 -7.35
CA VAL A 22 11.02 -5.07 -6.70
C VAL A 22 10.71 -6.56 -6.63
N SER A 23 11.15 -7.21 -5.55
CA SER A 23 10.92 -8.64 -5.37
C SER A 23 9.43 -8.93 -5.20
N SER A 24 9.04 -10.18 -5.47
CA SER A 24 7.65 -10.58 -5.35
C SER A 24 7.16 -10.46 -3.92
N GLU A 25 8.09 -10.45 -2.97
CA GLU A 25 7.75 -10.35 -1.55
C GLU A 25 6.85 -9.14 -1.30
N ILE A 26 6.96 -8.12 -2.16
CA ILE A 26 6.15 -6.92 -2.01
C ILE A 26 4.66 -7.25 -2.03
N TYR A 27 4.27 -8.14 -2.94
CA TYR A 27 2.87 -8.54 -3.06
C TYR A 27 2.44 -9.38 -1.86
N GLN A 28 3.30 -10.33 -1.47
CA GLN A 28 3.00 -11.21 -0.34
C GLN A 28 2.95 -10.41 0.95
N TRP A 29 3.74 -9.35 1.03
CA TRP A 29 3.78 -8.50 2.22
C TRP A 29 2.50 -7.71 2.37
N VAL A 30 1.92 -7.29 1.24
CA VAL A 30 0.68 -6.53 1.25
C VAL A 30 -0.47 -7.35 1.81
N ARG A 31 -0.49 -8.64 1.48
CA ARG A 31 -1.53 -9.54 1.95
C ARG A 31 -1.35 -9.86 3.43
N ASP A 32 -0.10 -10.04 3.84
CA ASP A 32 0.22 -10.35 5.23
C ASP A 32 0.03 -9.12 6.12
N GLU A 33 0.34 -7.94 5.57
CA GLU A 33 0.21 -6.70 6.33
C GLU A 33 -1.26 -6.33 6.52
N LEU A 34 -2.02 -6.40 5.43
CA LEU A 34 -3.44 -6.06 5.48
C LEU A 34 -4.18 -6.98 6.46
N LYS A 35 -3.70 -8.21 6.59
CA LYS A 35 -4.32 -9.18 7.50
C LYS A 35 -3.85 -8.96 8.93
N ARG A 36 -2.57 -8.63 9.08
CA ARG A 36 -2.01 -8.40 10.41
C ARG A 36 -2.48 -7.07 10.98
N ALA A 37 -2.72 -6.10 10.09
CA ALA A 37 -3.18 -4.78 10.51
C ALA A 37 -4.67 -4.82 10.87
N GLY A 38 -5.51 -5.02 9.85
CA GLY A 38 -6.93 -5.06 10.08
C GLY A 38 -7.65 -3.82 9.57
N ILE A 39 -7.50 -3.56 8.27
CA ILE A 39 -8.13 -2.40 7.65
C ILE A 39 -8.65 -2.73 6.26
N SER A 40 -9.24 -1.74 5.60
CA SER A 40 -9.79 -1.93 4.27
C SER A 40 -8.76 -1.55 3.20
N GLN A 41 -8.89 -2.13 2.02
CA GLN A 41 -7.97 -1.85 0.92
C GLN A 41 -7.97 -0.36 0.56
N ALA A 42 -9.10 0.30 0.79
CA ALA A 42 -9.23 1.72 0.50
C ALA A 42 -8.23 2.54 1.31
N VAL A 43 -8.16 2.26 2.61
CA VAL A 43 -7.25 2.96 3.50
C VAL A 43 -5.80 2.64 3.17
N PHE A 44 -5.50 1.35 3.11
CA PHE A 44 -4.14 0.90 2.81
C PHE A 44 -3.67 1.45 1.45
N ALA A 45 -4.54 1.36 0.46
CA ALA A 45 -4.22 1.84 -0.88
C ALA A 45 -3.99 3.35 -0.89
N ARG A 46 -4.65 4.04 0.03
CA ARG A 46 -4.51 5.49 0.13
C ARG A 46 -3.20 5.87 0.80
N VAL A 47 -2.94 5.27 1.96
CA VAL A 47 -1.72 5.54 2.71
C VAL A 47 -0.50 5.01 1.97
N ALA A 48 -0.66 3.86 1.32
CA ALA A 48 0.44 3.25 0.58
C ALA A 48 0.79 4.08 -0.66
N PHE A 49 -0.18 4.28 -1.52
CA PHE A 49 0.03 5.05 -2.75
C PHE A 49 -1.26 5.74 -3.19
N ASN A 50 -1.29 7.07 -3.09
CA ASN A 50 -2.46 7.84 -3.48
C ASN A 50 -2.57 7.93 -5.00
N ARG A 51 -3.67 7.42 -5.54
CA ARG A 51 -3.89 7.45 -6.98
C ARG A 51 -5.37 7.29 -7.30
N THR A 52 -5.91 6.11 -6.99
CA THR A 52 -7.32 5.82 -7.25
C THR A 52 -7.80 4.64 -6.41
N GLN A 53 -9.06 4.68 -6.01
CA GLN A 53 -9.65 3.62 -5.20
C GLN A 53 -10.05 2.44 -6.09
N GLY A 54 -9.96 1.23 -5.53
CA GLY A 54 -10.31 0.04 -6.27
C GLY A 54 -9.24 -0.37 -7.26
N LEU A 55 -8.12 0.34 -7.26
CA LEU A 55 -7.02 0.04 -8.17
C LEU A 55 -6.07 -0.99 -7.55
N LEU A 56 -5.99 -0.98 -6.22
CA LEU A 56 -5.11 -1.91 -5.51
C LEU A 56 -5.57 -3.36 -5.72
N SER A 57 -6.83 -3.53 -6.10
CA SER A 57 -7.37 -4.87 -6.33
C SER A 57 -6.74 -5.51 -7.56
N GLU A 58 -6.99 -4.93 -8.73
CA GLU A 58 -6.46 -5.46 -9.99
C GLU A 58 -4.94 -5.64 -9.91
N ILE A 59 -4.26 -4.68 -9.27
CA ILE A 59 -2.81 -4.74 -9.13
C ILE A 59 -2.39 -6.00 -8.37
N LEU A 60 -3.22 -6.41 -7.42
CA LEU A 60 -2.94 -7.61 -6.63
C LEU A 60 -3.54 -8.85 -7.28
N ARG A 61 -4.65 -8.67 -7.99
CA ARG A 61 -5.31 -9.78 -8.66
C ARG A 61 -4.52 -10.24 -9.87
N LYS A 62 -3.98 -9.27 -10.62
CA LYS A 62 -3.20 -9.58 -11.81
C LYS A 62 -1.99 -10.43 -11.47
N GLU A 63 -1.33 -10.11 -10.36
CA GLU A 63 -0.16 -10.85 -9.92
C GLU A 63 0.96 -10.77 -10.95
N GLU A 64 1.02 -9.65 -11.67
CA GLU A 64 2.04 -9.46 -12.69
C GLU A 64 3.37 -9.07 -12.06
N ASP A 65 4.47 -9.58 -12.62
CA ASP A 65 5.80 -9.28 -12.11
C ASP A 65 6.33 -7.97 -12.69
N PRO A 66 7.05 -7.18 -11.88
CA PRO A 66 7.63 -5.90 -12.33
C PRO A 66 8.44 -6.04 -13.61
N LYS A 67 8.97 -7.23 -13.84
CA LYS A 67 9.77 -7.49 -15.03
C LYS A 67 8.98 -7.19 -16.30
N THR A 68 7.75 -7.68 -16.37
CA THR A 68 6.90 -7.45 -17.52
C THR A 68 5.74 -6.51 -17.19
N ALA A 69 5.98 -5.62 -16.23
CA ALA A 69 4.96 -4.66 -15.82
C ALA A 69 5.19 -3.30 -16.44
N SER A 70 4.34 -2.34 -16.11
CA SER A 70 4.46 -0.99 -16.65
C SER A 70 5.12 -0.05 -15.64
N GLN A 71 5.42 1.17 -16.07
CA GLN A 71 6.06 2.14 -15.20
C GLN A 71 5.16 2.49 -14.01
N SER A 72 3.85 2.48 -14.25
CA SER A 72 2.89 2.79 -13.20
C SER A 72 2.94 1.74 -12.09
N LEU A 73 2.96 0.47 -12.48
CA LEU A 73 3.01 -0.62 -11.52
C LEU A 73 4.33 -0.60 -10.74
N LEU A 74 5.42 -0.32 -11.44
CA LEU A 74 6.74 -0.27 -10.82
C LEU A 74 6.78 0.78 -9.72
N VAL A 75 6.08 1.88 -9.95
CA VAL A 75 6.03 2.97 -8.97
C VAL A 75 5.07 2.63 -7.83
N ASN A 76 3.97 1.96 -8.16
CA ASN A 76 2.98 1.58 -7.15
C ASN A 76 3.61 0.66 -6.11
N LEU A 77 4.31 -0.36 -6.58
CA LEU A 77 4.96 -1.31 -5.68
C LEU A 77 6.05 -0.63 -4.86
N ARG A 78 6.76 0.28 -5.50
CA ARG A 78 7.84 1.01 -4.83
C ARG A 78 7.30 1.81 -3.64
N ALA A 79 6.14 2.44 -3.83
CA ALA A 79 5.52 3.22 -2.78
C ALA A 79 5.12 2.33 -1.60
N MET A 80 4.52 1.19 -1.92
CA MET A 80 4.09 0.25 -0.88
C MET A 80 5.27 -0.23 -0.06
N GLN A 81 6.42 -0.36 -0.71
CA GLN A 81 7.63 -0.81 -0.02
C GLN A 81 8.06 0.20 1.03
N ASN A 82 8.05 1.48 0.67
CA ASN A 82 8.45 2.54 1.58
C ASN A 82 7.53 2.56 2.81
N PHE A 83 6.22 2.52 2.56
CA PHE A 83 5.24 2.53 3.64
C PHE A 83 5.42 1.33 4.55
N LEU A 84 5.87 0.21 3.97
CA LEU A 84 6.09 -1.01 4.73
C LEU A 84 7.46 -1.00 5.40
N GLN A 85 8.41 -0.30 4.79
CA GLN A 85 9.76 -0.21 5.34
C GLN A 85 9.78 0.62 6.62
N LEU A 86 8.93 1.64 6.67
CA LEU A 86 8.85 2.51 7.84
C LEU A 86 8.46 1.71 9.08
N PRO A 87 8.97 2.11 10.26
CA PRO A 87 8.67 1.43 11.53
C PRO A 87 7.17 1.27 11.75
N GLU A 88 6.80 0.23 12.50
CA GLU A 88 5.40 -0.03 12.80
C GLU A 88 4.76 1.15 13.53
N ALA A 89 5.58 1.85 14.31
CA ALA A 89 5.10 3.00 15.08
C ALA A 89 4.54 4.07 14.15
N GLU A 90 5.25 4.34 13.07
CA GLU A 90 4.82 5.35 12.10
C GLU A 90 3.59 4.87 11.33
N ARG A 91 3.58 3.60 10.96
CA ARG A 91 2.47 3.02 10.22
C ARG A 91 1.19 3.09 11.04
N ASP A 92 1.30 2.85 12.35
CA ASP A 92 0.15 2.90 13.24
C ASP A 92 -0.41 4.30 13.35
N ARG A 93 0.49 5.29 13.39
CA ARG A 93 0.09 6.68 13.49
C ARG A 93 -0.74 7.10 12.28
N ILE A 94 -0.40 6.56 11.12
CA ILE A 94 -1.11 6.88 9.89
C ILE A 94 -2.39 6.06 9.77
N TYR A 95 -2.34 4.81 10.24
CA TYR A 95 -3.49 3.93 10.19
C TYR A 95 -4.67 4.52 10.97
N GLN A 96 -4.36 5.22 12.05
CA GLN A 96 -5.40 5.83 12.89
C GLN A 96 -5.91 7.11 12.25
N ASP A 97 -5.03 8.09 12.08
CA ASP A 97 -5.40 9.36 11.48
C ASP A 97 -5.83 9.18 10.03
N GLU A 98 -7.06 9.57 9.72
CA GLU A 98 -7.60 9.45 8.37
C GLU A 98 -7.78 10.82 7.74
N ARG A 99 -8.02 10.84 6.43
CA ARG A 99 -8.22 12.08 5.70
C ARG A 99 -9.71 12.43 5.58
N GLU A 100 -10.54 11.75 6.37
CA GLU A 100 -11.97 11.99 6.34
C GLU A 100 -12.34 13.28 7.07
N ARG A 101 -11.66 13.53 8.19
CA ARG A 101 -11.91 14.73 8.98
C ARG A 101 -10.88 15.82 8.66
N SER A 102 -10.41 15.82 7.42
CA SER A 102 -9.43 16.81 6.97
C SER A 102 -10.11 18.10 6.53
N LEU A 103 -11.18 17.95 5.77
CA LEU A 103 -11.94 19.10 5.27
C LEU A 103 -13.43 18.81 5.26
N ASN A 104 -13.87 17.98 6.19
CA ASN A 104 -15.29 17.61 6.29
C ASN A 104 -16.02 18.55 7.25
N ALA A 105 -15.58 18.57 8.51
CA ALA A 105 -16.19 19.41 9.52
C ALA A 105 -16.04 20.90 9.16
N ALA A 106 -14.96 21.22 8.48
CA ALA A 106 -14.69 22.60 8.07
C ALA A 106 -15.82 23.13 7.18
N ASN A 19 18.26 1.29 -10.20
CA ASN A 19 17.11 0.41 -10.53
C ASN A 19 16.43 -0.11 -9.27
N THR A 20 15.11 0.03 -9.21
CA THR A 20 14.35 -0.43 -8.06
C THR A 20 13.71 -1.78 -8.32
N GLU A 21 14.35 -2.84 -7.85
CA GLU A 21 13.83 -4.19 -8.03
C GLU A 21 12.88 -4.57 -6.91
N VAL A 22 11.71 -5.07 -7.28
CA VAL A 22 10.71 -5.48 -6.31
C VAL A 22 10.31 -6.94 -6.49
N SER A 23 10.45 -7.73 -5.43
CA SER A 23 10.13 -9.14 -5.48
C SER A 23 8.64 -9.37 -5.19
N SER A 24 8.18 -10.60 -5.40
CA SER A 24 6.79 -10.95 -5.15
C SER A 24 6.41 -10.74 -3.68
N GLU A 25 7.42 -10.73 -2.81
CA GLU A 25 7.19 -10.53 -1.38
C GLU A 25 6.35 -9.28 -1.12
N ILE A 26 6.44 -8.31 -2.03
CA ILE A 26 5.70 -7.06 -1.89
C ILE A 26 4.19 -7.34 -1.84
N TYR A 27 3.73 -8.26 -2.68
CA TYR A 27 2.32 -8.61 -2.73
C TYR A 27 1.91 -9.40 -1.49
N GLN A 28 2.81 -10.24 -1.00
CA GLN A 28 2.55 -11.05 0.18
C GLN A 28 2.49 -10.18 1.43
N TRP A 29 3.32 -9.14 1.48
CA TRP A 29 3.36 -8.24 2.61
C TRP A 29 2.04 -7.50 2.77
N VAL A 30 1.47 -7.09 1.64
CA VAL A 30 0.19 -6.38 1.65
C VAL A 30 -0.90 -7.21 2.31
N ARG A 31 -1.07 -8.43 1.84
CA ARG A 31 -2.08 -9.33 2.39
C ARG A 31 -1.84 -9.58 3.87
N ASP A 32 -0.58 -9.76 4.24
CA ASP A 32 -0.22 -10.00 5.64
C ASP A 32 -0.48 -8.77 6.50
N GLU A 33 -0.24 -7.59 5.93
CA GLU A 33 -0.45 -6.34 6.64
C GLU A 33 -1.94 -6.07 6.83
N LEU A 34 -2.71 -6.23 5.76
CA LEU A 34 -4.14 -6.00 5.81
C LEU A 34 -4.81 -6.93 6.83
N LYS A 35 -4.29 -8.15 6.93
CA LYS A 35 -4.83 -9.12 7.88
C LYS A 35 -4.36 -8.84 9.30
N ARG A 36 -3.04 -8.69 9.45
CA ARG A 36 -2.45 -8.42 10.76
C ARG A 36 -2.93 -7.07 11.30
N ALA A 37 -2.78 -6.04 10.49
CA ALA A 37 -3.20 -4.70 10.89
C ALA A 37 -4.69 -4.65 11.20
N GLY A 38 -5.51 -5.02 10.22
CA GLY A 38 -6.94 -5.01 10.42
C GLY A 38 -7.59 -3.71 9.94
N ILE A 39 -7.41 -3.41 8.66
CA ILE A 39 -7.98 -2.19 8.08
C ILE A 39 -8.56 -2.46 6.70
N SER A 40 -9.36 -1.52 6.21
CA SER A 40 -9.99 -1.66 4.90
C SER A 40 -8.98 -1.35 3.80
N GLN A 41 -9.25 -1.86 2.60
CA GLN A 41 -8.37 -1.65 1.45
C GLN A 41 -8.35 -0.17 1.06
N ALA A 42 -9.46 0.50 1.27
CA ALA A 42 -9.57 1.92 0.93
C ALA A 42 -8.54 2.76 1.68
N VAL A 43 -8.27 2.37 2.92
CA VAL A 43 -7.30 3.08 3.75
C VAL A 43 -5.87 2.70 3.36
N PHE A 44 -5.60 1.41 3.34
CA PHE A 44 -4.26 0.91 3.00
C PHE A 44 -3.83 1.41 1.62
N ALA A 45 -4.82 1.60 0.73
CA ALA A 45 -4.54 2.07 -0.62
C ALA A 45 -4.38 3.58 -0.65
N ARG A 46 -5.07 4.27 0.27
CA ARG A 46 -5.02 5.72 0.33
C ARG A 46 -3.68 6.18 0.91
N VAL A 47 -3.26 5.56 2.01
CA VAL A 47 -2.01 5.91 2.65
C VAL A 47 -0.81 5.50 1.81
N ALA A 48 -0.93 4.34 1.15
CA ALA A 48 0.15 3.84 0.30
C ALA A 48 0.30 4.68 -0.95
N PHE A 49 -0.77 4.79 -1.72
CA PHE A 49 -0.75 5.58 -2.95
C PHE A 49 -2.15 6.09 -3.29
N ASN A 50 -2.37 7.39 -3.07
CA ASN A 50 -3.66 8.00 -3.35
C ASN A 50 -3.87 8.16 -4.86
N ARG A 51 -4.59 7.21 -5.46
CA ARG A 51 -4.86 7.24 -6.89
C ARG A 51 -6.23 6.66 -7.19
N THR A 52 -6.39 5.37 -6.93
CA THR A 52 -7.66 4.69 -7.18
C THR A 52 -7.82 3.47 -6.27
N GLN A 53 -8.83 3.51 -5.41
CA GLN A 53 -9.09 2.42 -4.49
C GLN A 53 -9.37 1.11 -5.23
N GLY A 54 -9.80 1.23 -6.48
CA GLY A 54 -10.09 0.05 -7.28
C GLY A 54 -8.90 -0.44 -8.07
N LEU A 55 -7.71 0.01 -7.69
CA LEU A 55 -6.49 -0.39 -8.39
C LEU A 55 -5.75 -1.49 -7.62
N LEU A 56 -5.77 -1.39 -6.29
CA LEU A 56 -5.12 -2.37 -5.44
C LEU A 56 -5.66 -3.78 -5.71
N SER A 57 -6.98 -3.87 -5.84
CA SER A 57 -7.64 -5.16 -6.09
C SER A 57 -7.23 -5.72 -7.45
N GLU A 58 -6.91 -4.83 -8.38
CA GLU A 58 -6.50 -5.24 -9.72
C GLU A 58 -5.04 -5.66 -9.74
N ILE A 59 -4.19 -4.88 -9.07
CA ILE A 59 -2.77 -5.17 -9.01
C ILE A 59 -2.50 -6.44 -8.21
N LEU A 60 -3.18 -6.58 -7.09
CA LEU A 60 -3.02 -7.76 -6.23
C LEU A 60 -3.51 -9.01 -6.93
N ARG A 61 -4.55 -8.87 -7.75
CA ARG A 61 -5.11 -10.00 -8.48
C ARG A 61 -4.16 -10.47 -9.57
N LYS A 62 -3.51 -9.51 -10.23
CA LYS A 62 -2.57 -9.82 -11.30
C LYS A 62 -1.36 -10.58 -10.76
N GLU A 63 -0.76 -10.05 -9.70
CA GLU A 63 0.41 -10.67 -9.10
C GLU A 63 1.55 -10.77 -10.10
N GLU A 64 1.62 -9.82 -11.02
CA GLU A 64 2.66 -9.80 -12.03
C GLU A 64 3.98 -9.29 -11.45
N ASP A 65 5.07 -9.97 -11.78
CA ASP A 65 6.39 -9.58 -11.29
C ASP A 65 6.85 -8.28 -11.94
N PRO A 66 7.26 -7.28 -11.13
CA PRO A 66 7.72 -5.99 -11.65
C PRO A 66 9.17 -6.04 -12.13
N LYS A 67 9.48 -6.98 -13.00
CA LYS A 67 10.83 -7.14 -13.53
C LYS A 67 10.94 -6.50 -14.92
N THR A 68 9.94 -6.74 -15.76
CA THR A 68 9.94 -6.19 -17.11
C THR A 68 8.63 -5.46 -17.40
N ALA A 69 8.04 -4.88 -16.36
CA ALA A 69 6.78 -4.15 -16.50
C ALA A 69 7.03 -2.70 -16.88
N SER A 70 5.95 -1.94 -17.01
CA SER A 70 6.05 -0.52 -17.37
C SER A 70 6.49 0.32 -16.17
N GLN A 71 6.71 1.60 -16.41
CA GLN A 71 7.13 2.52 -15.35
C GLN A 71 5.96 2.90 -14.45
N SER A 72 4.76 2.93 -15.04
CA SER A 72 3.56 3.29 -14.29
C SER A 72 3.33 2.31 -13.14
N LEU A 73 3.58 1.02 -13.40
CA LEU A 73 3.41 -0.01 -12.39
C LEU A 73 4.50 0.06 -11.33
N LEU A 74 5.73 0.31 -11.78
CA LEU A 74 6.87 0.40 -10.88
C LEU A 74 6.68 1.54 -9.89
N VAL A 75 6.23 2.69 -10.38
CA VAL A 75 6.01 3.85 -9.53
C VAL A 75 4.96 3.55 -8.47
N ASN A 76 3.86 2.94 -8.88
CA ASN A 76 2.78 2.60 -7.95
C ASN A 76 3.26 1.57 -6.93
N LEU A 77 3.94 0.54 -7.40
CA LEU A 77 4.45 -0.51 -6.53
C LEU A 77 5.46 0.05 -5.54
N ARG A 78 6.22 1.05 -5.99
CA ARG A 78 7.23 1.68 -5.15
C ARG A 78 6.59 2.34 -3.94
N ALA A 79 5.47 3.01 -4.17
CA ALA A 79 4.75 3.70 -3.10
C ALA A 79 4.32 2.72 -2.01
N MET A 80 3.69 1.62 -2.43
CA MET A 80 3.23 0.60 -1.48
C MET A 80 4.42 -0.08 -0.80
N GLN A 81 5.48 -0.30 -1.56
CA GLN A 81 6.68 -0.94 -1.04
C GLN A 81 7.32 -0.10 0.05
N ASN A 82 7.44 1.20 -0.20
CA ASN A 82 8.03 2.12 0.76
C ASN A 82 7.21 2.17 2.04
N PHE A 83 5.90 2.07 1.90
CA PHE A 83 5.00 2.10 3.06
C PHE A 83 5.15 0.83 3.88
N LEU A 84 5.30 -0.30 3.20
CA LEU A 84 5.47 -1.59 3.87
C LEU A 84 6.89 -1.75 4.41
N GLN A 85 7.84 -1.17 3.69
CA GLN A 85 9.24 -1.26 4.09
C GLN A 85 9.51 -0.41 5.34
N LEU A 86 8.75 0.68 5.48
CA LEU A 86 8.90 1.57 6.63
C LEU A 86 8.67 0.82 7.93
N PRO A 87 9.17 1.37 9.05
CA PRO A 87 9.02 0.75 10.37
C PRO A 87 7.56 0.67 10.81
N GLU A 88 7.22 -0.37 11.57
CA GLU A 88 5.86 -0.56 12.06
C GLU A 88 5.42 0.63 12.91
N ALA A 89 6.38 1.26 13.57
CA ALA A 89 6.09 2.41 14.42
C ALA A 89 5.42 3.53 13.63
N GLU A 90 5.93 3.77 12.42
CA GLU A 90 5.38 4.81 11.56
C GLU A 90 4.02 4.40 11.00
N ARG A 91 3.92 3.15 10.58
CA ARG A 91 2.67 2.61 10.03
C ARG A 91 1.54 2.73 11.04
N ASP A 92 1.83 2.42 12.29
CA ASP A 92 0.82 2.48 13.35
C ASP A 92 0.29 3.91 13.50
N ARG A 93 1.20 4.88 13.44
CA ARG A 93 0.82 6.28 13.58
C ARG A 93 -0.10 6.70 12.44
N ILE A 94 0.30 6.40 11.21
CA ILE A 94 -0.49 6.75 10.04
C ILE A 94 -1.87 6.09 10.10
N TYR A 95 -1.90 4.82 10.50
CA TYR A 95 -3.15 4.08 10.60
C TYR A 95 -4.05 4.67 11.69
N GLN A 96 -3.42 5.21 12.72
CA GLN A 96 -4.17 5.81 13.83
C GLN A 96 -4.53 7.26 13.54
N ASP A 97 -4.05 7.78 12.40
CA ASP A 97 -4.33 9.16 12.02
C ASP A 97 -5.51 9.24 11.05
N GLU A 98 -6.44 8.30 11.18
CA GLU A 98 -7.61 8.27 10.31
C GLU A 98 -8.70 9.20 10.83
N ARG A 99 -9.17 10.09 9.97
CA ARG A 99 -10.21 11.04 10.34
C ARG A 99 -11.51 10.31 10.67
N GLU A 100 -11.60 9.80 11.89
CA GLU A 100 -12.79 9.08 12.34
C GLU A 100 -13.68 9.98 13.19
N ARG A 101 -14.68 9.38 13.82
CA ARG A 101 -15.61 10.13 14.67
C ARG A 101 -14.97 10.47 16.02
N SER A 102 -13.98 9.66 16.42
CA SER A 102 -13.29 9.88 17.68
C SER A 102 -12.72 11.30 17.76
N LEU A 103 -13.15 12.04 18.78
CA LEU A 103 -12.69 13.41 18.97
C LEU A 103 -12.40 13.68 20.45
N ASN A 104 -11.22 14.23 20.73
CA ASN A 104 -10.82 14.55 22.09
C ASN A 104 -10.55 16.04 22.26
N ALA A 105 -11.49 16.75 22.87
CA ALA A 105 -11.35 18.18 23.09
C ALA A 105 -10.69 18.47 24.43
N ALA A 106 -11.36 18.10 25.51
CA ALA A 106 -10.84 18.32 26.86
C ALA A 106 -10.96 17.07 27.71
N ASN A 19 18.67 2.01 -7.29
CA ASN A 19 18.32 0.69 -7.89
C ASN A 19 17.63 -0.21 -6.86
N THR A 20 16.34 0.03 -6.65
CA THR A 20 15.56 -0.74 -5.70
C THR A 20 14.87 -1.92 -6.39
N GLU A 21 15.50 -3.09 -6.33
CA GLU A 21 14.94 -4.28 -6.94
C GLU A 21 13.70 -4.75 -6.20
N VAL A 22 12.53 -4.55 -6.81
CA VAL A 22 11.27 -4.95 -6.21
C VAL A 22 11.01 -6.45 -6.43
N SER A 23 10.84 -7.17 -5.33
CA SER A 23 10.59 -8.61 -5.40
C SER A 23 9.11 -8.92 -5.23
N SER A 24 8.73 -10.16 -5.50
CA SER A 24 7.34 -10.58 -5.37
C SER A 24 6.86 -10.47 -3.94
N GLU A 25 7.79 -10.47 -2.99
CA GLU A 25 7.46 -10.36 -1.57
C GLU A 25 6.54 -9.17 -1.31
N ILE A 26 6.63 -8.15 -2.17
CA ILE A 26 5.81 -6.96 -2.02
C ILE A 26 4.32 -7.30 -2.05
N TYR A 27 3.93 -8.16 -2.99
CA TYR A 27 2.55 -8.58 -3.12
C TYR A 27 2.11 -9.41 -1.92
N GLN A 28 2.97 -10.33 -1.51
CA GLN A 28 2.68 -11.20 -0.37
C GLN A 28 2.63 -10.40 0.93
N TRP A 29 3.41 -9.32 0.99
CA TRP A 29 3.47 -8.47 2.17
C TRP A 29 2.15 -7.72 2.36
N VAL A 30 1.59 -7.22 1.27
CA VAL A 30 0.34 -6.48 1.31
C VAL A 30 -0.79 -7.35 1.87
N ARG A 31 -0.85 -8.60 1.42
CA ARG A 31 -1.88 -9.52 1.88
C ARG A 31 -1.78 -9.75 3.38
N ASP A 32 -0.61 -10.20 3.83
CA ASP A 32 -0.39 -10.45 5.25
C ASP A 32 -0.53 -9.17 6.07
N GLU A 33 0.10 -8.10 5.59
CA GLU A 33 0.04 -6.81 6.27
C GLU A 33 -1.40 -6.35 6.45
N LEU A 34 -2.25 -6.69 5.48
CA LEU A 34 -3.66 -6.31 5.53
C LEU A 34 -4.40 -7.09 6.61
N LYS A 35 -3.94 -8.32 6.86
CA LYS A 35 -4.56 -9.18 7.86
C LYS A 35 -4.03 -8.87 9.26
N ARG A 36 -2.75 -8.52 9.32
CA ARG A 36 -2.11 -8.19 10.60
C ARG A 36 -2.51 -6.80 11.06
N ALA A 37 -2.75 -5.90 10.11
CA ALA A 37 -3.15 -4.54 10.42
C ALA A 37 -4.64 -4.44 10.71
N GLY A 38 -5.44 -5.09 9.87
CA GLY A 38 -6.88 -5.07 10.05
C GLY A 38 -7.49 -3.74 9.66
N ILE A 39 -7.39 -3.39 8.39
CA ILE A 39 -7.94 -2.14 7.89
C ILE A 39 -8.59 -2.32 6.53
N SER A 40 -9.35 -1.32 6.10
CA SER A 40 -10.04 -1.38 4.81
C SER A 40 -9.08 -1.06 3.67
N GLN A 41 -9.36 -1.62 2.49
CA GLN A 41 -8.53 -1.38 1.33
C GLN A 41 -8.48 0.10 0.97
N ALA A 42 -9.58 0.79 1.23
CA ALA A 42 -9.67 2.22 0.94
C ALA A 42 -8.61 3.01 1.72
N VAL A 43 -8.40 2.61 2.97
CA VAL A 43 -7.42 3.29 3.83
C VAL A 43 -6.00 2.88 3.44
N PHE A 44 -5.81 1.60 3.19
CA PHE A 44 -4.49 1.09 2.81
C PHE A 44 -4.00 1.75 1.52
N ALA A 45 -4.85 1.75 0.50
CA ALA A 45 -4.49 2.35 -0.78
C ALA A 45 -4.25 3.85 -0.64
N ARG A 46 -4.95 4.47 0.30
CA ARG A 46 -4.79 5.90 0.54
C ARG A 46 -3.39 6.23 1.01
N VAL A 47 -3.02 5.69 2.17
CA VAL A 47 -1.69 5.93 2.73
C VAL A 47 -0.60 5.38 1.82
N ALA A 48 -0.88 4.24 1.20
CA ALA A 48 0.08 3.62 0.29
C ALA A 48 0.28 4.44 -0.96
N PHE A 49 -0.78 4.60 -1.75
CA PHE A 49 -0.72 5.38 -2.97
C PHE A 49 -2.08 5.98 -3.31
N ASN A 50 -2.20 7.30 -3.17
CA ASN A 50 -3.44 7.99 -3.46
C ASN A 50 -3.72 8.02 -4.97
N ARG A 51 -4.48 7.05 -5.43
CA ARG A 51 -4.82 6.95 -6.86
C ARG A 51 -6.27 6.50 -7.04
N THR A 52 -6.53 5.24 -6.72
CA THR A 52 -7.86 4.67 -6.85
C THR A 52 -8.03 3.45 -5.94
N GLN A 53 -9.29 3.05 -5.75
CA GLN A 53 -9.59 1.90 -4.90
C GLN A 53 -9.57 0.61 -5.70
N GLY A 54 -9.81 0.71 -7.01
CA GLY A 54 -9.81 -0.45 -7.86
C GLY A 54 -8.43 -0.85 -8.34
N LEU A 55 -7.53 0.13 -8.39
CA LEU A 55 -6.15 -0.11 -8.84
C LEU A 55 -5.48 -1.15 -7.94
N LEU A 56 -5.64 -1.00 -6.64
CA LEU A 56 -5.04 -1.93 -5.69
C LEU A 56 -5.55 -3.34 -5.91
N SER A 57 -6.83 -3.46 -6.23
CA SER A 57 -7.44 -4.77 -6.47
C SER A 57 -6.92 -5.38 -7.78
N GLU A 58 -6.59 -4.52 -8.74
CA GLU A 58 -6.07 -4.97 -10.02
C GLU A 58 -4.64 -5.49 -9.89
N ILE A 59 -3.84 -4.78 -9.09
CA ILE A 59 -2.45 -5.17 -8.89
C ILE A 59 -2.35 -6.42 -8.02
N LEU A 60 -3.08 -6.44 -6.92
CA LEU A 60 -3.07 -7.58 -6.01
C LEU A 60 -3.62 -8.82 -6.70
N ARG A 61 -4.61 -8.63 -7.56
CA ARG A 61 -5.22 -9.74 -8.28
C ARG A 61 -4.28 -10.27 -9.36
N LYS A 62 -3.62 -9.37 -10.07
CA LYS A 62 -2.70 -9.74 -11.12
C LYS A 62 -1.54 -10.58 -10.57
N GLU A 63 -0.95 -10.09 -9.48
CA GLU A 63 0.16 -10.79 -8.85
C GLU A 63 1.34 -10.96 -9.82
N GLU A 64 1.51 -9.97 -10.70
CA GLU A 64 2.58 -9.99 -11.68
C GLU A 64 3.83 -9.31 -11.13
N ASP A 65 4.95 -10.01 -11.18
CA ASP A 65 6.22 -9.48 -10.69
C ASP A 65 6.61 -8.22 -11.47
N PRO A 66 7.35 -7.30 -10.83
CA PRO A 66 7.79 -6.06 -11.47
C PRO A 66 9.06 -6.23 -12.29
N LYS A 67 9.09 -7.28 -13.11
CA LYS A 67 10.26 -7.55 -13.94
C LYS A 67 10.01 -7.08 -15.38
N THR A 68 8.76 -7.19 -15.82
CA THR A 68 8.40 -6.77 -17.17
C THR A 68 7.17 -5.86 -17.15
N ALA A 69 7.03 -5.09 -16.07
CA ALA A 69 5.91 -4.18 -15.92
C ALA A 69 6.21 -2.82 -16.56
N SER A 70 5.30 -1.88 -16.39
CA SER A 70 5.47 -0.54 -16.94
C SER A 70 5.96 0.43 -15.88
N GLN A 71 6.16 1.69 -16.27
CA GLN A 71 6.62 2.72 -15.35
C GLN A 71 5.62 2.94 -14.23
N SER A 72 4.36 3.18 -14.61
CA SER A 72 3.30 3.41 -13.63
C SER A 72 3.16 2.23 -12.69
N LEU A 73 3.47 1.04 -13.19
CA LEU A 73 3.37 -0.18 -12.39
C LEU A 73 4.46 -0.21 -11.31
N LEU A 74 5.61 0.35 -11.63
CA LEU A 74 6.74 0.39 -10.70
C LEU A 74 6.53 1.49 -9.66
N VAL A 75 6.03 2.63 -10.11
CA VAL A 75 5.79 3.77 -9.22
C VAL A 75 4.80 3.39 -8.11
N ASN A 76 3.68 2.79 -8.50
CA ASN A 76 2.66 2.38 -7.55
C ASN A 76 3.18 1.29 -6.62
N LEU A 77 3.90 0.34 -7.19
CA LEU A 77 4.46 -0.77 -6.42
C LEU A 77 5.50 -0.27 -5.43
N ARG A 78 6.21 0.79 -5.81
CA ARG A 78 7.24 1.37 -4.96
C ARG A 78 6.64 1.96 -3.70
N ALA A 79 5.49 2.63 -3.86
CA ALA A 79 4.80 3.25 -2.72
C ALA A 79 4.43 2.20 -1.68
N MET A 80 3.78 1.13 -2.12
CA MET A 80 3.37 0.06 -1.21
C MET A 80 4.57 -0.57 -0.53
N GLN A 81 5.70 -0.64 -1.24
CA GLN A 81 6.91 -1.21 -0.70
C GLN A 81 7.51 -0.31 0.38
N ASN A 82 7.68 0.97 0.05
CA ASN A 82 8.24 1.94 0.97
C ASN A 82 7.38 2.05 2.23
N PHE A 83 6.07 1.92 2.05
CA PHE A 83 5.13 2.02 3.16
C PHE A 83 5.18 0.76 4.02
N LEU A 84 5.45 -0.38 3.38
CA LEU A 84 5.53 -1.65 4.08
C LEU A 84 6.89 -1.84 4.74
N GLN A 85 7.92 -1.27 4.12
CA GLN A 85 9.27 -1.37 4.65
C GLN A 85 9.50 -0.39 5.78
N LEU A 86 8.74 0.71 5.77
CA LEU A 86 8.86 1.74 6.81
C LEU A 86 8.65 1.14 8.20
N PRO A 87 9.14 1.83 9.25
CA PRO A 87 9.01 1.37 10.63
C PRO A 87 7.57 0.99 10.99
N GLU A 88 7.42 -0.07 11.77
CA GLU A 88 6.10 -0.53 12.18
C GLU A 88 5.40 0.51 13.05
N ALA A 89 6.17 1.16 13.92
CA ALA A 89 5.64 2.18 14.81
C ALA A 89 5.10 3.36 14.01
N GLU A 90 5.73 3.64 12.88
CA GLU A 90 5.32 4.75 12.04
C GLU A 90 4.01 4.43 11.32
N ARG A 91 3.88 3.20 10.86
CA ARG A 91 2.68 2.76 10.16
C ARG A 91 1.45 2.91 11.05
N ASP A 92 1.60 2.55 12.32
CA ASP A 92 0.50 2.65 13.27
C ASP A 92 0.02 4.10 13.42
N ARG A 93 0.97 5.02 13.55
CA ARG A 93 0.65 6.43 13.69
C ARG A 93 -0.10 6.95 12.48
N ILE A 94 0.35 6.54 11.29
CA ILE A 94 -0.28 6.95 10.05
C ILE A 94 -1.65 6.30 9.88
N TYR A 95 -1.77 5.07 10.35
CA TYR A 95 -3.03 4.33 10.25
C TYR A 95 -4.11 4.97 11.12
N GLN A 96 -3.69 5.57 12.22
CA GLN A 96 -4.63 6.23 13.13
C GLN A 96 -4.83 7.69 12.74
N ASP A 97 -3.73 8.42 12.60
CA ASP A 97 -3.78 9.83 12.24
C ASP A 97 -4.40 10.01 10.85
N GLU A 98 -5.67 10.40 10.82
CA GLU A 98 -6.38 10.60 9.55
C GLU A 98 -6.83 12.05 9.42
N ARG A 99 -7.65 12.31 8.42
CA ARG A 99 -8.17 13.65 8.18
C ARG A 99 -9.29 13.99 9.14
N GLU A 100 -9.09 15.01 9.95
CA GLU A 100 -10.10 15.44 10.93
C GLU A 100 -11.32 16.02 10.23
N ARG A 101 -12.35 16.33 11.00
CA ARG A 101 -13.58 16.90 10.45
C ARG A 101 -13.45 18.42 10.29
N SER A 102 -13.08 19.09 11.36
CA SER A 102 -12.92 20.54 11.34
C SER A 102 -11.47 20.92 11.15
N LEU A 103 -11.12 21.33 9.94
CA LEU A 103 -9.75 21.73 9.62
C LEU A 103 -9.55 23.23 9.87
N ASN A 104 -9.67 23.63 11.12
CA ASN A 104 -9.50 25.04 11.49
C ASN A 104 -8.78 25.17 12.82
N ALA A 105 -9.48 24.86 13.90
CA ALA A 105 -8.90 24.95 15.25
C ALA A 105 -7.76 23.96 15.41
N ALA A 106 -6.60 24.46 15.83
CA ALA A 106 -5.43 23.61 16.03
C ALA A 106 -5.30 23.19 17.49
N ASN A 19 18.91 -5.71 -5.33
CA ASN A 19 19.72 -4.58 -5.85
C ASN A 19 18.85 -3.54 -6.54
N THR A 20 18.14 -2.74 -5.73
CA THR A 20 17.28 -1.70 -6.27
C THR A 20 16.20 -2.29 -7.18
N GLU A 21 15.79 -3.52 -6.88
CA GLU A 21 14.77 -4.20 -7.67
C GLU A 21 13.67 -4.75 -6.78
N VAL A 22 12.44 -4.31 -7.02
CA VAL A 22 11.30 -4.75 -6.24
C VAL A 22 10.95 -6.20 -6.56
N SER A 23 11.15 -7.08 -5.58
CA SER A 23 10.87 -8.50 -5.76
C SER A 23 9.39 -8.80 -5.49
N SER A 24 8.99 -10.05 -5.72
CA SER A 24 7.61 -10.47 -5.50
C SER A 24 7.18 -10.23 -4.06
N GLU A 25 8.16 -10.13 -3.16
CA GLU A 25 7.89 -9.91 -1.74
C GLU A 25 6.98 -8.70 -1.54
N ILE A 26 7.02 -7.76 -2.49
CA ILE A 26 6.20 -6.56 -2.41
C ILE A 26 4.71 -6.91 -2.30
N TYR A 27 4.28 -7.87 -3.11
CA TYR A 27 2.88 -8.29 -3.11
C TYR A 27 2.56 -9.05 -1.82
N GLN A 28 3.45 -9.94 -1.41
CA GLN A 28 3.26 -10.73 -0.20
C GLN A 28 3.27 -9.82 1.04
N TRP A 29 4.04 -8.74 0.97
CA TRP A 29 4.13 -7.80 2.08
C TRP A 29 2.79 -7.11 2.32
N VAL A 30 2.15 -6.66 1.24
CA VAL A 30 0.86 -5.99 1.33
C VAL A 30 -0.20 -6.90 1.94
N ARG A 31 -0.15 -8.18 1.56
CA ARG A 31 -1.10 -9.16 2.06
C ARG A 31 -0.90 -9.41 3.55
N ASP A 32 0.34 -9.67 3.93
CA ASP A 32 0.68 -9.92 5.33
C ASP A 32 0.35 -8.71 6.19
N GLU A 33 0.47 -7.52 5.62
CA GLU A 33 0.20 -6.28 6.34
C GLU A 33 -1.31 -6.05 6.45
N LEU A 34 -2.05 -6.50 5.46
CA LEU A 34 -3.50 -6.35 5.45
C LEU A 34 -4.16 -7.26 6.48
N LYS A 35 -3.56 -8.43 6.69
CA LYS A 35 -4.09 -9.39 7.66
C LYS A 35 -3.68 -9.01 9.07
N ARG A 36 -2.49 -8.45 9.22
CA ARG A 36 -1.98 -8.05 10.52
C ARG A 36 -2.60 -6.73 10.97
N ALA A 37 -2.90 -5.87 9.99
CA ALA A 37 -3.49 -4.57 10.28
C ALA A 37 -5.00 -4.68 10.44
N GLY A 38 -5.66 -5.21 9.41
CA GLY A 38 -7.11 -5.36 9.46
C GLY A 38 -7.84 -4.17 8.88
N ILE A 39 -7.47 -3.78 7.67
CA ILE A 39 -8.09 -2.65 7.00
C ILE A 39 -8.37 -2.95 5.53
N SER A 40 -9.24 -2.15 4.92
CA SER A 40 -9.59 -2.33 3.52
C SER A 40 -8.46 -1.86 2.61
N GLN A 41 -8.34 -2.48 1.43
CA GLN A 41 -7.30 -2.11 0.48
C GLN A 41 -7.43 -0.66 0.06
N ALA A 42 -8.66 -0.14 0.08
CA ALA A 42 -8.92 1.25 -0.30
C ALA A 42 -8.11 2.21 0.56
N VAL A 43 -8.12 1.98 1.87
CA VAL A 43 -7.39 2.83 2.80
C VAL A 43 -5.89 2.65 2.65
N PHE A 44 -5.46 1.40 2.49
CA PHE A 44 -4.05 1.08 2.34
C PHE A 44 -3.46 1.77 1.11
N ALA A 45 -4.26 1.86 0.05
CA ALA A 45 -3.82 2.50 -1.18
C ALA A 45 -3.59 3.99 -0.98
N ARG A 46 -4.50 4.63 -0.23
CA ARG A 46 -4.40 6.05 0.04
C ARG A 46 -3.12 6.37 0.82
N VAL A 47 -2.92 5.66 1.93
CA VAL A 47 -1.75 5.87 2.76
C VAL A 47 -0.48 5.42 2.05
N ALA A 48 -0.61 4.41 1.20
CA ALA A 48 0.52 3.89 0.44
C ALA A 48 0.85 4.78 -0.75
N PHE A 49 0.04 4.66 -1.80
CA PHE A 49 0.25 5.45 -3.01
C PHE A 49 -1.03 6.19 -3.39
N ASN A 50 -0.96 7.52 -3.40
CA ASN A 50 -2.10 8.35 -3.75
C ASN A 50 -2.27 8.45 -5.26
N ARG A 51 -3.11 7.58 -5.82
CA ARG A 51 -3.37 7.58 -7.26
C ARG A 51 -4.82 7.23 -7.55
N THR A 52 -5.21 6.00 -7.22
CA THR A 52 -6.57 5.54 -7.45
C THR A 52 -7.02 4.58 -6.36
N GLN A 53 -8.33 4.45 -6.18
CA GLN A 53 -8.89 3.56 -5.16
C GLN A 53 -9.14 2.17 -5.74
N GLY A 54 -9.49 2.12 -7.02
CA GLY A 54 -9.76 0.86 -7.67
C GLY A 54 -8.55 0.32 -8.42
N LEU A 55 -7.36 0.71 -7.97
CA LEU A 55 -6.13 0.26 -8.61
C LEU A 55 -5.50 -0.88 -7.83
N LEU A 56 -5.41 -0.72 -6.52
CA LEU A 56 -4.83 -1.75 -5.65
C LEU A 56 -5.57 -3.08 -5.81
N SER A 57 -6.87 -3.00 -6.04
CA SER A 57 -7.69 -4.20 -6.20
C SER A 57 -7.38 -4.89 -7.53
N GLU A 58 -7.00 -4.09 -8.53
CA GLU A 58 -6.68 -4.61 -9.85
C GLU A 58 -5.27 -5.21 -9.87
N ILE A 59 -4.35 -4.54 -9.18
CA ILE A 59 -2.96 -5.00 -9.13
C ILE A 59 -2.86 -6.35 -8.43
N LEU A 60 -3.46 -6.45 -7.25
CA LEU A 60 -3.44 -7.71 -6.49
C LEU A 60 -4.09 -8.83 -7.28
N ARG A 61 -5.17 -8.52 -7.98
CA ARG A 61 -5.87 -9.51 -8.78
C ARG A 61 -4.97 -10.07 -9.88
N LYS A 62 -4.14 -9.22 -10.45
CA LYS A 62 -3.22 -9.64 -11.51
C LYS A 62 -2.22 -10.67 -10.98
N GLU A 63 -1.62 -10.36 -9.83
CA GLU A 63 -0.64 -11.26 -9.23
C GLU A 63 0.55 -11.48 -10.16
N GLU A 64 0.88 -10.45 -10.94
CA GLU A 64 2.00 -10.53 -11.87
C GLU A 64 3.26 -9.94 -11.24
N ASP A 65 4.41 -10.47 -11.66
CA ASP A 65 5.69 -9.99 -11.14
C ASP A 65 6.02 -8.60 -11.68
N PRO A 66 6.74 -7.79 -10.89
CA PRO A 66 7.10 -6.42 -11.29
C PRO A 66 8.22 -6.41 -12.33
N LYS A 67 8.78 -7.58 -12.63
CA LYS A 67 9.86 -7.68 -13.61
C LYS A 67 9.35 -7.40 -15.01
N THR A 68 8.08 -7.74 -15.26
CA THR A 68 7.48 -7.53 -16.57
C THR A 68 6.18 -6.74 -16.47
N ALA A 69 6.01 -6.03 -15.36
CA ALA A 69 4.81 -5.23 -15.14
C ALA A 69 4.89 -3.90 -15.87
N SER A 70 3.78 -3.18 -15.89
CA SER A 70 3.71 -1.89 -16.56
C SER A 70 4.44 -0.82 -15.75
N GLN A 71 4.59 0.37 -16.34
CA GLN A 71 5.27 1.47 -15.67
C GLN A 71 4.41 2.04 -14.55
N SER A 72 3.09 1.96 -14.72
CA SER A 72 2.16 2.47 -13.72
C SER A 72 2.22 1.64 -12.45
N LEU A 73 2.27 0.32 -12.62
CA LEU A 73 2.34 -0.59 -11.48
C LEU A 73 3.65 -0.45 -10.73
N LEU A 74 4.75 -0.30 -11.49
CA LEU A 74 6.07 -0.16 -10.89
C LEU A 74 6.12 1.04 -9.96
N VAL A 75 5.35 2.08 -10.29
CA VAL A 75 5.29 3.29 -9.48
C VAL A 75 4.54 3.04 -8.18
N ASN A 76 3.50 2.21 -8.25
CA ASN A 76 2.69 1.89 -7.09
C ASN A 76 3.47 1.03 -6.10
N LEU A 77 4.18 0.02 -6.63
CA LEU A 77 4.97 -0.87 -5.79
C LEU A 77 6.03 -0.10 -5.02
N ARG A 78 6.55 0.95 -5.63
CA ARG A 78 7.58 1.78 -5.00
C ARG A 78 7.04 2.42 -3.72
N ALA A 79 5.95 3.17 -3.86
CA ALA A 79 5.34 3.84 -2.72
C ALA A 79 4.84 2.83 -1.69
N MET A 80 4.41 1.67 -2.16
CA MET A 80 3.92 0.62 -1.28
C MET A 80 5.07 -0.01 -0.48
N GLN A 81 6.22 -0.15 -1.12
CA GLN A 81 7.39 -0.74 -0.48
C GLN A 81 7.90 0.17 0.64
N ASN A 82 7.97 1.46 0.37
CA ASN A 82 8.45 2.42 1.36
C ASN A 82 7.56 2.41 2.60
N PHE A 83 6.26 2.42 2.39
CA PHE A 83 5.29 2.41 3.49
C PHE A 83 5.50 1.19 4.38
N LEU A 84 5.75 0.04 3.75
CA LEU A 84 5.97 -1.21 4.49
C LEU A 84 7.32 -1.19 5.20
N GLN A 85 8.26 -0.45 4.64
CA GLN A 85 9.59 -0.35 5.23
C GLN A 85 9.62 0.64 6.39
N LEU A 86 8.69 1.59 6.37
CA LEU A 86 8.61 2.60 7.43
C LEU A 86 8.48 1.94 8.80
N PRO A 87 8.92 2.65 9.86
CA PRO A 87 8.87 2.13 11.23
C PRO A 87 7.47 1.65 11.61
N GLU A 88 7.42 0.60 12.42
CA GLU A 88 6.16 0.03 12.86
C GLU A 88 5.37 1.03 13.70
N ALA A 89 6.09 1.84 14.48
CA ALA A 89 5.45 2.84 15.32
C ALA A 89 4.64 3.84 14.49
N GLU A 90 5.17 4.18 13.32
CA GLU A 90 4.49 5.12 12.43
C GLU A 90 3.31 4.45 11.73
N ARG A 91 3.51 3.22 11.29
CA ARG A 91 2.46 2.47 10.60
C ARG A 91 1.24 2.31 11.50
N ASP A 92 1.48 2.05 12.78
CA ASP A 92 0.40 1.87 13.74
C ASP A 92 -0.42 3.16 13.89
N ARG A 93 0.28 4.29 13.97
CA ARG A 93 -0.36 5.58 14.12
C ARG A 93 -1.23 5.91 12.90
N ILE A 94 -0.65 5.72 11.72
CA ILE A 94 -1.37 5.98 10.48
C ILE A 94 -2.63 5.13 10.38
N TYR A 95 -2.56 3.91 10.90
CA TYR A 95 -3.69 3.00 10.87
C TYR A 95 -4.76 3.43 11.87
N GLN A 96 -4.33 3.83 13.06
CA GLN A 96 -5.26 4.27 14.10
C GLN A 96 -5.30 5.79 14.17
N ASP A 97 -4.98 6.45 13.06
CA ASP A 97 -4.99 7.91 13.00
C ASP A 97 -6.39 8.46 13.24
N GLU A 98 -6.63 8.95 14.44
CA GLU A 98 -7.94 9.50 14.80
C GLU A 98 -7.79 10.64 15.80
N ARG A 99 -8.60 11.69 15.62
CA ARG A 99 -8.55 12.85 16.51
C ARG A 99 -9.12 12.49 17.88
N GLU A 100 -8.28 12.60 18.90
CA GLU A 100 -8.70 12.30 20.27
C GLU A 100 -9.58 13.41 20.83
N ARG A 101 -9.25 14.65 20.49
CA ARG A 101 -10.02 15.80 20.96
C ARG A 101 -10.98 16.29 19.88
N SER A 102 -11.67 15.35 19.24
CA SER A 102 -12.62 15.68 18.19
C SER A 102 -13.72 16.61 18.71
N LEU A 103 -13.59 17.90 18.40
CA LEU A 103 -14.56 18.89 18.83
C LEU A 103 -14.78 19.95 17.75
N ASN A 104 -13.69 20.47 17.21
CA ASN A 104 -13.76 21.49 16.17
C ASN A 104 -14.20 20.88 14.85
N ALA A 105 -15.32 21.36 14.31
CA ALA A 105 -15.85 20.86 13.05
C ALA A 105 -14.94 21.24 11.89
N ALA A 106 -14.29 22.40 12.00
CA ALA A 106 -13.38 22.87 10.97
C ALA A 106 -12.29 23.76 11.56
N ASN A 19 19.34 -1.07 -4.99
CA ASN A 19 18.71 -0.34 -3.85
C ASN A 19 17.23 -0.66 -3.75
N THR A 20 16.50 -0.43 -4.83
CA THR A 20 15.07 -0.69 -4.87
C THR A 20 14.78 -2.11 -5.37
N GLU A 21 14.59 -3.03 -4.43
CA GLU A 21 14.31 -4.42 -4.79
C GLU A 21 12.81 -4.69 -4.79
N VAL A 22 12.16 -4.42 -5.92
CA VAL A 22 10.72 -4.63 -6.05
C VAL A 22 10.42 -6.03 -6.60
N SER A 23 10.47 -7.03 -5.73
CA SER A 23 10.20 -8.40 -6.13
C SER A 23 8.77 -8.80 -5.77
N SER A 24 8.45 -10.08 -5.99
CA SER A 24 7.13 -10.59 -5.68
C SER A 24 6.79 -10.39 -4.21
N GLU A 25 7.81 -10.27 -3.37
CA GLU A 25 7.62 -10.06 -1.95
C GLU A 25 6.73 -8.85 -1.68
N ILE A 26 6.77 -7.88 -2.58
CA ILE A 26 5.97 -6.67 -2.44
C ILE A 26 4.49 -6.99 -2.36
N TYR A 27 4.09 -8.05 -3.06
CA TYR A 27 2.70 -8.47 -3.07
C TYR A 27 2.33 -9.22 -1.79
N GLN A 28 3.24 -10.10 -1.36
CA GLN A 28 3.03 -10.88 -0.15
C GLN A 28 2.99 -9.98 1.08
N TRP A 29 3.76 -8.89 1.04
CA TRP A 29 3.80 -7.95 2.15
C TRP A 29 2.49 -7.19 2.29
N VAL A 30 1.96 -6.73 1.15
CA VAL A 30 0.71 -5.99 1.15
C VAL A 30 -0.44 -6.84 1.68
N ARG A 31 -0.45 -8.11 1.29
CA ARG A 31 -1.49 -9.04 1.72
C ARG A 31 -1.28 -9.45 3.17
N ASP A 32 -0.02 -9.51 3.59
CA ASP A 32 0.32 -9.89 4.95
C ASP A 32 -0.01 -8.78 5.94
N GLU A 33 0.36 -7.55 5.58
CA GLU A 33 0.10 -6.40 6.43
C GLU A 33 -1.39 -6.14 6.56
N LEU A 34 -2.12 -6.38 5.47
CA LEU A 34 -3.57 -6.18 5.45
C LEU A 34 -4.27 -7.18 6.37
N LYS A 35 -3.70 -8.37 6.46
CA LYS A 35 -4.28 -9.43 7.29
C LYS A 35 -3.91 -9.22 8.75
N ARG A 36 -2.65 -8.89 9.00
CA ARG A 36 -2.17 -8.67 10.37
C ARG A 36 -2.79 -7.40 10.96
N ALA A 37 -3.03 -6.41 10.10
CA ALA A 37 -3.62 -5.15 10.54
C ALA A 37 -5.13 -5.25 10.63
N GLY A 38 -5.78 -5.37 9.48
CA GLY A 38 -7.23 -5.48 9.45
C GLY A 38 -7.90 -4.17 9.13
N ILE A 39 -7.63 -3.64 7.94
CA ILE A 39 -8.21 -2.37 7.51
C ILE A 39 -8.66 -2.44 6.06
N SER A 40 -9.49 -1.48 5.65
CA SER A 40 -9.99 -1.42 4.28
C SER A 40 -8.89 -1.01 3.31
N GLN A 41 -9.01 -1.45 2.07
CA GLN A 41 -8.02 -1.12 1.05
C GLN A 41 -7.96 0.38 0.80
N ALA A 42 -9.10 1.04 0.98
CA ALA A 42 -9.18 2.49 0.79
C ALA A 42 -8.22 3.23 1.71
N VAL A 43 -8.06 2.71 2.93
CA VAL A 43 -7.17 3.32 3.90
C VAL A 43 -5.72 2.94 3.63
N PHE A 44 -5.50 1.68 3.28
CA PHE A 44 -4.15 1.19 2.99
C PHE A 44 -3.61 1.82 1.72
N ALA A 45 -4.40 1.77 0.65
CA ALA A 45 -3.99 2.33 -0.63
C ALA A 45 -3.73 3.83 -0.51
N ARG A 46 -4.56 4.51 0.28
CA ARG A 46 -4.42 5.95 0.47
C ARG A 46 -3.05 6.29 1.07
N VAL A 47 -2.62 5.48 2.03
CA VAL A 47 -1.32 5.70 2.67
C VAL A 47 -0.19 5.05 1.88
N ALA A 48 -0.51 3.95 1.19
CA ALA A 48 0.48 3.24 0.40
C ALA A 48 0.80 4.01 -0.88
N PHE A 49 -0.18 4.14 -1.76
CA PHE A 49 0.01 4.84 -3.02
C PHE A 49 -1.25 5.62 -3.40
N ASN A 50 -1.21 6.93 -3.18
CA ASN A 50 -2.35 7.79 -3.51
C ASN A 50 -2.55 7.88 -5.02
N ARG A 51 -3.47 7.07 -5.54
CA ARG A 51 -3.75 7.07 -6.97
C ARG A 51 -5.24 6.89 -7.23
N THR A 52 -5.75 5.68 -6.96
CA THR A 52 -7.15 5.37 -7.16
C THR A 52 -7.57 4.17 -6.31
N GLN A 53 -8.80 4.22 -5.81
CA GLN A 53 -9.32 3.14 -4.97
C GLN A 53 -9.76 1.96 -5.84
N GLY A 54 -9.24 0.78 -5.53
CA GLY A 54 -9.58 -0.41 -6.29
C GLY A 54 -8.42 -0.95 -7.09
N LEU A 55 -7.51 -0.05 -7.48
CA LEU A 55 -6.35 -0.44 -8.27
C LEU A 55 -5.49 -1.44 -7.51
N LEU A 56 -5.49 -1.33 -6.18
CA LEU A 56 -4.71 -2.23 -5.34
C LEU A 56 -5.13 -3.69 -5.55
N SER A 57 -6.44 -3.91 -5.54
CA SER A 57 -6.98 -5.26 -5.73
C SER A 57 -6.65 -5.78 -7.13
N GLU A 58 -6.57 -4.87 -8.10
CA GLU A 58 -6.26 -5.24 -9.47
C GLU A 58 -4.83 -5.73 -9.59
N ILE A 59 -3.91 -5.07 -8.88
CA ILE A 59 -2.50 -5.43 -8.91
C ILE A 59 -2.29 -6.84 -8.32
N LEU A 60 -3.07 -7.16 -7.30
CA LEU A 60 -2.97 -8.47 -6.65
C LEU A 60 -3.67 -9.54 -7.47
N ARG A 61 -4.77 -9.17 -8.12
CA ARG A 61 -5.53 -10.10 -8.95
C ARG A 61 -4.68 -10.60 -10.11
N LYS A 62 -3.91 -9.70 -10.71
CA LYS A 62 -3.07 -10.05 -11.85
C LYS A 62 -1.89 -10.91 -11.40
N GLU A 63 -1.28 -10.54 -10.29
CA GLU A 63 -0.14 -11.27 -9.76
C GLU A 63 1.02 -11.29 -10.75
N GLU A 64 1.16 -10.20 -11.50
CA GLU A 64 2.22 -10.09 -12.49
C GLU A 64 3.46 -9.43 -11.89
N ASP A 65 4.64 -9.91 -12.29
CA ASP A 65 5.89 -9.36 -11.79
C ASP A 65 6.17 -7.99 -12.39
N PRO A 66 6.87 -7.13 -11.64
CA PRO A 66 7.20 -5.77 -12.09
C PRO A 66 8.25 -5.77 -13.21
N LYS A 67 8.87 -6.92 -13.43
CA LYS A 67 9.90 -7.04 -14.47
C LYS A 67 9.28 -6.91 -15.86
N THR A 68 8.10 -7.50 -16.03
CA THR A 68 7.41 -7.46 -17.31
C THR A 68 6.32 -6.38 -17.32
N ALA A 69 5.80 -6.07 -16.14
CA ALA A 69 4.75 -5.06 -16.01
C ALA A 69 5.19 -3.73 -16.61
N SER A 70 4.29 -2.76 -16.62
CA SER A 70 4.58 -1.44 -17.17
C SER A 70 5.31 -0.57 -16.13
N GLN A 71 5.71 0.63 -16.55
CA GLN A 71 6.41 1.55 -15.65
C GLN A 71 5.47 2.10 -14.59
N SER A 72 4.19 2.23 -14.94
CA SER A 72 3.19 2.75 -14.01
C SER A 72 3.12 1.88 -12.76
N LEU A 73 3.07 0.57 -12.95
CA LEU A 73 3.00 -0.37 -11.84
C LEU A 73 4.27 -0.31 -11.00
N LEU A 74 5.41 -0.17 -11.67
CA LEU A 74 6.69 -0.10 -10.98
C LEU A 74 6.74 1.08 -10.02
N VAL A 75 6.02 2.15 -10.37
CA VAL A 75 5.97 3.34 -9.54
C VAL A 75 5.11 3.11 -8.30
N ASN A 76 3.93 2.54 -8.51
CA ASN A 76 3.01 2.27 -7.41
C ASN A 76 3.61 1.26 -6.44
N LEU A 77 4.23 0.22 -6.98
CA LEU A 77 4.85 -0.82 -6.17
C LEU A 77 5.94 -0.23 -5.26
N ARG A 78 6.64 0.77 -5.77
CA ARG A 78 7.70 1.43 -5.02
C ARG A 78 7.14 2.11 -3.77
N ALA A 79 5.97 2.72 -3.92
CA ALA A 79 5.32 3.41 -2.81
C ALA A 79 4.94 2.43 -1.70
N MET A 80 4.37 1.31 -2.09
CA MET A 80 3.95 0.28 -1.14
C MET A 80 5.15 -0.23 -0.35
N GLN A 81 6.29 -0.35 -1.02
CA GLN A 81 7.51 -0.84 -0.38
C GLN A 81 8.00 0.14 0.67
N ASN A 82 8.04 1.42 0.32
CA ASN A 82 8.49 2.47 1.23
C ASN A 82 7.60 2.52 2.47
N PHE A 83 6.29 2.63 2.25
CA PHE A 83 5.33 2.70 3.35
C PHE A 83 5.45 1.47 4.25
N LEU A 84 5.64 0.31 3.64
CA LEU A 84 5.76 -0.93 4.38
C LEU A 84 7.10 -1.01 5.09
N GLN A 85 8.10 -0.31 4.55
CA GLN A 85 9.44 -0.31 5.15
C GLN A 85 9.46 0.52 6.43
N LEU A 86 8.57 1.52 6.52
CA LEU A 86 8.51 2.38 7.69
C LEU A 86 8.25 1.56 8.94
N PRO A 87 8.76 2.03 10.11
CA PRO A 87 8.58 1.34 11.38
C PRO A 87 7.10 1.06 11.69
N GLU A 88 6.87 0.12 12.60
CA GLU A 88 5.50 -0.24 12.98
C GLU A 88 4.81 0.92 13.69
N ALA A 89 5.60 1.72 14.42
CA ALA A 89 5.06 2.86 15.14
C ALA A 89 4.47 3.90 14.17
N GLU A 90 5.08 4.02 13.01
CA GLU A 90 4.63 4.98 12.00
C GLU A 90 3.32 4.52 11.39
N ARG A 91 3.22 3.23 11.09
CA ARG A 91 2.02 2.67 10.49
C ARG A 91 0.83 2.77 11.45
N ASP A 92 1.08 2.47 12.72
CA ASP A 92 0.05 2.53 13.74
C ASP A 92 -0.42 3.97 13.97
N ARG A 93 0.50 4.91 13.84
CA ARG A 93 0.18 6.32 14.02
C ARG A 93 -0.73 6.82 12.91
N ILE A 94 -0.38 6.50 11.68
CA ILE A 94 -1.18 6.91 10.52
C ILE A 94 -2.57 6.28 10.56
N TYR A 95 -2.61 4.98 10.82
CA TYR A 95 -3.88 4.26 10.89
C TYR A 95 -4.77 4.83 11.99
N GLN A 96 -4.14 5.27 13.08
CA GLN A 96 -4.88 5.83 14.21
C GLN A 96 -4.89 7.37 14.15
N ASP A 97 -4.42 7.92 13.04
CA ASP A 97 -4.39 9.38 12.87
C ASP A 97 -5.72 9.89 12.32
N GLU A 98 -6.43 10.66 13.15
CA GLU A 98 -7.72 11.22 12.75
C GLU A 98 -7.52 12.47 11.89
N ARG A 99 -6.90 13.48 12.48
CA ARG A 99 -6.66 14.75 11.78
C ARG A 99 -5.32 14.71 11.06
N GLU A 100 -5.34 15.07 9.77
CA GLU A 100 -4.14 15.08 8.96
C GLU A 100 -3.09 16.03 9.55
N ARG A 101 -3.56 17.11 10.18
CA ARG A 101 -2.67 18.09 10.78
C ARG A 101 -2.33 17.71 12.22
N SER A 102 -3.37 17.61 13.05
CA SER A 102 -3.18 17.24 14.45
C SER A 102 -2.76 15.79 14.59
N LEU A 103 -1.48 15.58 14.93
CA LEU A 103 -0.95 14.24 15.10
C LEU A 103 -0.87 13.85 16.57
N ASN A 104 -0.64 14.85 17.42
CA ASN A 104 -0.55 14.62 18.86
C ASN A 104 -1.86 14.99 19.55
N ALA A 105 -2.21 16.28 19.51
CA ALA A 105 -3.43 16.76 20.13
C ALA A 105 -4.66 16.07 19.54
N ALA A 106 -5.78 16.16 20.26
CA ALA A 106 -7.01 15.55 19.81
C ALA A 106 -8.22 16.36 20.26
N ASN A 19 19.70 -2.65 -3.72
CA ASN A 19 18.47 -2.17 -4.40
C ASN A 19 18.65 -2.19 -5.92
N THR A 20 17.89 -3.06 -6.58
CA THR A 20 17.96 -3.18 -8.04
C THR A 20 16.57 -3.30 -8.64
N GLU A 21 15.86 -4.37 -8.30
CA GLU A 21 14.52 -4.60 -8.81
C GLU A 21 13.58 -5.06 -7.70
N VAL A 22 12.29 -4.85 -7.89
CA VAL A 22 11.29 -5.24 -6.91
C VAL A 22 10.86 -6.69 -7.12
N SER A 23 10.81 -7.45 -6.02
CA SER A 23 10.41 -8.85 -6.09
C SER A 23 8.93 -9.02 -5.74
N SER A 24 8.45 -10.25 -5.81
CA SER A 24 7.05 -10.55 -5.50
C SER A 24 6.74 -10.30 -4.02
N GLU A 25 7.79 -10.19 -3.20
CA GLU A 25 7.63 -9.95 -1.78
C GLU A 25 6.72 -8.76 -1.51
N ILE A 26 6.71 -7.80 -2.44
CA ILE A 26 5.89 -6.61 -2.30
C ILE A 26 4.41 -6.98 -2.21
N TYR A 27 4.00 -7.95 -3.01
CA TYR A 27 2.60 -8.40 -3.02
C TYR A 27 2.27 -9.15 -1.74
N GLN A 28 3.22 -9.95 -1.26
CA GLN A 28 3.03 -10.73 -0.04
C GLN A 28 3.02 -9.83 1.19
N TRP A 29 3.78 -8.74 1.11
CA TRP A 29 3.87 -7.80 2.22
C TRP A 29 2.52 -7.12 2.46
N VAL A 30 1.88 -6.69 1.38
CA VAL A 30 0.59 -6.01 1.48
C VAL A 30 -0.50 -6.98 1.94
N ARG A 31 -0.48 -8.19 1.37
CA ARG A 31 -1.48 -9.20 1.72
C ARG A 31 -1.40 -9.54 3.21
N ASP A 32 -0.18 -9.72 3.71
CA ASP A 32 0.03 -10.05 5.11
C ASP A 32 -0.33 -8.86 6.01
N GLU A 33 -0.01 -7.66 5.55
CA GLU A 33 -0.29 -6.44 6.30
C GLU A 33 -1.81 -6.26 6.48
N LEU A 34 -2.55 -6.47 5.41
CA LEU A 34 -4.01 -6.33 5.45
C LEU A 34 -4.62 -7.29 6.47
N LYS A 35 -4.07 -8.49 6.54
CA LYS A 35 -4.56 -9.50 7.48
C LYS A 35 -4.07 -9.22 8.90
N ARG A 36 -2.87 -8.64 8.99
CA ARG A 36 -2.28 -8.34 10.29
C ARG A 36 -3.10 -7.27 11.02
N ALA A 37 -3.14 -6.07 10.45
CA ALA A 37 -3.89 -4.97 11.05
C ALA A 37 -5.39 -5.16 10.85
N GLY A 38 -5.77 -5.81 9.75
CA GLY A 38 -7.17 -6.04 9.47
C GLY A 38 -7.88 -4.80 8.97
N ILE A 39 -7.26 -4.11 8.03
CA ILE A 39 -7.83 -2.90 7.46
C ILE A 39 -8.30 -3.13 6.03
N SER A 40 -9.11 -2.21 5.52
CA SER A 40 -9.63 -2.31 4.16
C SER A 40 -8.62 -1.83 3.14
N GLN A 41 -8.72 -2.34 1.91
CA GLN A 41 -7.80 -1.94 0.86
C GLN A 41 -7.88 -0.45 0.58
N ALA A 42 -9.06 0.12 0.82
CA ALA A 42 -9.27 1.55 0.59
C ALA A 42 -8.30 2.39 1.41
N VAL A 43 -8.13 2.03 2.68
CA VAL A 43 -7.21 2.75 3.56
C VAL A 43 -5.76 2.49 3.17
N PHE A 44 -5.41 1.22 3.01
CA PHE A 44 -4.05 0.85 2.64
C PHE A 44 -3.67 1.43 1.28
N ALA A 45 -4.61 1.38 0.34
CA ALA A 45 -4.38 1.91 -0.99
C ALA A 45 -4.10 3.40 -0.96
N ARG A 46 -4.68 4.09 0.02
CA ARG A 46 -4.50 5.53 0.15
C ARG A 46 -3.14 5.85 0.78
N VAL A 47 -2.82 5.16 1.87
CA VAL A 47 -1.55 5.37 2.57
C VAL A 47 -0.40 4.76 1.78
N ALA A 48 -0.68 3.70 1.03
CA ALA A 48 0.35 3.02 0.24
C ALA A 48 0.73 3.86 -0.98
N PHE A 49 -0.25 4.11 -1.85
CA PHE A 49 -0.01 4.89 -3.06
C PHE A 49 -1.24 5.71 -3.43
N ASN A 50 -1.18 7.02 -3.19
CA ASN A 50 -2.29 7.91 -3.50
C ASN A 50 -2.39 8.14 -5.00
N ARG A 51 -3.32 7.44 -5.64
CA ARG A 51 -3.53 7.57 -7.08
C ARG A 51 -5.00 7.38 -7.45
N THR A 52 -5.47 6.14 -7.31
CA THR A 52 -6.85 5.82 -7.62
C THR A 52 -7.33 4.62 -6.80
N GLN A 53 -8.53 4.75 -6.23
CA GLN A 53 -9.11 3.67 -5.43
C GLN A 53 -9.58 2.52 -6.31
N GLY A 54 -9.35 1.30 -5.86
CA GLY A 54 -9.76 0.13 -6.61
C GLY A 54 -8.61 -0.48 -7.40
N LEU A 55 -7.61 0.34 -7.72
CA LEU A 55 -6.46 -0.13 -8.47
C LEU A 55 -5.70 -1.21 -7.71
N LEU A 56 -5.65 -1.06 -6.39
CA LEU A 56 -4.95 -2.03 -5.53
C LEU A 56 -5.54 -3.42 -5.70
N SER A 57 -6.87 -3.51 -5.66
CA SER A 57 -7.55 -4.78 -5.80
C SER A 57 -7.20 -5.45 -7.14
N GLU A 58 -6.89 -4.64 -8.14
CA GLU A 58 -6.54 -5.15 -9.46
C GLU A 58 -5.10 -5.64 -9.48
N ILE A 59 -4.21 -4.89 -8.85
CA ILE A 59 -2.79 -5.26 -8.80
C ILE A 59 -2.59 -6.54 -8.01
N LEU A 60 -3.34 -6.69 -6.92
CA LEU A 60 -3.24 -7.88 -6.08
C LEU A 60 -3.91 -9.08 -6.74
N ARG A 61 -4.94 -8.81 -7.53
CA ARG A 61 -5.66 -9.87 -8.22
C ARG A 61 -4.81 -10.49 -9.32
N LYS A 62 -3.93 -9.68 -9.91
CA LYS A 62 -3.05 -10.16 -10.97
C LYS A 62 -1.79 -10.79 -10.40
N GLU A 63 -1.19 -10.12 -9.42
CA GLU A 63 0.02 -10.63 -8.78
C GLU A 63 1.16 -10.76 -9.80
N GLU A 64 1.16 -9.88 -10.79
CA GLU A 64 2.19 -9.90 -11.82
C GLU A 64 3.54 -9.49 -11.26
N ASP A 65 4.59 -9.67 -12.05
CA ASP A 65 5.94 -9.33 -11.62
C ASP A 65 6.37 -7.98 -12.19
N PRO A 66 6.89 -7.07 -11.34
CA PRO A 66 7.33 -5.75 -11.78
C PRO A 66 8.31 -5.81 -12.95
N LYS A 67 9.01 -6.93 -13.06
CA LYS A 67 9.99 -7.13 -14.13
C LYS A 67 9.32 -7.00 -15.50
N THR A 68 8.06 -7.43 -15.58
CA THR A 68 7.31 -7.36 -16.84
C THR A 68 6.19 -6.34 -16.76
N ALA A 69 5.79 -5.98 -15.54
CA ALA A 69 4.72 -5.01 -15.33
C ALA A 69 5.01 -3.71 -16.08
N SER A 70 4.02 -2.81 -16.07
CA SER A 70 4.17 -1.52 -16.76
C SER A 70 4.95 -0.53 -15.89
N GLN A 71 5.13 0.67 -16.42
CA GLN A 71 5.86 1.72 -15.69
C GLN A 71 5.02 2.26 -14.53
N SER A 72 3.71 2.37 -14.75
CA SER A 72 2.81 2.87 -13.72
C SER A 72 2.88 2.00 -12.47
N LEU A 73 2.84 0.70 -12.65
CA LEU A 73 2.90 -0.24 -11.54
C LEU A 73 4.21 -0.09 -10.77
N LEU A 74 5.30 0.10 -11.52
CA LEU A 74 6.62 0.25 -10.91
C LEU A 74 6.64 1.44 -9.96
N VAL A 75 5.87 2.48 -10.29
CA VAL A 75 5.79 3.68 -9.47
C VAL A 75 4.92 3.44 -8.24
N ASN A 76 3.87 2.64 -8.41
CA ASN A 76 2.96 2.34 -7.32
C ASN A 76 3.61 1.41 -6.30
N LEU A 77 4.24 0.35 -6.80
CA LEU A 77 4.91 -0.62 -5.93
C LEU A 77 6.03 0.04 -5.15
N ARG A 78 6.70 1.01 -5.78
CA ARG A 78 7.80 1.72 -5.14
C ARG A 78 7.32 2.44 -3.88
N ALA A 79 6.20 3.15 -4.00
CA ALA A 79 5.64 3.87 -2.87
C ALA A 79 5.23 2.91 -1.75
N MET A 80 4.70 1.75 -2.14
CA MET A 80 4.27 0.76 -1.16
C MET A 80 5.46 0.22 -0.37
N GLN A 81 6.61 0.10 -1.04
CA GLN A 81 7.82 -0.39 -0.40
C GLN A 81 8.26 0.54 0.73
N ASN A 82 8.25 1.84 0.45
CA ASN A 82 8.65 2.83 1.43
C ASN A 82 7.72 2.80 2.64
N PHE A 83 6.43 2.69 2.37
CA PHE A 83 5.42 2.65 3.44
C PHE A 83 5.63 1.42 4.32
N LEU A 84 5.87 0.27 3.68
CA LEU A 84 6.07 -0.98 4.40
C LEU A 84 7.43 -0.98 5.11
N GLN A 85 8.36 -0.21 4.58
CA GLN A 85 9.70 -0.13 5.17
C GLN A 85 9.67 0.60 6.51
N LEU A 86 8.71 1.51 6.66
CA LEU A 86 8.57 2.28 7.89
C LEU A 86 8.35 1.36 9.09
N PRO A 87 8.70 1.80 10.30
CA PRO A 87 8.53 1.02 11.52
C PRO A 87 7.06 0.82 11.88
N GLU A 88 6.80 -0.16 12.75
CA GLU A 88 5.44 -0.44 13.18
C GLU A 88 4.82 0.78 13.85
N ALA A 89 5.62 1.50 14.61
CA ALA A 89 5.15 2.69 15.32
C ALA A 89 4.66 3.76 14.33
N GLU A 90 5.39 3.89 13.22
CA GLU A 90 5.03 4.87 12.19
C GLU A 90 3.82 4.41 11.39
N ARG A 91 3.80 3.12 11.05
CA ARG A 91 2.70 2.55 10.28
C ARG A 91 1.38 2.71 11.01
N ASP A 92 1.39 2.40 12.31
CA ASP A 92 0.19 2.51 13.14
C ASP A 92 -0.30 3.96 13.20
N ARG A 93 0.65 4.89 13.29
CA ARG A 93 0.31 6.31 13.36
C ARG A 93 -0.39 6.76 12.08
N ILE A 94 0.01 6.19 10.95
CA ILE A 94 -0.58 6.54 9.67
C ILE A 94 -1.94 5.89 9.50
N TYR A 95 -2.09 4.69 10.05
CA TYR A 95 -3.35 3.95 9.96
C TYR A 95 -4.45 4.67 10.75
N GLN A 96 -4.18 4.96 12.01
CA GLN A 96 -5.15 5.64 12.87
C GLN A 96 -5.49 7.01 12.31
N ASP A 97 -4.48 7.69 11.77
CA ASP A 97 -4.66 9.02 11.20
C ASP A 97 -5.42 8.94 9.89
N GLU A 98 -6.73 9.19 9.95
CA GLU A 98 -7.57 9.14 8.76
C GLU A 98 -8.39 10.43 8.62
N ARG A 99 -8.58 10.88 7.38
CA ARG A 99 -9.35 12.10 7.13
C ARG A 99 -10.78 11.76 6.72
N GLU A 100 -11.30 10.65 7.25
CA GLU A 100 -12.65 10.21 6.94
C GLU A 100 -13.63 10.69 8.01
N ARG A 101 -13.43 10.23 9.23
CA ARG A 101 -14.29 10.60 10.34
C ARG A 101 -13.64 11.69 11.19
N SER A 102 -12.86 12.55 10.55
CA SER A 102 -12.18 13.64 11.23
C SER A 102 -13.15 14.75 11.61
N LEU A 103 -13.44 14.88 12.89
CA LEU A 103 -14.35 15.91 13.37
C LEU A 103 -13.67 16.82 14.39
N ASN A 104 -12.49 17.30 14.03
CA ASN A 104 -11.73 18.19 14.92
C ASN A 104 -12.52 19.45 15.23
N ALA A 105 -12.84 19.64 16.51
CA ALA A 105 -13.60 20.80 16.94
C ALA A 105 -12.73 22.06 16.95
N ALA A 106 -11.70 22.04 17.78
CA ALA A 106 -10.78 23.17 17.87
C ALA A 106 -9.32 22.71 17.85
N ASN A 19 14.73 1.29 -2.89
CA ASN A 19 15.53 0.07 -3.11
C ASN A 19 15.82 -0.15 -4.59
N THR A 20 14.95 0.37 -5.45
CA THR A 20 15.11 0.23 -6.89
C THR A 20 14.97 -1.22 -7.33
N GLU A 21 14.16 -1.98 -6.60
CA GLU A 21 13.95 -3.38 -6.91
C GLU A 21 12.68 -3.90 -6.23
N VAL A 22 11.74 -4.39 -7.04
CA VAL A 22 10.49 -4.91 -6.52
C VAL A 22 10.38 -6.42 -6.76
N SER A 23 10.37 -7.19 -5.68
CA SER A 23 10.27 -8.64 -5.78
C SER A 23 8.84 -9.11 -5.49
N SER A 24 8.65 -10.41 -5.45
CA SER A 24 7.32 -10.98 -5.18
C SER A 24 6.91 -10.75 -3.73
N GLU A 25 7.89 -10.56 -2.86
CA GLU A 25 7.63 -10.32 -1.45
C GLU A 25 6.72 -9.12 -1.25
N ILE A 26 6.79 -8.17 -2.18
CA ILE A 26 5.97 -6.96 -2.10
C ILE A 26 4.49 -7.31 -2.06
N TYR A 27 4.10 -8.35 -2.77
CA TYR A 27 2.71 -8.78 -2.82
C TYR A 27 2.34 -9.53 -1.54
N GLN A 28 3.25 -10.37 -1.06
CA GLN A 28 3.01 -11.15 0.16
C GLN A 28 2.99 -10.24 1.39
N TRP A 29 3.76 -9.15 1.32
CA TRP A 29 3.82 -8.20 2.43
C TRP A 29 2.50 -7.47 2.60
N VAL A 30 1.91 -7.04 1.49
CA VAL A 30 0.64 -6.33 1.52
C VAL A 30 -0.46 -7.18 2.18
N ARG A 31 -0.51 -8.45 1.81
CA ARG A 31 -1.51 -9.36 2.37
C ARG A 31 -1.18 -9.70 3.82
N ASP A 32 0.06 -10.08 4.08
CA ASP A 32 0.49 -10.43 5.42
C ASP A 32 0.33 -9.26 6.38
N GLU A 33 0.44 -8.05 5.84
CA GLU A 33 0.30 -6.84 6.66
C GLU A 33 -1.17 -6.50 6.87
N LEU A 34 -1.98 -6.70 5.83
CA LEU A 34 -3.41 -6.41 5.91
C LEU A 34 -4.10 -7.32 6.91
N LYS A 35 -3.70 -8.60 6.92
CA LYS A 35 -4.28 -9.57 7.83
C LYS A 35 -3.80 -9.34 9.27
N ARG A 36 -2.57 -8.85 9.39
CA ARG A 36 -1.99 -8.59 10.70
C ARG A 36 -2.42 -7.22 11.22
N ALA A 37 -2.63 -6.29 10.30
CA ALA A 37 -3.05 -4.94 10.67
C ALA A 37 -4.55 -4.87 10.92
N GLY A 38 -5.33 -5.35 9.95
CA GLY A 38 -6.77 -5.33 10.08
C GLY A 38 -7.39 -4.04 9.59
N ILE A 39 -7.39 -3.84 8.27
CA ILE A 39 -7.96 -2.64 7.68
C ILE A 39 -8.54 -2.93 6.30
N SER A 40 -9.20 -1.94 5.72
CA SER A 40 -9.81 -2.08 4.40
C SER A 40 -8.83 -1.68 3.31
N GLN A 41 -9.01 -2.26 2.13
CA GLN A 41 -8.14 -1.96 0.99
C GLN A 41 -8.21 -0.49 0.63
N ALA A 42 -9.36 0.12 0.86
CA ALA A 42 -9.56 1.53 0.55
C ALA A 42 -8.61 2.41 1.36
N VAL A 43 -8.49 2.10 2.64
CA VAL A 43 -7.61 2.86 3.53
C VAL A 43 -6.15 2.62 3.21
N PHE A 44 -5.78 1.35 3.07
CA PHE A 44 -4.41 0.97 2.76
C PHE A 44 -3.95 1.61 1.44
N ALA A 45 -4.78 1.49 0.42
CA ALA A 45 -4.46 2.05 -0.89
C ALA A 45 -4.30 3.56 -0.81
N ARG A 46 -5.03 4.18 0.12
CA ARG A 46 -4.97 5.63 0.29
C ARG A 46 -3.69 6.03 1.02
N VAL A 47 -3.47 5.46 2.20
CA VAL A 47 -2.29 5.76 2.98
C VAL A 47 -1.03 5.26 2.30
N ALA A 48 -1.16 4.21 1.50
CA ALA A 48 -0.03 3.64 0.78
C ALA A 48 0.34 4.49 -0.43
N PHE A 49 -0.48 4.42 -1.48
CA PHE A 49 -0.24 5.17 -2.69
C PHE A 49 -1.49 5.95 -3.10
N ASN A 50 -1.40 7.27 -3.04
CA ASN A 50 -2.52 8.13 -3.40
C ASN A 50 -2.63 8.28 -4.91
N ARG A 51 -3.40 7.39 -5.53
CA ARG A 51 -3.58 7.40 -6.98
C ARG A 51 -5.06 7.27 -7.33
N THR A 52 -5.64 6.12 -7.03
CA THR A 52 -7.04 5.87 -7.32
C THR A 52 -7.56 4.66 -6.55
N GLN A 53 -8.86 4.62 -6.32
CA GLN A 53 -9.48 3.51 -5.59
C GLN A 53 -9.79 2.34 -6.52
N GLY A 54 -9.51 1.13 -6.05
CA GLY A 54 -9.77 -0.05 -6.86
C GLY A 54 -8.53 -0.53 -7.59
N LEU A 55 -7.62 0.40 -7.89
CA LEU A 55 -6.38 0.06 -8.59
C LEU A 55 -5.57 -0.96 -7.80
N LEU A 56 -5.67 -0.89 -6.47
CA LEU A 56 -4.94 -1.82 -5.61
C LEU A 56 -5.34 -3.26 -5.88
N SER A 57 -6.64 -3.51 -5.94
CA SER A 57 -7.15 -4.84 -6.20
C SER A 57 -6.70 -5.36 -7.57
N GLU A 58 -6.69 -4.45 -8.55
CA GLU A 58 -6.27 -4.80 -9.91
C GLU A 58 -4.84 -5.32 -9.92
N ILE A 59 -3.97 -4.68 -9.14
CA ILE A 59 -2.58 -5.07 -9.07
C ILE A 59 -2.42 -6.44 -8.40
N LEU A 60 -3.25 -6.69 -7.40
CA LEU A 60 -3.20 -7.95 -6.68
C LEU A 60 -3.92 -9.06 -7.46
N ARG A 61 -4.88 -8.67 -8.28
CA ARG A 61 -5.64 -9.62 -9.09
C ARG A 61 -4.79 -10.16 -10.23
N LYS A 62 -3.87 -9.33 -10.73
CA LYS A 62 -3.01 -9.72 -11.83
C LYS A 62 -2.01 -10.80 -11.37
N GLU A 63 -1.45 -10.61 -10.19
CA GLU A 63 -0.49 -11.56 -9.64
C GLU A 63 0.75 -11.67 -10.55
N GLU A 64 1.04 -10.58 -11.27
CA GLU A 64 2.19 -10.56 -12.17
C GLU A 64 3.37 -9.84 -11.52
N ASP A 65 4.56 -10.06 -12.05
CA ASP A 65 5.77 -9.43 -11.53
C ASP A 65 6.16 -8.22 -12.38
N PRO A 66 6.66 -7.14 -11.75
CA PRO A 66 7.09 -5.93 -12.46
C PRO A 66 8.11 -6.22 -13.56
N LYS A 67 8.78 -7.37 -13.45
CA LYS A 67 9.78 -7.78 -14.43
C LYS A 67 9.26 -7.62 -15.86
N THR A 68 7.94 -7.75 -16.03
CA THR A 68 7.32 -7.62 -17.34
C THR A 68 6.22 -6.56 -17.34
N ALA A 69 6.28 -5.64 -16.36
CA ALA A 69 5.29 -4.58 -16.26
C ALA A 69 5.84 -3.27 -16.82
N SER A 70 5.08 -2.20 -16.65
CA SER A 70 5.48 -0.88 -17.15
C SER A 70 6.07 -0.04 -16.02
N GLN A 71 6.50 1.17 -16.36
CA GLN A 71 7.09 2.08 -15.38
C GLN A 71 6.02 2.58 -14.41
N SER A 72 4.80 2.71 -14.89
CA SER A 72 3.69 3.18 -14.07
C SER A 72 3.48 2.27 -12.85
N LEU A 73 3.41 0.97 -13.10
CA LEU A 73 3.22 0.00 -12.03
C LEU A 73 4.37 0.04 -11.04
N LEU A 74 5.59 0.22 -11.57
CA LEU A 74 6.78 0.28 -10.74
C LEU A 74 6.69 1.42 -9.73
N VAL A 75 6.00 2.48 -10.12
CA VAL A 75 5.82 3.65 -9.26
C VAL A 75 4.88 3.34 -8.11
N ASN A 76 3.72 2.79 -8.43
CA ASN A 76 2.72 2.45 -7.42
C ASN A 76 3.28 1.43 -6.43
N LEU A 77 3.97 0.43 -6.94
CA LEU A 77 4.55 -0.62 -6.10
C LEU A 77 5.65 -0.04 -5.22
N ARG A 78 6.33 0.98 -5.71
CA ARG A 78 7.41 1.62 -4.96
C ARG A 78 6.88 2.22 -3.67
N ALA A 79 5.83 3.02 -3.79
CA ALA A 79 5.22 3.66 -2.62
C ALA A 79 4.73 2.63 -1.62
N MET A 80 4.29 1.48 -2.13
CA MET A 80 3.79 0.41 -1.28
C MET A 80 4.91 -0.19 -0.44
N GLN A 81 6.06 -0.43 -1.07
CA GLN A 81 7.20 -0.99 -0.38
C GLN A 81 7.71 -0.05 0.70
N ASN A 82 7.82 1.24 0.36
CA ASN A 82 8.29 2.25 1.30
C ASN A 82 7.38 2.32 2.52
N PHE A 83 6.07 2.23 2.28
CA PHE A 83 5.08 2.29 3.36
C PHE A 83 5.21 1.08 4.27
N LEU A 84 5.57 -0.06 3.68
CA LEU A 84 5.72 -1.30 4.43
C LEU A 84 7.11 -1.38 5.08
N GLN A 85 8.09 -0.72 4.47
CA GLN A 85 9.45 -0.71 4.98
C GLN A 85 9.57 0.20 6.19
N LEU A 86 8.72 1.22 6.26
CA LEU A 86 8.73 2.16 7.37
C LEU A 86 8.54 1.44 8.70
N PRO A 87 8.90 2.10 9.82
CA PRO A 87 8.76 1.51 11.16
C PRO A 87 7.30 1.32 11.56
N GLU A 88 7.04 0.28 12.35
CA GLU A 88 5.69 -0.02 12.81
C GLU A 88 5.11 1.15 13.59
N ALA A 89 5.98 1.90 14.28
CA ALA A 89 5.55 3.04 15.06
C ALA A 89 4.85 4.08 14.19
N GLU A 90 5.47 4.38 13.05
CA GLU A 90 4.91 5.37 12.12
C GLU A 90 3.64 4.84 11.46
N ARG A 91 3.70 3.58 11.00
CA ARG A 91 2.56 2.97 10.35
C ARG A 91 1.33 2.95 11.27
N ASP A 92 1.57 2.76 12.56
CA ASP A 92 0.50 2.73 13.55
C ASP A 92 -0.17 4.10 13.64
N ARG A 93 0.62 5.15 13.55
CA ARG A 93 0.11 6.52 13.63
C ARG A 93 -0.60 6.91 12.35
N ILE A 94 -0.09 6.41 11.22
CA ILE A 94 -0.68 6.70 9.91
C ILE A 94 -1.97 5.91 9.70
N TYR A 95 -2.24 4.94 10.57
CA TYR A 95 -3.44 4.12 10.46
C TYR A 95 -4.56 4.67 11.34
N GLN A 96 -4.18 5.31 12.44
CA GLN A 96 -5.15 5.88 13.37
C GLN A 96 -5.38 7.36 13.10
N ASP A 97 -4.48 7.98 12.34
CA ASP A 97 -4.59 9.40 12.03
C ASP A 97 -5.77 9.65 11.09
N GLU A 98 -6.98 9.51 11.63
CA GLU A 98 -8.19 9.73 10.85
C GLU A 98 -8.97 10.94 11.37
N ARG A 99 -9.42 11.79 10.46
CA ARG A 99 -10.17 12.98 10.83
C ARG A 99 -11.63 12.64 11.12
N GLU A 100 -12.08 12.93 12.34
CA GLU A 100 -13.45 12.65 12.73
C GLU A 100 -14.42 13.69 12.16
N ARG A 101 -13.88 14.74 11.56
CA ARG A 101 -14.70 15.79 10.97
C ARG A 101 -15.70 15.21 9.97
N SER A 102 -15.31 14.11 9.33
CA SER A 102 -16.16 13.46 8.34
C SER A 102 -17.42 12.90 9.00
N LEU A 103 -18.17 12.10 8.25
CA LEU A 103 -19.39 11.49 8.76
C LEU A 103 -19.33 9.98 8.65
N ASN A 104 -19.95 9.29 9.60
CA ASN A 104 -19.97 7.84 9.61
C ASN A 104 -20.65 7.29 8.35
N ALA A 105 -20.37 6.04 8.03
CA ALA A 105 -20.96 5.40 6.86
C ALA A 105 -22.18 4.56 7.23
N ALA A 106 -22.97 5.06 8.17
CA ALA A 106 -24.16 4.36 8.62
C ALA A 106 -25.41 4.96 8.00
N ASN A 19 16.03 1.19 -12.75
CA ASN A 19 16.65 2.01 -11.68
C ASN A 19 16.42 1.39 -10.31
N THR A 20 15.29 0.71 -10.15
CA THR A 20 14.96 0.06 -8.89
C THR A 20 14.42 -1.34 -9.13
N GLU A 21 14.96 -2.31 -8.38
CA GLU A 21 14.52 -3.70 -8.50
C GLU A 21 13.46 -4.03 -7.46
N VAL A 22 12.29 -4.48 -7.93
CA VAL A 22 11.20 -4.84 -7.03
C VAL A 22 10.97 -6.34 -7.03
N SER A 23 10.82 -6.91 -5.85
CA SER A 23 10.60 -8.34 -5.70
C SER A 23 9.11 -8.64 -5.46
N SER A 24 8.73 -9.89 -5.67
CA SER A 24 7.35 -10.31 -5.48
C SER A 24 6.93 -10.21 -4.01
N GLU A 25 7.93 -10.20 -3.11
CA GLU A 25 7.66 -10.11 -1.69
C GLU A 25 6.74 -8.94 -1.37
N ILE A 26 6.79 -7.91 -2.21
CA ILE A 26 5.96 -6.73 -2.02
C ILE A 26 4.48 -7.09 -1.99
N TYR A 27 4.06 -7.94 -2.91
CA TYR A 27 2.67 -8.38 -2.99
C TYR A 27 2.29 -9.22 -1.78
N GLN A 28 3.21 -10.10 -1.36
CA GLN A 28 2.98 -10.95 -0.21
C GLN A 28 2.90 -10.14 1.07
N TRP A 29 3.66 -9.04 1.12
CA TRP A 29 3.67 -8.17 2.29
C TRP A 29 2.33 -7.44 2.45
N VAL A 30 1.85 -6.88 1.35
CA VAL A 30 0.58 -6.16 1.37
C VAL A 30 -0.57 -7.07 1.79
N ARG A 31 -0.48 -8.35 1.43
CA ARG A 31 -1.51 -9.32 1.77
C ARG A 31 -1.43 -9.68 3.25
N ASP A 32 -0.21 -9.90 3.74
CA ASP A 32 0.01 -10.26 5.14
C ASP A 32 -0.26 -9.07 6.05
N GLU A 33 0.08 -7.88 5.58
CA GLU A 33 -0.12 -6.65 6.35
C GLU A 33 -1.60 -6.34 6.50
N LEU A 34 -2.37 -6.62 5.45
CA LEU A 34 -3.80 -6.37 5.45
C LEU A 34 -4.51 -7.30 6.44
N LYS A 35 -4.03 -8.53 6.54
CA LYS A 35 -4.62 -9.50 7.45
C LYS A 35 -4.29 -9.17 8.90
N ARG A 36 -3.07 -8.71 9.14
CA ARG A 36 -2.64 -8.35 10.49
C ARG A 36 -3.28 -7.04 10.93
N ALA A 37 -3.30 -6.06 10.03
CA ALA A 37 -3.89 -4.76 10.33
C ALA A 37 -5.41 -4.83 10.35
N GLY A 38 -5.96 -5.72 9.53
CA GLY A 38 -7.41 -5.87 9.47
C GLY A 38 -8.10 -4.62 8.95
N ILE A 39 -7.43 -3.88 8.09
CA ILE A 39 -7.98 -2.66 7.52
C ILE A 39 -8.48 -2.89 6.10
N SER A 40 -9.32 -1.98 5.62
CA SER A 40 -9.86 -2.08 4.28
C SER A 40 -8.80 -1.75 3.23
N GLN A 41 -8.94 -2.34 2.04
CA GLN A 41 -7.99 -2.12 0.96
C GLN A 41 -7.98 -0.65 0.55
N ALA A 42 -9.13 0.02 0.66
CA ALA A 42 -9.25 1.41 0.30
C ALA A 42 -8.36 2.29 1.18
N VAL A 43 -8.30 1.97 2.46
CA VAL A 43 -7.48 2.72 3.41
C VAL A 43 -6.01 2.48 3.16
N PHE A 44 -5.65 1.22 2.93
CA PHE A 44 -4.26 0.85 2.69
C PHE A 44 -3.73 1.53 1.43
N ALA A 45 -4.53 1.51 0.37
CA ALA A 45 -4.13 2.12 -0.90
C ALA A 45 -4.00 3.63 -0.75
N ARG A 46 -4.79 4.21 0.15
CA ARG A 46 -4.76 5.65 0.37
C ARG A 46 -3.49 6.05 1.13
N VAL A 47 -3.05 5.20 2.03
CA VAL A 47 -1.84 5.46 2.82
C VAL A 47 -0.59 4.97 2.09
N ALA A 48 -0.75 3.90 1.32
CA ALA A 48 0.37 3.33 0.57
C ALA A 48 0.65 4.14 -0.68
N PHE A 49 -0.31 4.18 -1.59
CA PHE A 49 -0.17 4.91 -2.84
C PHE A 49 -1.46 5.63 -3.21
N ASN A 50 -1.53 6.92 -2.89
CA ASN A 50 -2.71 7.73 -3.18
C ASN A 50 -2.82 7.99 -4.68
N ARG A 51 -3.63 7.19 -5.36
CA ARG A 51 -3.83 7.34 -6.80
C ARG A 51 -5.31 7.21 -7.16
N THR A 52 -5.85 6.02 -6.98
CA THR A 52 -7.25 5.76 -7.30
C THR A 52 -7.78 4.58 -6.51
N GLN A 53 -9.07 4.62 -6.15
CA GLN A 53 -9.69 3.55 -5.39
C GLN A 53 -10.00 2.35 -6.29
N GLY A 54 -9.71 1.16 -5.79
CA GLY A 54 -9.96 -0.05 -6.56
C GLY A 54 -8.71 -0.57 -7.25
N LEU A 55 -7.79 0.35 -7.56
CA LEU A 55 -6.55 -0.02 -8.22
C LEU A 55 -5.77 -1.04 -7.40
N LEU A 56 -5.82 -0.88 -6.07
CA LEU A 56 -5.11 -1.79 -5.17
C LEU A 56 -5.60 -3.22 -5.35
N SER A 57 -6.86 -3.38 -5.72
CA SER A 57 -7.44 -4.70 -5.92
C SER A 57 -6.96 -5.31 -7.23
N GLU A 58 -6.96 -4.50 -8.29
CA GLU A 58 -6.53 -4.95 -9.61
C GLU A 58 -5.07 -5.40 -9.57
N ILE A 59 -4.24 -4.64 -8.86
CA ILE A 59 -2.82 -4.96 -8.74
C ILE A 59 -2.61 -6.21 -7.91
N LEU A 60 -3.48 -6.43 -6.94
CA LEU A 60 -3.38 -7.60 -6.07
C LEU A 60 -3.99 -8.83 -6.75
N ARG A 61 -5.00 -8.60 -7.59
CA ARG A 61 -5.65 -9.69 -8.30
C ARG A 61 -4.75 -10.25 -9.40
N LYS A 62 -4.13 -9.35 -10.15
CA LYS A 62 -3.25 -9.76 -11.24
C LYS A 62 -2.09 -10.61 -10.72
N GLU A 63 -1.49 -10.18 -9.62
CA GLU A 63 -0.37 -10.90 -9.02
C GLU A 63 0.79 -11.00 -9.99
N GLU A 64 0.94 -9.99 -10.84
CA GLU A 64 2.02 -9.97 -11.82
C GLU A 64 3.30 -9.44 -11.21
N ASP A 65 4.44 -9.88 -11.74
CA ASP A 65 5.74 -9.44 -11.24
C ASP A 65 6.11 -8.07 -11.79
N PRO A 66 6.82 -7.25 -10.99
CA PRO A 66 7.23 -5.92 -11.40
C PRO A 66 8.35 -5.95 -12.44
N LYS A 67 9.16 -7.00 -12.41
CA LYS A 67 10.27 -7.15 -13.35
C LYS A 67 9.76 -7.12 -14.79
N THR A 68 8.57 -7.66 -15.01
CA THR A 68 7.98 -7.70 -16.34
C THR A 68 6.72 -6.82 -16.42
N ALA A 69 6.67 -5.79 -15.58
CA ALA A 69 5.53 -4.88 -15.55
C ALA A 69 5.85 -3.60 -16.31
N SER A 70 4.97 -2.61 -16.18
CA SER A 70 5.14 -1.33 -16.85
C SER A 70 5.73 -0.29 -15.90
N GLN A 71 6.07 0.88 -16.44
CA GLN A 71 6.64 1.95 -15.63
C GLN A 71 5.64 2.42 -14.57
N SER A 72 4.41 2.66 -14.99
CA SER A 72 3.36 3.10 -14.07
C SER A 72 3.15 2.11 -12.95
N LEU A 73 3.20 0.82 -13.29
CA LEU A 73 3.01 -0.25 -12.31
C LEU A 73 4.19 -0.30 -11.34
N LEU A 74 5.39 -0.01 -11.85
CA LEU A 74 6.59 -0.03 -11.03
C LEU A 74 6.62 1.16 -10.08
N VAL A 75 6.11 2.30 -10.54
CA VAL A 75 6.08 3.51 -9.73
C VAL A 75 5.16 3.34 -8.52
N ASN A 76 3.95 2.82 -8.77
CA ASN A 76 2.98 2.60 -7.71
C ASN A 76 3.47 1.55 -6.72
N LEU A 77 4.14 0.51 -7.24
CA LEU A 77 4.66 -0.56 -6.42
C LEU A 77 5.80 -0.06 -5.53
N ARG A 78 6.59 0.87 -6.06
CA ARG A 78 7.71 1.43 -5.31
C ARG A 78 7.23 2.11 -4.04
N ALA A 79 6.17 2.90 -4.17
CA ALA A 79 5.62 3.61 -3.03
C ALA A 79 5.12 2.64 -1.96
N MET A 80 4.53 1.54 -2.40
CA MET A 80 4.01 0.53 -1.49
C MET A 80 5.14 -0.12 -0.69
N GLN A 81 6.28 -0.29 -1.34
CA GLN A 81 7.44 -0.90 -0.70
C GLN A 81 8.00 0.02 0.39
N ASN A 82 8.08 1.32 0.08
CA ASN A 82 8.60 2.30 1.02
C ASN A 82 7.69 2.40 2.25
N PHE A 83 6.38 2.37 2.01
CA PHE A 83 5.41 2.46 3.09
C PHE A 83 5.54 1.27 4.04
N LEU A 84 5.86 0.10 3.47
CA LEU A 84 6.01 -1.11 4.26
C LEU A 84 7.37 -1.14 4.95
N GLN A 85 8.35 -0.47 4.35
CA GLN A 85 9.70 -0.43 4.90
C GLN A 85 9.74 0.40 6.19
N LEU A 86 8.83 1.36 6.30
CA LEU A 86 8.78 2.22 7.47
C LEU A 86 8.57 1.39 8.75
N PRO A 87 8.98 1.93 9.91
CA PRO A 87 8.84 1.23 11.19
C PRO A 87 7.38 1.10 11.62
N GLU A 88 7.13 0.20 12.56
CA GLU A 88 5.77 -0.02 13.06
C GLU A 88 5.19 1.26 13.65
N ALA A 89 6.06 2.10 14.21
CA ALA A 89 5.63 3.35 14.81
C ALA A 89 5.01 4.28 13.77
N GLU A 90 5.52 4.20 12.55
CA GLU A 90 5.01 5.04 11.45
C GLU A 90 3.67 4.51 10.95
N ARG A 91 3.62 3.22 10.64
CA ARG A 91 2.40 2.60 10.15
C ARG A 91 1.27 2.75 11.16
N ASP A 92 1.61 2.63 12.44
CA ASP A 92 0.62 2.75 13.51
C ASP A 92 0.03 4.15 13.54
N ARG A 93 0.90 5.16 13.51
CA ARG A 93 0.46 6.55 13.54
C ARG A 93 -0.50 6.85 12.39
N ILE A 94 -0.20 6.29 11.22
CA ILE A 94 -1.04 6.51 10.04
C ILE A 94 -2.34 5.74 10.16
N TYR A 95 -2.25 4.48 10.56
CA TYR A 95 -3.44 3.63 10.71
C TYR A 95 -4.37 4.19 11.78
N GLN A 96 -3.82 4.50 12.95
CA GLN A 96 -4.61 5.05 14.04
C GLN A 96 -5.27 6.36 13.65
N ASP A 97 -4.64 7.08 12.73
CA ASP A 97 -5.17 8.35 12.26
C ASP A 97 -6.48 8.15 11.50
N GLU A 98 -7.56 7.93 12.24
CA GLU A 98 -8.87 7.72 11.64
C GLU A 98 -9.94 7.54 12.71
N ARG A 99 -11.16 7.98 12.41
CA ARG A 99 -12.26 7.87 13.35
C ARG A 99 -12.55 6.40 13.67
N GLU A 100 -13.21 5.72 12.73
CA GLU A 100 -13.55 4.31 12.91
C GLU A 100 -12.56 3.41 12.17
N ARG A 101 -12.68 2.11 12.39
CA ARG A 101 -11.80 1.15 11.75
C ARG A 101 -12.47 0.52 10.52
N SER A 102 -13.55 -0.22 10.76
CA SER A 102 -14.28 -0.87 9.68
C SER A 102 -15.52 -0.07 9.31
N LEU A 103 -16.47 0.00 10.23
CA LEU A 103 -17.72 0.73 9.99
C LEU A 103 -17.44 2.22 9.86
N ASN A 104 -18.33 2.91 9.15
CA ASN A 104 -18.19 4.35 8.94
C ASN A 104 -19.54 5.05 9.03
N ALA A 105 -19.68 5.95 10.00
CA ALA A 105 -20.92 6.68 10.20
C ALA A 105 -21.13 7.71 9.10
N ALA A 106 -22.37 8.12 8.90
CA ALA A 106 -22.71 9.11 7.87
C ALA A 106 -22.52 10.53 8.41
N ASN A 19 18.99 -0.79 -5.11
CA ASN A 19 19.83 -1.89 -5.67
C ASN A 19 19.10 -3.22 -5.59
N THR A 20 17.79 -3.20 -5.85
CA THR A 20 16.98 -4.41 -5.80
C THR A 20 15.57 -4.15 -6.31
N GLU A 21 15.01 -5.11 -7.03
CA GLU A 21 13.66 -4.98 -7.56
C GLU A 21 12.63 -5.53 -6.58
N VAL A 22 11.42 -4.98 -6.63
CA VAL A 22 10.35 -5.42 -5.75
C VAL A 22 9.86 -6.81 -6.12
N SER A 23 10.41 -7.83 -5.45
CA SER A 23 10.03 -9.21 -5.72
C SER A 23 8.56 -9.45 -5.40
N SER A 24 8.12 -10.68 -5.56
CA SER A 24 6.73 -11.04 -5.29
C SER A 24 6.41 -10.92 -3.80
N GLU A 25 7.44 -10.97 -2.96
CA GLU A 25 7.26 -10.87 -1.52
C GLU A 25 6.43 -9.64 -1.15
N ILE A 26 6.47 -8.62 -2.01
CA ILE A 26 5.72 -7.40 -1.78
C ILE A 26 4.22 -7.68 -1.69
N TYR A 27 3.73 -8.50 -2.62
CA TYR A 27 2.31 -8.86 -2.64
C TYR A 27 1.94 -9.67 -1.41
N GLN A 28 2.85 -10.54 -0.97
CA GLN A 28 2.61 -11.37 0.20
C GLN A 28 2.60 -10.53 1.48
N TRP A 29 3.38 -9.46 1.47
CA TRP A 29 3.46 -8.57 2.63
C TRP A 29 2.19 -7.76 2.78
N VAL A 30 1.70 -7.20 1.68
CA VAL A 30 0.49 -6.40 1.68
C VAL A 30 -0.71 -7.22 2.15
N ARG A 31 -0.70 -8.51 1.82
CA ARG A 31 -1.78 -9.40 2.20
C ARG A 31 -1.78 -9.64 3.71
N ASP A 32 -0.58 -9.82 4.27
CA ASP A 32 -0.45 -10.07 5.70
C ASP A 32 -0.59 -8.77 6.49
N GLU A 33 -0.08 -7.68 5.93
CA GLU A 33 -0.15 -6.37 6.58
C GLU A 33 -1.61 -5.95 6.78
N LEU A 34 -2.45 -6.23 5.79
CA LEU A 34 -3.86 -5.88 5.85
C LEU A 34 -4.61 -6.80 6.81
N LYS A 35 -4.16 -8.06 6.90
CA LYS A 35 -4.78 -9.04 7.77
C LYS A 35 -4.43 -8.77 9.23
N ARG A 36 -3.24 -8.23 9.45
CA ARG A 36 -2.77 -7.92 10.81
C ARG A 36 -3.42 -6.64 11.32
N ALA A 37 -3.14 -5.52 10.64
CA ALA A 37 -3.69 -4.24 11.02
C ALA A 37 -5.20 -4.24 10.97
N GLY A 38 -5.76 -4.92 9.98
CA GLY A 38 -7.20 -5.01 9.84
C GLY A 38 -7.82 -3.68 9.44
N ILE A 39 -7.48 -3.21 8.25
CA ILE A 39 -8.00 -1.94 7.75
C ILE A 39 -8.53 -2.09 6.32
N SER A 40 -9.43 -1.19 5.93
CA SER A 40 -10.02 -1.22 4.60
C SER A 40 -8.95 -0.96 3.53
N GLN A 41 -9.22 -1.41 2.31
CA GLN A 41 -8.30 -1.24 1.20
C GLN A 41 -8.19 0.23 0.82
N ALA A 42 -9.31 0.96 0.93
CA ALA A 42 -9.35 2.37 0.60
C ALA A 42 -8.36 3.17 1.45
N VAL A 43 -8.14 2.70 2.68
CA VAL A 43 -7.22 3.37 3.59
C VAL A 43 -5.77 3.07 3.23
N PHE A 44 -5.46 1.79 3.06
CA PHE A 44 -4.11 1.37 2.72
C PHE A 44 -3.71 1.88 1.33
N ALA A 45 -4.67 1.88 0.42
CA ALA A 45 -4.42 2.35 -0.94
C ALA A 45 -4.14 3.85 -0.97
N ARG A 46 -4.90 4.60 -0.18
CA ARG A 46 -4.73 6.04 -0.11
C ARG A 46 -3.39 6.41 0.53
N VAL A 47 -3.11 5.76 1.66
CA VAL A 47 -1.85 6.01 2.38
C VAL A 47 -0.66 5.47 1.61
N ALA A 48 -0.84 4.32 0.97
CA ALA A 48 0.23 3.71 0.19
C ALA A 48 0.49 4.47 -1.10
N PHE A 49 -0.46 4.39 -2.04
CA PHE A 49 -0.32 5.07 -3.32
C PHE A 49 -1.63 5.78 -3.69
N ASN A 50 -1.59 7.10 -3.71
CA ASN A 50 -2.77 7.90 -4.05
C ASN A 50 -3.25 7.56 -5.46
N ARG A 51 -4.24 6.68 -5.54
CA ARG A 51 -4.80 6.28 -6.83
C ARG A 51 -6.28 5.96 -6.70
N THR A 52 -6.91 5.59 -7.82
CA THR A 52 -8.32 5.26 -7.82
C THR A 52 -8.58 3.94 -7.11
N GLN A 53 -9.77 3.80 -6.53
CA GLN A 53 -10.14 2.58 -5.81
C GLN A 53 -10.28 1.41 -6.77
N GLY A 54 -9.99 0.21 -6.28
CA GLY A 54 -10.09 -0.97 -7.11
C GLY A 54 -8.76 -1.37 -7.73
N LEU A 55 -7.88 -0.40 -7.93
CA LEU A 55 -6.58 -0.65 -8.51
C LEU A 55 -5.77 -1.60 -7.63
N LEU A 56 -5.96 -1.50 -6.32
CA LEU A 56 -5.25 -2.35 -5.38
C LEU A 56 -5.55 -3.82 -5.64
N SER A 57 -6.84 -4.15 -5.73
CA SER A 57 -7.26 -5.52 -5.97
C SER A 57 -6.70 -6.03 -7.30
N GLU A 58 -6.51 -5.13 -8.25
CA GLU A 58 -5.99 -5.49 -9.56
C GLU A 58 -4.50 -5.84 -9.48
N ILE A 59 -3.80 -5.18 -8.57
CA ILE A 59 -2.38 -5.42 -8.39
C ILE A 59 -2.14 -6.70 -7.60
N LEU A 60 -3.01 -6.97 -6.63
CA LEU A 60 -2.89 -8.16 -5.81
C LEU A 60 -3.30 -9.42 -6.60
N ARG A 61 -4.29 -9.26 -7.46
CA ARG A 61 -4.78 -10.37 -8.27
C ARG A 61 -3.79 -10.71 -9.38
N LYS A 62 -3.45 -9.72 -10.19
CA LYS A 62 -2.52 -9.91 -11.29
C LYS A 62 -1.15 -10.37 -10.77
N GLU A 63 -0.65 -9.69 -9.76
CA GLU A 63 0.65 -10.03 -9.17
C GLU A 63 1.76 -9.94 -10.20
N GLU A 64 1.59 -9.03 -11.16
CA GLU A 64 2.59 -8.85 -12.21
C GLU A 64 3.89 -8.31 -11.64
N ASP A 65 4.95 -9.11 -11.74
CA ASP A 65 6.26 -8.71 -11.23
C ASP A 65 6.76 -7.46 -11.95
N PRO A 66 7.55 -6.63 -11.25
CA PRO A 66 8.10 -5.40 -11.82
C PRO A 66 9.38 -5.63 -12.62
N LYS A 67 9.35 -6.63 -13.50
CA LYS A 67 10.51 -6.95 -14.33
C LYS A 67 10.35 -6.38 -15.73
N THR A 68 9.20 -6.65 -16.36
CA THR A 68 8.92 -6.17 -17.70
C THR A 68 7.62 -5.38 -17.74
N ALA A 69 7.30 -4.72 -16.62
CA ALA A 69 6.09 -3.91 -16.52
C ALA A 69 6.35 -2.47 -16.94
N SER A 70 5.31 -1.64 -16.85
CA SER A 70 5.43 -0.24 -17.21
C SER A 70 5.92 0.59 -16.02
N GLN A 71 6.08 1.89 -16.25
CA GLN A 71 6.54 2.79 -15.19
C GLN A 71 5.42 3.08 -14.20
N SER A 72 4.19 3.06 -14.68
CA SER A 72 3.03 3.32 -13.84
C SER A 72 2.96 2.33 -12.68
N LEU A 73 3.07 1.04 -12.99
CA LEU A 73 3.02 0.00 -11.98
C LEU A 73 4.21 0.10 -11.03
N LEU A 74 5.38 0.37 -11.59
CA LEU A 74 6.60 0.50 -10.80
C LEU A 74 6.46 1.60 -9.75
N VAL A 75 5.81 2.69 -10.13
CA VAL A 75 5.61 3.82 -9.23
C VAL A 75 4.67 3.43 -8.08
N ASN A 76 3.68 2.59 -8.40
CA ASN A 76 2.71 2.15 -7.40
C ASN A 76 3.33 1.12 -6.47
N LEU A 77 4.10 0.18 -7.04
CA LEU A 77 4.75 -0.85 -6.26
C LEU A 77 5.76 -0.25 -5.28
N ARG A 78 6.51 0.73 -5.76
CA ARG A 78 7.52 1.40 -4.93
C ARG A 78 6.86 2.06 -3.72
N ALA A 79 5.71 2.68 -3.94
CA ALA A 79 4.99 3.35 -2.87
C ALA A 79 4.55 2.36 -1.80
N MET A 80 4.04 1.21 -2.24
CA MET A 80 3.58 0.18 -1.31
C MET A 80 4.77 -0.47 -0.61
N GLN A 81 5.89 -0.60 -1.32
CA GLN A 81 7.08 -1.20 -0.75
C GLN A 81 7.69 -0.30 0.33
N ASN A 82 7.81 0.99 0.01
CA ASN A 82 8.37 1.96 0.94
C ASN A 82 7.55 2.01 2.22
N PHE A 83 6.23 1.90 2.08
CA PHE A 83 5.33 1.94 3.22
C PHE A 83 5.51 0.70 4.09
N LEU A 84 5.60 -0.47 3.46
CA LEU A 84 5.78 -1.72 4.18
C LEU A 84 7.19 -1.83 4.74
N GLN A 85 8.16 -1.26 4.02
CA GLN A 85 9.55 -1.30 4.46
C GLN A 85 9.75 -0.40 5.68
N LEU A 86 8.98 0.67 5.76
CA LEU A 86 9.08 1.61 6.88
C LEU A 86 8.81 0.89 8.20
N PRO A 87 9.26 1.50 9.32
CA PRO A 87 9.07 0.91 10.65
C PRO A 87 7.60 0.86 11.05
N GLU A 88 7.24 -0.16 11.84
CA GLU A 88 5.87 -0.33 12.29
C GLU A 88 5.39 0.89 13.08
N ALA A 89 6.32 1.57 13.74
CA ALA A 89 5.99 2.76 14.52
C ALA A 89 5.34 3.82 13.66
N GLU A 90 5.84 3.99 12.44
CA GLU A 90 5.30 4.97 11.51
C GLU A 90 3.92 4.55 11.00
N ARG A 91 3.84 3.31 10.50
CA ARG A 91 2.59 2.79 9.98
C ARG A 91 1.51 2.76 11.06
N ASP A 92 1.94 2.58 12.31
CA ASP A 92 1.01 2.55 13.44
C ASP A 92 0.25 3.86 13.57
N ARG A 93 0.98 4.97 13.66
CA ARG A 93 0.37 6.28 13.79
C ARG A 93 -0.48 6.61 12.55
N ILE A 94 0.06 6.32 11.38
CA ILE A 94 -0.64 6.58 10.13
C ILE A 94 -1.98 5.84 10.08
N TYR A 95 -2.02 4.68 10.74
CA TYR A 95 -3.24 3.87 10.78
C TYR A 95 -4.14 4.30 11.94
N GLN A 96 -3.52 4.63 13.07
CA GLN A 96 -4.27 5.06 14.25
C GLN A 96 -4.26 6.59 14.38
N ASP A 97 -4.14 7.28 13.24
CA ASP A 97 -4.12 8.73 13.24
C ASP A 97 -5.52 9.29 13.41
N GLU A 98 -5.65 10.62 13.32
CA GLU A 98 -6.93 11.27 13.46
C GLU A 98 -7.42 11.80 12.12
N ARG A 99 -8.52 11.25 11.63
CA ARG A 99 -9.09 11.66 10.35
C ARG A 99 -9.59 13.10 10.42
N GLU A 100 -8.67 14.05 10.33
CA GLU A 100 -9.01 15.46 10.39
C GLU A 100 -9.20 16.04 8.98
N ARG A 101 -9.43 17.34 8.91
CA ARG A 101 -9.64 18.01 7.63
C ARG A 101 -8.30 18.38 7.00
N SER A 102 -7.45 17.38 6.79
CA SER A 102 -6.13 17.60 6.20
C SER A 102 -6.17 17.35 4.69
N LEU A 103 -7.21 17.84 4.03
CA LEU A 103 -7.37 17.67 2.60
C LEU A 103 -8.08 18.86 1.97
N ASN A 104 -7.38 19.56 1.09
CA ASN A 104 -7.94 20.73 0.42
C ASN A 104 -8.04 20.51 -1.08
N ALA A 105 -8.45 19.32 -1.48
CA ALA A 105 -8.59 18.98 -2.89
C ALA A 105 -9.84 19.59 -3.49
N ALA A 106 -9.72 20.12 -4.70
CA ALA A 106 -10.85 20.74 -5.38
C ALA A 106 -10.63 20.76 -6.90
N ASN A 19 16.79 -6.78 -2.66
CA ASN A 19 17.06 -5.64 -1.74
C ASN A 19 16.77 -4.30 -2.41
N THR A 20 17.24 -4.17 -3.65
CA THR A 20 17.03 -2.94 -4.41
C THR A 20 15.85 -3.07 -5.36
N GLU A 21 15.63 -4.27 -5.86
CA GLU A 21 14.53 -4.53 -6.79
C GLU A 21 13.27 -4.95 -6.03
N VAL A 22 12.14 -4.94 -6.73
CA VAL A 22 10.88 -5.31 -6.12
C VAL A 22 10.46 -6.73 -6.55
N SER A 23 10.52 -7.67 -5.61
CA SER A 23 10.14 -9.05 -5.89
C SER A 23 8.69 -9.31 -5.52
N SER A 24 8.26 -10.56 -5.67
CA SER A 24 6.90 -10.95 -5.35
C SER A 24 6.63 -10.84 -3.84
N GLU A 25 7.70 -10.85 -3.05
CA GLU A 25 7.58 -10.75 -1.60
C GLU A 25 6.71 -9.55 -1.21
N ILE A 26 6.73 -8.51 -2.02
CA ILE A 26 5.95 -7.31 -1.77
C ILE A 26 4.46 -7.63 -1.67
N TYR A 27 3.98 -8.45 -2.59
CA TYR A 27 2.57 -8.83 -2.61
C TYR A 27 2.20 -9.60 -1.35
N GLN A 28 3.01 -10.60 -1.02
CA GLN A 28 2.77 -11.42 0.17
C GLN A 28 2.75 -10.56 1.43
N TRP A 29 3.53 -9.49 1.42
CA TRP A 29 3.60 -8.58 2.56
C TRP A 29 2.26 -7.89 2.80
N VAL A 30 1.69 -7.35 1.73
CA VAL A 30 0.41 -6.66 1.82
C VAL A 30 -0.67 -7.57 2.39
N ARG A 31 -0.68 -8.83 1.95
CA ARG A 31 -1.67 -9.79 2.41
C ARG A 31 -1.55 -10.00 3.93
N ASP A 32 -0.32 -10.13 4.40
CA ASP A 32 -0.06 -10.34 5.83
C ASP A 32 -0.30 -9.06 6.61
N GLU A 33 0.15 -7.94 6.06
CA GLU A 33 0.00 -6.64 6.71
C GLU A 33 -1.48 -6.31 6.93
N LEU A 34 -2.30 -6.59 5.91
CA LEU A 34 -3.72 -6.32 5.98
C LEU A 34 -4.36 -7.11 7.13
N LYS A 35 -4.09 -8.40 7.18
CA LYS A 35 -4.63 -9.26 8.22
C LYS A 35 -4.01 -8.93 9.58
N ARG A 36 -2.72 -8.63 9.58
CA ARG A 36 -2.00 -8.29 10.80
C ARG A 36 -2.56 -7.02 11.43
N ALA A 37 -2.37 -5.90 10.75
CA ALA A 37 -2.85 -4.61 11.23
C ALA A 37 -4.37 -4.63 11.40
N GLY A 38 -5.07 -5.15 10.40
CA GLY A 38 -6.52 -5.20 10.46
C GLY A 38 -7.17 -3.93 9.99
N ILE A 39 -7.13 -3.70 8.68
CA ILE A 39 -7.72 -2.50 8.10
C ILE A 39 -8.25 -2.77 6.70
N SER A 40 -9.21 -1.96 6.26
CA SER A 40 -9.80 -2.11 4.93
C SER A 40 -8.82 -1.68 3.85
N GLN A 41 -8.98 -2.27 2.66
CA GLN A 41 -8.12 -1.94 1.53
C GLN A 41 -8.21 -0.47 1.18
N ALA A 42 -9.37 0.13 1.42
CA ALA A 42 -9.60 1.54 1.13
C ALA A 42 -8.60 2.41 1.88
N VAL A 43 -8.30 2.04 3.12
CA VAL A 43 -7.36 2.79 3.94
C VAL A 43 -5.92 2.50 3.52
N PHE A 44 -5.58 1.23 3.44
CA PHE A 44 -4.23 0.82 3.04
C PHE A 44 -3.86 1.38 1.69
N ALA A 45 -4.85 1.46 0.80
CA ALA A 45 -4.63 1.99 -0.55
C ALA A 45 -4.47 3.50 -0.54
N ARG A 46 -5.14 4.15 0.42
CA ARG A 46 -5.07 5.60 0.54
C ARG A 46 -3.80 6.03 1.25
N VAL A 47 -3.30 5.18 2.15
CA VAL A 47 -2.08 5.48 2.89
C VAL A 47 -0.85 4.98 2.15
N ALA A 48 -1.04 3.92 1.35
CA ALA A 48 0.06 3.35 0.58
C ALA A 48 0.40 4.21 -0.63
N PHE A 49 -0.57 4.36 -1.53
CA PHE A 49 -0.38 5.15 -2.73
C PHE A 49 -1.67 5.85 -3.14
N ASN A 50 -1.63 7.18 -3.18
CA ASN A 50 -2.80 7.96 -3.55
C ASN A 50 -3.03 7.93 -5.06
N ARG A 51 -3.98 7.10 -5.48
CA ARG A 51 -4.30 6.98 -6.90
C ARG A 51 -5.76 6.60 -7.10
N THR A 52 -6.11 5.39 -6.67
CA THR A 52 -7.48 4.91 -6.80
C THR A 52 -7.78 3.83 -5.76
N GLN A 53 -9.06 3.67 -5.43
CA GLN A 53 -9.48 2.67 -4.46
C GLN A 53 -9.54 1.28 -5.09
N GLY A 54 -9.89 1.24 -6.37
CA GLY A 54 -9.99 -0.04 -7.07
C GLY A 54 -8.72 -0.36 -7.85
N LEU A 55 -7.59 0.16 -7.39
CA LEU A 55 -6.32 -0.08 -8.05
C LEU A 55 -5.53 -1.16 -7.33
N LEU A 56 -5.59 -1.14 -6.00
CA LEU A 56 -4.88 -2.12 -5.18
C LEU A 56 -5.33 -3.54 -5.53
N SER A 57 -6.60 -3.69 -5.87
CA SER A 57 -7.14 -4.99 -6.22
C SER A 57 -6.72 -5.40 -7.62
N GLU A 58 -6.55 -4.42 -8.50
CA GLU A 58 -6.15 -4.68 -9.87
C GLU A 58 -4.71 -5.18 -9.94
N ILE A 59 -3.86 -4.65 -9.05
CA ILE A 59 -2.46 -5.04 -9.01
C ILE A 59 -2.31 -6.47 -8.50
N LEU A 60 -3.10 -6.81 -7.49
CA LEU A 60 -3.05 -8.16 -6.91
C LEU A 60 -3.73 -9.16 -7.82
N ARG A 61 -4.74 -8.71 -8.55
CA ARG A 61 -5.48 -9.58 -9.46
C ARG A 61 -4.64 -9.95 -10.67
N LYS A 62 -3.85 -8.99 -11.16
CA LYS A 62 -2.99 -9.22 -12.31
C LYS A 62 -1.86 -10.17 -11.96
N GLU A 63 -1.30 -10.02 -10.77
CA GLU A 63 -0.21 -10.87 -10.31
C GLU A 63 1.01 -10.73 -11.22
N GLU A 64 1.16 -9.54 -11.81
CA GLU A 64 2.29 -9.27 -12.70
C GLU A 64 3.49 -8.75 -11.93
N ASP A 65 4.67 -9.27 -12.26
CA ASP A 65 5.90 -8.86 -11.58
C ASP A 65 6.52 -7.65 -12.29
N PRO A 66 7.18 -6.77 -11.52
CA PRO A 66 7.83 -5.58 -12.08
C PRO A 66 8.78 -5.90 -13.22
N LYS A 67 9.26 -7.15 -13.26
CA LYS A 67 10.18 -7.58 -14.30
C LYS A 67 9.59 -7.34 -15.69
N THR A 68 8.26 -7.38 -15.77
CA THR A 68 7.57 -7.17 -17.05
C THR A 68 6.45 -6.16 -16.89
N ALA A 69 6.51 -5.35 -15.84
CA ALA A 69 5.49 -4.34 -15.58
C ALA A 69 5.88 -3.01 -16.23
N SER A 70 4.89 -2.12 -16.35
CA SER A 70 5.12 -0.81 -16.96
C SER A 70 5.75 0.14 -15.95
N GLN A 71 5.98 1.38 -16.37
CA GLN A 71 6.57 2.40 -15.50
C GLN A 71 5.61 2.79 -14.38
N SER A 72 4.35 3.00 -14.74
CA SER A 72 3.33 3.38 -13.77
C SER A 72 3.21 2.34 -12.66
N LEU A 73 3.42 1.08 -13.02
CA LEU A 73 3.33 -0.01 -12.05
C LEU A 73 4.53 0.01 -11.10
N LEU A 74 5.70 0.34 -11.64
CA LEU A 74 6.92 0.40 -10.84
C LEU A 74 6.83 1.50 -9.80
N VAL A 75 6.26 2.64 -10.18
CA VAL A 75 6.12 3.77 -9.27
C VAL A 75 5.14 3.44 -8.14
N ASN A 76 4.00 2.86 -8.50
CA ASN A 76 2.99 2.49 -7.53
C ASN A 76 3.55 1.49 -6.52
N LEU A 77 4.32 0.52 -7.01
CA LEU A 77 4.92 -0.49 -6.16
C LEU A 77 6.02 0.10 -5.29
N ARG A 78 6.73 1.09 -5.83
CA ARG A 78 7.81 1.73 -5.10
C ARG A 78 7.29 2.40 -3.82
N ALA A 79 6.16 3.09 -3.94
CA ALA A 79 5.56 3.77 -2.80
C ALA A 79 5.07 2.76 -1.76
N MET A 80 4.61 1.61 -2.23
CA MET A 80 4.13 0.56 -1.34
C MET A 80 5.27 -0.03 -0.51
N GLN A 81 6.40 -0.27 -1.16
CA GLN A 81 7.56 -0.85 -0.49
C GLN A 81 8.04 0.07 0.64
N ASN A 82 8.07 1.36 0.36
CA ASN A 82 8.51 2.34 1.35
C ASN A 82 7.60 2.30 2.59
N PHE A 83 6.30 2.32 2.35
CA PHE A 83 5.33 2.29 3.45
C PHE A 83 5.46 1.00 4.26
N LEU A 84 5.66 -0.11 3.57
CA LEU A 84 5.81 -1.40 4.23
C LEU A 84 7.18 -1.52 4.90
N GLN A 85 8.17 -0.81 4.36
CA GLN A 85 9.51 -0.84 4.91
C GLN A 85 9.56 -0.12 6.26
N LEU A 86 8.83 0.99 6.36
CA LEU A 86 8.80 1.77 7.59
C LEU A 86 8.27 0.94 8.75
N PRO A 87 8.79 1.17 9.97
CA PRO A 87 8.36 0.44 11.17
C PRO A 87 6.85 0.49 11.36
N GLU A 88 6.34 -0.39 12.22
CA GLU A 88 4.91 -0.46 12.50
C GLU A 88 4.43 0.83 13.14
N ALA A 89 5.29 1.44 13.95
CA ALA A 89 4.95 2.69 14.63
C ALA A 89 4.59 3.78 13.63
N GLU A 90 5.32 3.83 12.52
CA GLU A 90 5.08 4.82 11.49
C GLU A 90 3.77 4.54 10.77
N ARG A 91 3.59 3.30 10.32
CA ARG A 91 2.38 2.90 9.62
C ARG A 91 1.15 3.15 10.49
N ASP A 92 1.29 2.95 11.79
CA ASP A 92 0.20 3.14 12.73
C ASP A 92 -0.35 4.57 12.64
N ARG A 93 0.52 5.55 12.77
CA ARG A 93 0.12 6.95 12.70
C ARG A 93 -0.53 7.25 11.35
N ILE A 94 0.11 6.82 10.27
CA ILE A 94 -0.41 7.05 8.93
C ILE A 94 -1.79 6.39 8.77
N TYR A 95 -2.02 5.31 9.51
CA TYR A 95 -3.29 4.62 9.45
C TYR A 95 -4.39 5.42 10.13
N GLN A 96 -4.08 5.97 11.30
CA GLN A 96 -5.04 6.76 12.06
C GLN A 96 -4.82 8.26 11.87
N ASP A 97 -4.14 8.62 10.77
CA ASP A 97 -3.86 10.02 10.48
C ASP A 97 -5.09 10.72 9.90
N GLU A 98 -6.17 10.75 10.68
CA GLU A 98 -7.40 11.39 10.24
C GLU A 98 -7.89 12.40 11.27
N ARG A 99 -6.95 13.03 11.96
CA ARG A 99 -7.29 14.02 12.98
C ARG A 99 -7.93 15.25 12.35
N GLU A 100 -7.53 15.56 11.12
CA GLU A 100 -8.06 16.71 10.40
C GLU A 100 -9.57 16.59 10.22
N ARG A 101 -10.03 15.38 9.93
CA ARG A 101 -11.45 15.13 9.73
C ARG A 101 -12.11 14.71 11.04
N SER A 102 -11.37 14.01 11.88
CA SER A 102 -11.89 13.55 13.17
C SER A 102 -11.72 14.64 14.24
N LEU A 103 -12.29 15.82 13.97
CA LEU A 103 -12.20 16.93 14.91
C LEU A 103 -13.51 17.71 14.94
N ASN A 104 -14.36 17.40 15.91
CA ASN A 104 -15.64 18.08 16.05
C ASN A 104 -15.58 19.18 17.11
N ALA A 105 -14.38 19.74 17.30
CA ALA A 105 -14.18 20.80 18.27
C ALA A 105 -14.16 22.17 17.60
N ALA A 106 -13.36 22.29 16.55
CA ALA A 106 -13.25 23.55 15.82
C ALA A 106 -14.17 23.56 14.60
#